data_2GPV
#
_entry.id   2GPV
#
_cell.length_a   200.22
_cell.length_b   117.17
_cell.length_c   90.47
_cell.angle_alpha   90
_cell.angle_beta   102.36
_cell.angle_gamma   90
#
_symmetry.space_group_name_H-M   'C 1 2 1'
#
loop_
_entity.id
_entity.type
_entity.pdbx_description
1 polymer 'Estrogen-related receptor gamma'
2 polymer 'Nuclear receptor corepressor 2'
3 non-polymer 4-HYDROXYTAMOXIFEN
4 water water
#
loop_
_entity_poly.entity_id
_entity_poly.type
_entity_poly.pdbx_seq_one_letter_code
_entity_poly.pdbx_strand_id
1 'polypeptide(L)'
;PAKKPYNKIVSHLLVAEPEKIYAMPDPTVPDSDIKALTTLCDLADRELVVIIGWAKHIPGFSTLSLADQMSLLQSAWMEI
LILGVVYRSLSFEDELVYADDYIMDEDQSKLAGLLDLNNAILQLVKKYKSMKLEKEEFVTLKAIALANSDSMHIEDVEAV
QKLQDVLHEALQDYEAGQHMEDPRRAGKMLMTLPLLRQTSTKAVQHFYNIKLEGKVPMHKLFLEMLEAKV
;
A,B,C,D,E,F
2 'polypeptide(L)' TNMGLEAIIRKALMGKYDQWEE G,H,I
#
loop_
_chem_comp.id
_chem_comp.type
_chem_comp.name
_chem_comp.formula
OHT non-polymer 4-HYDROXYTAMOXIFEN 'C26 H29 N O2'
#
# COMPACT_ATOMS: atom_id res chain seq x y z
N LYS A 4 -31.31 37.02 30.63
CA LYS A 4 -30.14 37.92 30.96
C LYS A 4 -29.38 37.45 32.22
N PRO A 5 -30.10 37.06 33.29
CA PRO A 5 -29.47 36.36 34.40
C PRO A 5 -29.51 34.88 34.10
N TYR A 6 -28.47 34.15 34.49
CA TYR A 6 -28.42 32.70 34.32
C TYR A 6 -29.12 32.00 35.46
N ASN A 7 -29.19 30.68 35.31
CA ASN A 7 -29.60 29.75 36.34
C ASN A 7 -28.62 29.73 37.53
N LYS A 8 -29.14 29.79 38.75
CA LYS A 8 -28.30 29.78 39.95
C LYS A 8 -27.48 28.51 40.12
N ILE A 9 -28.03 27.35 39.76
CA ILE A 9 -27.27 26.08 39.87
C ILE A 9 -26.20 25.95 38.79
N VAL A 10 -26.54 26.30 37.57
CA VAL A 10 -25.59 26.28 36.49
C VAL A 10 -24.46 27.20 36.86
N SER A 11 -24.77 28.42 37.29
CA SER A 11 -23.74 29.37 37.70
C SER A 11 -22.88 28.85 38.83
N HIS A 12 -23.48 28.14 39.76
CA HIS A 12 -22.75 27.55 40.84
C HIS A 12 -21.79 26.52 40.28
N LEU A 13 -22.28 25.63 39.44
CA LEU A 13 -21.46 24.62 38.79
C LEU A 13 -20.24 25.17 38.03
N LEU A 14 -20.40 26.31 37.38
CA LEU A 14 -19.29 26.95 36.69
C LEU A 14 -18.15 27.41 37.60
N VAL A 15 -18.49 27.96 38.78
CA VAL A 15 -17.46 28.41 39.74
C VAL A 15 -16.80 27.22 40.41
N ALA A 16 -17.54 26.12 40.58
CA ALA A 16 -16.99 24.91 41.16
C ALA A 16 -16.12 24.13 40.15
N GLU A 17 -16.10 24.53 38.88
CA GLU A 17 -15.34 23.78 37.85
C GLU A 17 -13.86 23.83 38.18
N PRO A 18 -13.25 22.66 38.45
CA PRO A 18 -11.82 22.59 38.79
C PRO A 18 -10.87 23.14 37.74
N GLU A 19 -9.74 23.64 38.22
CA GLU A 19 -8.70 24.16 37.36
C GLU A 19 -8.08 23.03 36.57
N LYS A 20 -7.36 23.38 35.51
CA LYS A 20 -6.65 22.41 34.67
C LYS A 20 -5.75 21.53 35.51
N ILE A 21 -5.68 20.25 35.14
CA ILE A 21 -4.72 19.33 35.74
C ILE A 21 -3.74 18.86 34.67
N TYR A 22 -2.46 18.81 35.01
CA TYR A 22 -1.43 18.42 34.03
C TYR A 22 -1.06 16.95 34.13
N ALA A 23 -0.86 16.33 32.97
CA ALA A 23 -0.50 14.91 32.90
C ALA A 23 0.88 14.72 33.48
N MET A 24 1.81 15.51 32.96
CA MET A 24 3.17 15.57 33.47
C MET A 24 3.93 14.27 33.24
N PRO A 25 4.04 13.88 31.96
CA PRO A 25 4.78 12.68 31.59
C PRO A 25 6.24 12.77 32.00
N ASP A 26 6.82 11.62 32.34
CA ASP A 26 8.22 11.51 32.71
C ASP A 26 9.04 11.56 31.43
N PRO A 27 9.89 12.60 31.25
CA PRO A 27 10.67 12.69 30.01
C PRO A 27 11.76 11.63 29.89
N THR A 28 12.18 11.07 31.03
CA THR A 28 13.28 10.09 31.08
C THR A 28 12.84 8.72 30.56
N VAL A 29 11.60 8.35 30.84
CA VAL A 29 11.03 7.08 30.40
C VAL A 29 10.81 7.10 28.90
N PRO A 30 11.40 6.14 28.16
CA PRO A 30 11.20 6.08 26.71
C PRO A 30 9.75 5.83 26.32
N ASP A 31 9.33 6.41 25.20
CA ASP A 31 7.95 6.27 24.69
C ASP A 31 7.58 4.81 24.49
N SER A 32 6.45 4.38 25.06
CA SER A 32 5.98 3.01 24.90
C SER A 32 4.53 2.89 25.34
N ASP A 33 3.96 1.70 25.14
CA ASP A 33 2.59 1.45 25.55
C ASP A 33 2.42 1.73 27.04
N ILE A 34 3.35 1.20 27.83
CA ILE A 34 3.24 1.27 29.28
C ILE A 34 3.35 2.70 29.78
N LYS A 35 4.26 3.48 29.22
CA LYS A 35 4.34 4.90 29.56
C LYS A 35 2.96 5.56 29.41
N ALA A 36 2.38 5.42 28.23
CA ALA A 36 1.07 6.01 27.93
C ALA A 36 0.04 5.61 28.96
N LEU A 37 0.05 4.33 29.32
CA LEU A 37 -0.90 3.84 30.31
C LEU A 37 -0.53 4.43 31.65
N THR A 38 0.65 4.08 32.16
CA THR A 38 1.19 4.67 33.37
C THR A 38 0.82 6.14 33.52
N THR A 39 1.00 6.92 32.46
CA THR A 39 0.72 8.36 32.50
C THR A 39 -0.75 8.71 32.66
N LEU A 40 -1.63 7.91 32.07
CA LEU A 40 -3.07 8.10 32.23
C LEU A 40 -3.57 7.65 33.59
N CYS A 41 -2.97 6.59 34.12
N CYS A 41 -2.96 6.57 34.08
CA CYS A 41 -3.38 6.09 35.41
CA CYS A 41 -3.28 6.01 35.39
C CYS A 41 -3.15 7.12 36.48
C CYS A 41 -3.12 7.06 36.47
N ASP A 42 -1.95 7.69 36.53
CA ASP A 42 -1.67 8.69 37.56
C ASP A 42 -2.50 9.94 37.35
N LEU A 43 -2.75 10.31 36.09
CA LEU A 43 -3.63 11.43 35.78
C LEU A 43 -5.02 11.13 36.32
N ALA A 44 -5.62 10.02 35.88
CA ALA A 44 -6.92 9.62 36.39
C ALA A 44 -6.95 9.78 37.91
N ASP A 45 -5.95 9.28 38.61
CA ASP A 45 -6.01 9.23 40.07
C ASP A 45 -6.05 10.61 40.73
N ARG A 46 -5.31 11.56 40.17
CA ARG A 46 -5.39 12.93 40.67
C ARG A 46 -6.70 13.61 40.24
N GLU A 47 -7.15 13.33 39.02
CA GLU A 47 -8.46 13.83 38.57
C GLU A 47 -9.60 13.33 39.47
N LEU A 48 -9.60 12.05 39.81
CA LEU A 48 -10.61 11.51 40.73
C LEU A 48 -10.69 12.33 42.02
N VAL A 49 -9.53 12.63 42.60
CA VAL A 49 -9.48 13.34 43.87
C VAL A 49 -10.19 14.69 43.73
N VAL A 50 -9.96 15.41 42.64
CA VAL A 50 -10.69 16.67 42.44
C VAL A 50 -12.12 16.42 41.99
N ILE A 51 -12.37 15.38 41.21
CA ILE A 51 -13.74 15.06 40.78
C ILE A 51 -14.64 14.90 42.00
N ILE A 52 -14.09 14.24 43.01
CA ILE A 52 -14.78 13.98 44.28
C ILE A 52 -14.99 15.30 45.01
N GLY A 53 -13.92 16.06 45.17
CA GLY A 53 -14.00 17.40 45.74
C GLY A 53 -15.08 18.20 45.06
N TRP A 54 -15.13 18.09 43.74
CA TRP A 54 -16.15 18.73 42.94
C TRP A 54 -17.55 18.24 43.32
N ALA A 55 -17.75 16.92 43.38
CA ALA A 55 -19.05 16.35 43.71
C ALA A 55 -19.75 17.06 44.88
N LYS A 56 -18.99 17.31 45.96
CA LYS A 56 -19.53 17.93 47.18
C LYS A 56 -20.21 19.26 46.89
N HIS A 57 -19.69 19.98 45.90
CA HIS A 57 -20.25 21.26 45.52
C HIS A 57 -21.57 21.18 44.76
N ILE A 58 -21.95 19.99 44.30
CA ILE A 58 -23.23 19.81 43.58
C ILE A 58 -24.34 19.87 44.60
N PRO A 59 -25.38 20.69 44.36
CA PRO A 59 -26.40 20.88 45.38
C PRO A 59 -27.29 19.66 45.53
N GLY A 60 -27.44 19.20 46.76
CA GLY A 60 -28.16 17.96 47.05
C GLY A 60 -27.18 16.92 47.54
N PHE A 61 -26.08 16.77 46.79
CA PHE A 61 -25.11 15.70 46.99
C PHE A 61 -24.70 15.51 48.44
N SER A 62 -24.08 16.52 49.04
CA SER A 62 -23.59 16.42 50.42
C SER A 62 -24.67 16.14 51.46
N THR A 63 -25.92 16.41 51.11
CA THR A 63 -27.02 16.10 52.01
C THR A 63 -27.25 14.59 52.04
N LEU A 64 -26.90 13.89 50.96
CA LEU A 64 -27.07 12.42 50.87
C LEU A 64 -26.13 11.69 51.84
N SER A 65 -26.53 10.47 52.24
CA SER A 65 -25.70 9.62 53.10
C SER A 65 -24.34 9.33 52.47
N LEU A 66 -23.33 9.13 53.29
CA LEU A 66 -21.99 8.86 52.77
C LEU A 66 -21.94 7.63 51.87
N ALA A 67 -22.78 6.64 52.17
CA ALA A 67 -22.85 5.43 51.35
C ALA A 67 -23.39 5.75 49.95
N ASP A 68 -24.44 6.57 49.86
CA ASP A 68 -25.00 6.95 48.55
C ASP A 68 -24.03 7.84 47.74
N GLN A 69 -23.41 8.82 48.38
CA GLN A 69 -22.36 9.61 47.72
C GLN A 69 -21.32 8.68 47.12
N MET A 70 -20.83 7.74 47.94
CA MET A 70 -19.86 6.76 47.50
C MET A 70 -20.37 6.04 46.27
N SER A 71 -21.60 5.53 46.37
CA SER A 71 -22.21 4.71 45.32
C SER A 71 -22.43 5.45 43.99
N LEU A 72 -22.67 6.75 44.04
CA LEU A 72 -22.85 7.49 42.79
C LEU A 72 -21.50 7.69 42.11
N LEU A 73 -20.49 8.07 42.90
CA LEU A 73 -19.14 8.25 42.40
C LEU A 73 -18.59 6.92 41.87
N GLN A 74 -18.97 5.84 42.54
CA GLN A 74 -18.48 4.51 42.22
C GLN A 74 -18.95 4.09 40.83
N SER A 75 -20.14 4.57 40.45
CA SER A 75 -20.79 4.25 39.18
C SER A 75 -20.42 5.18 38.03
N ALA A 76 -20.24 6.47 38.30
CA ALA A 76 -20.08 7.48 37.27
C ALA A 76 -18.67 8.06 37.11
N TRP A 77 -17.73 7.67 37.96
CA TRP A 77 -16.40 8.25 37.88
C TRP A 77 -15.88 8.25 36.45
N MET A 78 -15.93 7.10 35.78
CA MET A 78 -15.31 6.95 34.46
C MET A 78 -16.06 7.73 33.40
N GLU A 79 -17.38 7.86 33.56
CA GLU A 79 -18.16 8.76 32.70
C GLU A 79 -17.77 10.20 32.87
N ILE A 80 -17.49 10.61 34.11
CA ILE A 80 -17.07 11.99 34.38
C ILE A 80 -15.65 12.23 33.88
N LEU A 81 -14.73 11.28 34.10
CA LEU A 81 -13.37 11.42 33.53
C LEU A 81 -13.46 11.55 32.01
N ILE A 82 -14.08 10.56 31.40
CA ILE A 82 -14.19 10.51 29.95
C ILE A 82 -14.90 11.71 29.35
N LEU A 83 -15.88 12.25 30.07
CA LEU A 83 -16.63 13.38 29.55
C LEU A 83 -15.75 14.65 29.68
N GLY A 84 -14.79 14.62 30.61
CA GLY A 84 -13.81 15.68 30.75
C GLY A 84 -12.89 15.76 29.56
N VAL A 85 -12.23 14.66 29.19
CA VAL A 85 -11.34 14.70 28.02
C VAL A 85 -12.13 15.14 26.80
N VAL A 86 -13.34 14.61 26.65
CA VAL A 86 -14.17 14.94 25.48
C VAL A 86 -14.35 16.45 25.35
N TYR A 87 -14.66 17.13 26.44
CA TYR A 87 -14.92 18.56 26.36
C TYR A 87 -13.66 19.27 25.92
N ARG A 88 -12.59 19.04 26.69
CA ARG A 88 -11.25 19.57 26.41
C ARG A 88 -10.82 19.30 24.95
N SER A 89 -11.39 18.27 24.33
CA SER A 89 -11.04 17.91 22.95
C SER A 89 -11.84 18.60 21.85
N LEU A 90 -12.91 19.33 22.21
CA LEU A 90 -13.90 19.86 21.23
C LEU A 90 -13.30 20.61 20.04
N SER A 91 -12.36 21.52 20.27
CA SER A 91 -11.83 22.34 19.18
C SER A 91 -10.52 21.76 18.64
N PHE A 92 -10.44 20.43 18.57
CA PHE A 92 -9.30 19.73 18.01
C PHE A 92 -9.80 18.74 16.97
N GLU A 93 -8.90 18.30 16.09
CA GLU A 93 -9.27 17.36 15.05
C GLU A 93 -8.49 16.04 15.23
N ASP A 94 -9.23 14.98 15.54
CA ASP A 94 -8.71 13.62 15.68
C ASP A 94 -7.62 13.49 16.77
N GLU A 95 -7.65 14.40 17.73
CA GLU A 95 -6.71 14.36 18.85
C GLU A 95 -7.50 14.43 20.13
N LEU A 96 -6.94 13.87 21.19
CA LEU A 96 -7.58 13.80 22.50
C LEU A 96 -6.71 14.50 23.51
N VAL A 97 -7.24 15.58 24.11
CA VAL A 97 -6.53 16.35 25.10
C VAL A 97 -6.77 15.75 26.45
N TYR A 98 -5.92 14.86 26.91
CA TYR A 98 -6.06 14.33 28.25
C TYR A 98 -5.63 15.38 29.25
N ALA A 99 -4.67 16.19 28.81
CA ALA A 99 -4.21 17.36 29.54
C ALA A 99 -3.54 18.24 28.52
N ASP A 100 -3.32 19.51 28.85
CA ASP A 100 -2.64 20.43 27.91
C ASP A 100 -1.26 19.94 27.48
N ASP A 101 -0.60 19.17 28.34
CA ASP A 101 0.70 18.58 28.05
C ASP A 101 0.58 17.13 27.62
N TYR A 102 -0.63 16.66 27.37
CA TYR A 102 -0.80 15.29 26.94
C TYR A 102 -1.92 15.12 25.96
N ILE A 103 -1.60 15.29 24.69
CA ILE A 103 -2.58 15.17 23.62
C ILE A 103 -2.28 13.94 22.77
N MET A 104 -3.21 12.99 22.70
CA MET A 104 -2.99 11.75 21.93
C MET A 104 -3.64 11.75 20.57
N ASP A 105 -2.81 11.79 19.53
CA ASP A 105 -3.25 11.63 18.16
C ASP A 105 -3.28 10.16 17.84
N GLU A 106 -3.74 9.82 16.65
CA GLU A 106 -3.83 8.41 16.22
C GLU A 106 -2.54 7.62 16.51
N ASP A 107 -1.39 8.11 16.01
CA ASP A 107 -0.13 7.37 16.15
C ASP A 107 0.16 7.00 17.62
N GLN A 108 0.04 7.96 18.53
CA GLN A 108 0.33 7.72 19.95
C GLN A 108 -0.65 6.70 20.56
N SER A 109 -1.85 6.64 20.01
CA SER A 109 -2.85 5.68 20.46
C SER A 109 -2.51 4.29 19.95
N LYS A 110 -1.98 4.20 18.72
CA LYS A 110 -1.54 2.92 18.17
C LYS A 110 -0.40 2.36 19.02
N LEU A 111 0.45 3.26 19.53
CA LEU A 111 1.57 2.85 20.36
C LEU A 111 1.11 2.35 21.74
N ALA A 112 -0.03 2.82 22.21
CA ALA A 112 -0.53 2.48 23.56
C ALA A 112 -1.68 1.44 23.56
N GLY A 113 -2.09 0.95 22.39
CA GLY A 113 -3.16 -0.04 22.30
C GLY A 113 -4.50 0.48 22.79
N LEU A 114 -4.71 1.79 22.67
CA LEU A 114 -5.98 2.42 22.99
C LEU A 114 -6.65 2.93 21.70
N LEU A 115 -6.41 2.24 20.59
CA LEU A 115 -6.97 2.67 19.32
C LEU A 115 -8.48 2.50 19.33
N ASP A 116 -8.99 1.35 19.75
CA ASP A 116 -10.44 1.16 19.88
C ASP A 116 -10.97 2.15 20.91
N LEU A 117 -10.38 2.14 22.09
CA LEU A 117 -10.87 2.96 23.18
C LEU A 117 -10.96 4.43 22.79
N ASN A 118 -9.87 5.03 22.33
CA ASN A 118 -9.91 6.43 21.94
C ASN A 118 -10.86 6.73 20.75
N ASN A 119 -10.98 5.81 19.78
CA ASN A 119 -11.93 5.97 18.64
C ASN A 119 -13.37 6.13 19.11
N ALA A 120 -13.70 5.35 20.13
CA ALA A 120 -14.98 5.43 20.79
C ALA A 120 -15.14 6.79 21.49
N ILE A 121 -14.06 7.28 22.11
CA ILE A 121 -14.08 8.58 22.78
C ILE A 121 -14.17 9.71 21.74
N LEU A 122 -13.58 9.48 20.58
CA LEU A 122 -13.67 10.46 19.50
C LEU A 122 -15.08 10.52 18.95
N GLN A 123 -15.83 9.42 19.11
CA GLN A 123 -17.23 9.35 18.67
C GLN A 123 -18.07 10.32 19.49
N LEU A 124 -17.84 10.34 20.80
CA LEU A 124 -18.45 11.35 21.71
C LEU A 124 -18.04 12.77 21.38
N VAL A 125 -16.78 12.94 21.00
CA VAL A 125 -16.27 14.25 20.62
C VAL A 125 -16.97 14.73 19.33
N LYS A 126 -17.16 13.83 18.37
CA LYS A 126 -17.72 14.22 17.09
C LYS A 126 -19.12 14.73 17.28
N LYS A 127 -19.88 14.03 18.11
CA LYS A 127 -21.30 14.37 18.30
C LYS A 127 -21.43 15.75 18.97
N TYR A 128 -20.84 15.91 20.16
CA TYR A 128 -20.88 17.21 20.84
C TYR A 128 -20.29 18.35 19.99
N LYS A 129 -19.28 18.06 19.19
CA LYS A 129 -18.80 19.06 18.22
C LYS A 129 -19.98 19.54 17.37
N SER A 130 -20.79 18.60 16.85
CA SER A 130 -21.94 18.93 16.00
C SER A 130 -22.86 19.92 16.68
N MET A 131 -23.17 19.64 17.95
CA MET A 131 -24.12 20.47 18.68
C MET A 131 -23.51 21.77 19.19
N LYS A 132 -22.18 21.87 19.13
CA LYS A 132 -21.45 23.02 19.61
C LYS A 132 -21.67 23.08 21.10
N LEU A 133 -21.36 21.98 21.79
CA LEU A 133 -21.54 21.91 23.23
C LEU A 133 -20.81 23.09 23.89
N GLU A 134 -21.49 23.66 24.90
CA GLU A 134 -21.07 24.88 25.59
C GLU A 134 -20.74 24.54 27.03
N LYS A 135 -19.82 25.27 27.65
CA LYS A 135 -19.32 24.88 28.98
C LYS A 135 -20.46 24.64 29.95
N GLU A 136 -21.35 25.62 30.03
CA GLU A 136 -22.55 25.56 30.85
C GLU A 136 -23.22 24.18 30.75
N GLU A 137 -23.22 23.64 29.54
CA GLU A 137 -23.87 22.37 29.24
C GLU A 137 -23.03 21.18 29.70
N PHE A 138 -21.72 21.24 29.43
CA PHE A 138 -20.75 20.23 29.89
C PHE A 138 -20.81 19.94 31.40
N VAL A 139 -20.75 21.04 32.19
CA VAL A 139 -20.67 20.98 33.67
C VAL A 139 -21.99 20.48 34.23
N THR A 140 -23.09 20.90 33.60
CA THR A 140 -24.42 20.44 34.00
C THR A 140 -24.56 18.97 33.63
N LEU A 141 -24.07 18.58 32.44
CA LEU A 141 -24.11 17.17 32.01
C LEU A 141 -23.29 16.25 32.92
N LYS A 142 -22.10 16.69 33.33
CA LYS A 142 -21.30 15.98 34.31
C LYS A 142 -22.09 15.69 35.60
N ALA A 143 -22.79 16.73 36.06
CA ALA A 143 -23.59 16.62 37.29
C ALA A 143 -24.65 15.56 37.10
N ILE A 144 -25.34 15.62 35.96
CA ILE A 144 -26.40 14.65 35.65
C ILE A 144 -25.84 13.24 35.46
N ALA A 145 -24.70 13.10 34.80
CA ALA A 145 -24.11 11.77 34.65
C ALA A 145 -23.96 11.14 36.05
N LEU A 146 -23.43 11.93 36.99
CA LEU A 146 -23.30 11.49 38.37
C LEU A 146 -24.67 11.14 38.94
N ALA A 147 -25.57 12.11 39.05
CA ALA A 147 -26.90 11.85 39.61
C ALA A 147 -27.54 10.62 38.97
N ASN A 148 -27.51 10.57 37.64
CA ASN A 148 -28.21 9.55 36.85
C ASN A 148 -27.44 8.20 36.68
N SER A 149 -26.53 7.87 37.62
CA SER A 149 -25.55 6.78 37.43
C SER A 149 -26.01 5.32 37.67
N ASP A 150 -27.27 5.13 38.00
CA ASP A 150 -27.92 3.81 38.03
C ASP A 150 -27.22 2.73 38.90
N SER A 151 -26.65 3.17 40.01
CA SER A 151 -26.07 2.28 41.00
C SER A 151 -27.13 1.34 41.52
N MET A 152 -26.82 0.05 41.61
CA MET A 152 -27.79 -0.95 42.06
C MET A 152 -27.90 -0.94 43.58
N HIS A 153 -27.19 -0.02 44.24
CA HIS A 153 -26.97 -0.08 45.69
C HIS A 153 -27.43 1.17 46.46
N ILE A 154 -28.40 1.91 45.92
CA ILE A 154 -28.84 3.17 46.52
C ILE A 154 -29.72 2.93 47.74
N GLU A 155 -29.48 3.72 48.80
CA GLU A 155 -30.32 3.72 50.00
C GLU A 155 -31.59 4.56 49.78
N ASP A 156 -31.41 5.85 49.60
CA ASP A 156 -32.52 6.77 49.49
C ASP A 156 -32.85 7.02 48.02
N VAL A 157 -33.68 6.17 47.43
CA VAL A 157 -33.94 6.29 46.00
C VAL A 157 -34.62 7.60 45.64
N GLU A 158 -35.56 8.04 46.47
CA GLU A 158 -36.30 9.28 46.23
C GLU A 158 -35.40 10.52 46.24
N ALA A 159 -34.41 10.54 47.13
CA ALA A 159 -33.46 11.66 47.23
C ALA A 159 -32.57 11.78 45.99
N VAL A 160 -32.14 10.63 45.45
CA VAL A 160 -31.31 10.59 44.25
C VAL A 160 -32.10 11.06 43.04
N GLN A 161 -33.33 10.60 42.94
CA GLN A 161 -34.27 11.08 41.92
C GLN A 161 -34.46 12.59 42.01
N LYS A 162 -34.55 13.10 43.23
CA LYS A 162 -34.74 14.53 43.48
C LYS A 162 -33.51 15.33 43.05
N LEU A 163 -32.34 14.71 43.19
CA LEU A 163 -31.08 15.24 42.68
C LEU A 163 -31.06 15.27 41.15
N GLN A 164 -31.58 14.23 40.51
CA GLN A 164 -31.65 14.20 39.04
C GLN A 164 -32.62 15.23 38.53
N ASP A 165 -33.73 15.39 39.26
CA ASP A 165 -34.77 16.33 38.86
C ASP A 165 -34.32 17.79 38.93
N VAL A 166 -33.50 18.12 39.92
CA VAL A 166 -33.02 19.49 40.09
C VAL A 166 -32.06 19.85 38.97
N LEU A 167 -31.04 19.03 38.80
CA LEU A 167 -30.03 19.21 37.77
C LEU A 167 -30.64 19.22 36.35
N HIS A 168 -31.56 18.29 36.11
CA HIS A 168 -32.29 18.24 34.85
C HIS A 168 -33.01 19.56 34.57
N GLU A 169 -33.66 20.09 35.61
CA GLU A 169 -34.37 21.35 35.55
C GLU A 169 -33.44 22.54 35.25
N ALA A 170 -32.19 22.47 35.69
CA ALA A 170 -31.23 23.54 35.44
C ALA A 170 -30.83 23.51 33.98
N LEU A 171 -30.62 22.31 33.44
CA LEU A 171 -30.31 22.14 32.01
C LEU A 171 -31.48 22.69 31.22
N GLN A 172 -32.67 22.20 31.50
N GLN A 172 -32.67 22.18 31.52
CA GLN A 172 -33.84 22.56 30.71
CA GLN A 172 -33.88 22.54 30.81
C GLN A 172 -34.12 24.08 30.78
C GLN A 172 -34.11 24.06 30.79
N ASP A 173 -33.70 24.72 31.87
CA ASP A 173 -33.85 26.17 32.02
C ASP A 173 -32.78 26.99 31.27
N TYR A 174 -31.53 26.59 31.42
CA TYR A 174 -30.44 27.20 30.63
C TYR A 174 -30.77 27.07 29.14
N GLU A 175 -31.15 25.86 28.72
CA GLU A 175 -31.45 25.56 27.34
C GLU A 175 -32.71 26.26 26.85
N ALA A 176 -33.59 26.64 27.78
CA ALA A 176 -34.79 27.43 27.47
C ALA A 176 -34.46 28.90 27.26
N GLY A 177 -33.52 29.44 28.02
CA GLY A 177 -33.15 30.86 27.92
C GLY A 177 -32.09 31.16 26.87
N GLN A 178 -31.11 30.26 26.78
CA GLN A 178 -29.95 30.44 25.90
C GLN A 178 -30.09 29.78 24.54
N HIS A 179 -31.10 28.91 24.36
CA HIS A 179 -31.31 28.25 23.07
C HIS A 179 -32.79 28.13 22.68
N MET A 180 -33.38 29.29 22.42
CA MET A 180 -34.80 29.37 22.07
C MET A 180 -35.03 28.84 20.67
N GLU A 181 -33.98 28.93 19.85
CA GLU A 181 -33.97 28.42 18.46
C GLU A 181 -34.03 26.88 18.38
N ASP A 182 -33.72 26.21 19.48
CA ASP A 182 -33.86 24.76 19.56
C ASP A 182 -34.68 24.40 20.80
N PRO A 183 -36.01 24.28 20.65
CA PRO A 183 -36.81 23.79 21.76
C PRO A 183 -36.48 22.37 22.22
N ARG A 184 -35.65 21.63 21.48
CA ARG A 184 -35.35 20.24 21.84
C ARG A 184 -33.86 20.01 22.13
N ARG A 185 -33.14 21.08 22.46
CA ARG A 185 -31.71 20.97 22.74
C ARG A 185 -31.39 20.17 23.99
N ALA A 186 -32.21 20.31 25.04
CA ALA A 186 -31.94 19.62 26.33
C ALA A 186 -32.02 18.12 26.12
N GLY A 187 -33.12 17.67 25.55
CA GLY A 187 -33.28 16.25 25.17
C GLY A 187 -32.19 15.74 24.23
N LYS A 188 -31.78 16.57 23.27
CA LYS A 188 -30.67 16.19 22.40
C LYS A 188 -29.45 15.90 23.26
N MET A 189 -29.24 16.74 24.27
CA MET A 189 -28.10 16.62 25.16
C MET A 189 -28.19 15.36 25.97
N LEU A 190 -29.35 15.15 26.57
CA LEU A 190 -29.64 13.93 27.34
C LEU A 190 -29.50 12.65 26.48
N MET A 191 -29.79 12.75 25.18
CA MET A 191 -29.72 11.59 24.28
C MET A 191 -28.28 11.15 23.97
N THR A 192 -27.30 11.88 24.50
CA THR A 192 -25.89 11.51 24.35
C THR A 192 -25.44 10.67 25.53
N LEU A 193 -26.24 10.63 26.59
CA LEU A 193 -25.83 9.93 27.80
C LEU A 193 -25.49 8.45 27.55
N PRO A 194 -26.35 7.71 26.83
CA PRO A 194 -26.08 6.28 26.57
C PRO A 194 -24.73 5.99 25.93
N LEU A 195 -24.26 6.85 25.03
CA LEU A 195 -22.96 6.59 24.40
C LEU A 195 -21.88 6.76 25.44
N LEU A 196 -22.08 7.75 26.32
CA LEU A 196 -21.15 7.98 27.42
C LEU A 196 -21.09 6.77 28.32
N ARG A 197 -22.26 6.19 28.60
CA ARG A 197 -22.37 4.98 29.43
C ARG A 197 -21.67 3.80 28.77
N GLN A 198 -21.99 3.58 27.51
CA GLN A 198 -21.40 2.48 26.74
C GLN A 198 -19.90 2.61 26.77
N THR A 199 -19.44 3.82 26.47
CA THR A 199 -18.03 4.11 26.37
C THR A 199 -17.34 3.92 27.71
N SER A 200 -17.94 4.42 28.80
CA SER A 200 -17.36 4.25 30.13
C SER A 200 -17.10 2.76 30.41
N THR A 201 -18.16 1.96 30.29
CA THR A 201 -18.06 0.53 30.52
C THR A 201 -16.93 -0.09 29.67
N LYS A 202 -16.79 0.34 28.42
CA LYS A 202 -15.68 -0.12 27.56
C LYS A 202 -14.39 0.15 28.29
N ALA A 203 -14.25 1.39 28.74
CA ALA A 203 -13.01 1.84 29.35
C ALA A 203 -12.73 0.98 30.55
N VAL A 204 -13.67 0.94 31.48
CA VAL A 204 -13.52 0.17 32.71
C VAL A 204 -13.16 -1.29 32.41
N GLN A 205 -13.70 -1.81 31.31
CA GLN A 205 -13.37 -3.15 30.86
C GLN A 205 -11.87 -3.16 30.54
N HIS A 206 -11.50 -2.37 29.53
CA HIS A 206 -10.13 -2.38 29.02
C HIS A 206 -9.16 -2.37 30.18
N PHE A 207 -9.43 -1.51 31.16
CA PHE A 207 -8.50 -1.29 32.26
C PHE A 207 -8.28 -2.57 33.08
N TYR A 208 -9.36 -3.20 33.53
CA TYR A 208 -9.23 -4.45 34.28
C TYR A 208 -8.66 -5.56 33.39
N ASN A 209 -8.99 -5.48 32.10
CA ASN A 209 -8.51 -6.43 31.09
C ASN A 209 -6.99 -6.44 30.88
N ILE A 210 -6.29 -5.40 31.30
CA ILE A 210 -4.84 -5.33 31.14
C ILE A 210 -4.07 -5.48 32.46
N LYS A 211 -4.77 -5.45 33.59
CA LYS A 211 -4.14 -5.83 34.85
C LYS A 211 -3.85 -7.33 34.85
N LEU A 212 -4.86 -8.12 34.49
CA LEU A 212 -4.72 -9.58 34.42
C LEU A 212 -3.85 -9.96 33.23
N GLU A 213 -3.87 -9.15 32.18
CA GLU A 213 -2.83 -9.19 31.14
C GLU A 213 -1.67 -8.30 31.62
N GLY A 214 -1.02 -8.70 32.72
CA GLY A 214 -0.04 -7.85 33.41
C GLY A 214 1.28 -7.65 32.68
N LYS A 215 1.21 -6.96 31.54
CA LYS A 215 2.40 -6.52 30.81
C LYS A 215 3.13 -5.42 31.60
N VAL A 216 2.34 -4.63 32.34
CA VAL A 216 2.78 -3.37 32.96
C VAL A 216 4.04 -3.43 33.81
N PRO A 217 4.04 -4.27 34.87
CA PRO A 217 5.26 -4.32 35.69
C PRO A 217 6.45 -4.92 34.95
N MET A 218 6.19 -5.77 33.95
CA MET A 218 7.27 -6.35 33.16
C MET A 218 8.07 -5.24 32.46
N HIS A 219 7.34 -4.31 31.84
CA HIS A 219 7.97 -3.16 31.17
C HIS A 219 8.88 -2.36 32.11
N LYS A 220 8.34 -1.99 33.26
CA LYS A 220 9.09 -1.21 34.25
C LYS A 220 10.36 -1.94 34.69
N LEU A 221 10.30 -3.26 34.73
N LEU A 221 10.31 -3.26 34.74
CA LEU A 221 11.45 -4.07 35.13
CA LEU A 221 11.47 -4.08 35.13
C LEU A 221 12.54 -4.18 34.03
C LEU A 221 12.53 -4.13 34.03
N PHE A 222 12.11 -4.16 32.76
CA PHE A 222 13.04 -4.16 31.64
C PHE A 222 13.86 -2.88 31.70
N LEU A 223 13.15 -1.76 31.71
CA LEU A 223 13.77 -0.44 31.78
C LEU A 223 14.71 -0.34 32.98
N GLU A 224 14.29 -0.92 34.10
CA GLU A 224 15.08 -0.87 35.32
C GLU A 224 16.43 -1.55 35.12
N MET A 225 16.42 -2.77 34.57
CA MET A 225 17.66 -3.50 34.25
C MET A 225 18.47 -2.83 33.15
N LEU A 226 17.79 -2.41 32.09
CA LEU A 226 18.43 -1.88 30.89
C LEU A 226 19.05 -0.48 31.07
N GLU A 227 18.66 0.20 32.14
CA GLU A 227 19.08 1.59 32.35
C GLU A 227 19.81 1.74 33.69
N PRO B 5 20.80 -18.50 -16.91
CA PRO B 5 19.77 -19.53 -16.91
C PRO B 5 19.09 -19.65 -15.56
N TYR B 6 18.09 -20.52 -15.47
CA TYR B 6 17.32 -20.66 -14.24
C TYR B 6 17.32 -22.06 -13.64
N ASN B 7 16.94 -22.11 -12.37
CA ASN B 7 16.78 -23.35 -11.62
C ASN B 7 15.50 -24.06 -12.11
N LYS B 8 15.56 -25.39 -12.20
CA LYS B 8 14.46 -26.14 -12.81
C LYS B 8 13.21 -26.11 -11.97
N ILE B 9 13.34 -26.32 -10.67
CA ILE B 9 12.20 -26.28 -9.76
C ILE B 9 11.50 -24.92 -9.77
N VAL B 10 12.29 -23.87 -9.61
CA VAL B 10 11.79 -22.50 -9.64
C VAL B 10 10.99 -22.25 -10.91
N SER B 11 11.57 -22.60 -12.05
CA SER B 11 10.87 -22.54 -13.33
C SER B 11 9.56 -23.29 -13.25
N HIS B 12 9.62 -24.54 -12.81
CA HIS B 12 8.43 -25.35 -12.66
C HIS B 12 7.33 -24.61 -11.87
N LEU B 13 7.72 -23.94 -10.80
CA LEU B 13 6.77 -23.25 -9.92
C LEU B 13 6.13 -22.03 -10.59
N LEU B 14 6.92 -21.27 -11.35
CA LEU B 14 6.36 -20.13 -12.09
C LEU B 14 5.25 -20.57 -13.06
N VAL B 15 5.44 -21.69 -13.77
CA VAL B 15 4.38 -22.23 -14.63
C VAL B 15 3.25 -22.88 -13.80
N ALA B 16 3.60 -23.52 -12.69
CA ALA B 16 2.59 -24.01 -11.73
C ALA B 16 1.70 -22.89 -11.18
N GLU B 17 2.20 -21.67 -11.16
CA GLU B 17 1.47 -20.52 -10.59
C GLU B 17 0.08 -20.35 -11.21
N PRO B 18 -0.97 -20.56 -10.39
CA PRO B 18 -2.38 -20.35 -10.79
C PRO B 18 -2.70 -18.98 -11.36
N GLU B 19 -3.80 -18.90 -12.09
CA GLU B 19 -4.28 -17.65 -12.67
C GLU B 19 -4.93 -16.83 -11.57
N LYS B 20 -5.02 -15.53 -11.81
CA LYS B 20 -5.73 -14.60 -10.92
C LYS B 20 -7.10 -15.12 -10.54
N ILE B 21 -7.53 -14.78 -9.32
CA ILE B 21 -8.86 -15.11 -8.86
C ILE B 21 -9.54 -13.87 -8.30
N TYR B 22 -10.75 -13.62 -8.79
CA TYR B 22 -11.48 -12.40 -8.47
C TYR B 22 -12.44 -12.65 -7.33
N ALA B 23 -12.66 -11.62 -6.51
CA ALA B 23 -13.53 -11.71 -5.33
C ALA B 23 -15.00 -11.77 -5.73
N MET B 24 -15.34 -11.04 -6.79
CA MET B 24 -16.70 -10.93 -7.29
C MET B 24 -17.69 -10.52 -6.20
N PRO B 25 -17.43 -9.36 -5.57
CA PRO B 25 -18.37 -8.80 -4.60
C PRO B 25 -19.75 -8.58 -5.20
N ASP B 26 -20.78 -9.01 -4.49
CA ASP B 26 -22.15 -8.73 -4.88
C ASP B 26 -22.38 -7.22 -4.80
N PRO B 27 -22.73 -6.58 -5.93
CA PRO B 27 -23.08 -5.15 -5.93
C PRO B 27 -24.45 -4.82 -5.34
N THR B 28 -25.38 -5.77 -5.34
CA THR B 28 -26.73 -5.52 -4.78
C THR B 28 -26.68 -5.44 -3.26
N VAL B 29 -25.81 -6.24 -2.64
CA VAL B 29 -25.60 -6.21 -1.19
C VAL B 29 -25.01 -4.86 -0.76
N PRO B 30 -25.54 -4.26 0.33
CA PRO B 30 -25.00 -3.00 0.87
C PRO B 30 -23.72 -3.21 1.69
N ASP B 31 -22.82 -2.24 1.62
CA ASP B 31 -21.46 -2.38 2.15
C ASP B 31 -21.47 -2.32 3.68
N SER B 32 -20.86 -3.33 4.31
CA SER B 32 -20.94 -3.53 5.74
C SER B 32 -19.86 -4.50 6.21
N ASP B 33 -19.78 -4.71 7.53
CA ASP B 33 -18.84 -5.68 8.12
C ASP B 33 -19.00 -7.06 7.49
N ILE B 34 -20.24 -7.54 7.46
CA ILE B 34 -20.52 -8.91 7.07
C ILE B 34 -20.33 -9.12 5.58
N LYS B 35 -20.62 -8.11 4.75
CA LYS B 35 -20.31 -8.20 3.32
C LYS B 35 -18.84 -8.52 3.14
N ALA B 36 -17.97 -7.61 3.58
CA ALA B 36 -16.53 -7.84 3.55
C ALA B 36 -16.24 -9.29 3.87
N LEU B 37 -16.63 -9.70 5.06
CA LEU B 37 -16.32 -11.04 5.57
C LEU B 37 -16.94 -12.13 4.70
N THR B 38 -18.20 -11.95 4.30
CA THR B 38 -18.84 -12.84 3.35
C THR B 38 -17.93 -12.99 2.13
N THR B 39 -17.54 -11.86 1.55
CA THR B 39 -16.76 -11.85 0.31
C THR B 39 -15.41 -12.58 0.46
N LEU B 40 -14.74 -12.39 1.58
CA LEU B 40 -13.42 -12.98 1.80
C LEU B 40 -13.49 -14.49 2.08
N CYS B 41 -14.54 -14.95 2.76
N CYS B 41 -14.53 -14.94 2.76
CA CYS B 41 -14.71 -16.37 3.00
CA CYS B 41 -14.74 -16.37 3.01
C CYS B 41 -14.96 -17.14 1.70
C CYS B 41 -14.97 -17.14 1.71
N ASP B 42 -15.78 -16.59 0.81
CA ASP B 42 -16.02 -17.22 -0.51
C ASP B 42 -14.73 -17.29 -1.33
N LEU B 43 -14.06 -16.15 -1.42
CA LEU B 43 -12.74 -16.04 -2.05
C LEU B 43 -11.81 -17.11 -1.51
N ALA B 44 -11.60 -17.11 -0.18
CA ALA B 44 -10.69 -18.08 0.43
C ALA B 44 -11.07 -19.49 0.00
N ASP B 45 -12.34 -19.83 0.12
CA ASP B 45 -12.79 -21.17 -0.23
C ASP B 45 -12.41 -21.58 -1.66
N ARG B 46 -12.50 -20.63 -2.59
CA ARG B 46 -12.10 -20.89 -3.97
C ARG B 46 -10.60 -20.93 -4.13
N GLU B 47 -9.86 -20.10 -3.41
CA GLU B 47 -8.39 -20.11 -3.51
C GLU B 47 -7.83 -21.38 -2.89
N LEU B 48 -8.38 -21.78 -1.76
CA LEU B 48 -8.05 -23.08 -1.16
C LEU B 48 -7.99 -24.17 -2.23
N VAL B 49 -9.08 -24.32 -2.96
CA VAL B 49 -9.17 -25.31 -4.01
C VAL B 49 -8.00 -25.22 -4.99
N VAL B 50 -7.72 -24.05 -5.55
CA VAL B 50 -6.58 -23.94 -6.47
C VAL B 50 -5.25 -24.02 -5.76
N ILE B 51 -5.18 -23.61 -4.48
CA ILE B 51 -3.96 -23.84 -3.69
C ILE B 51 -3.69 -25.36 -3.54
N ILE B 52 -4.76 -26.15 -3.41
CA ILE B 52 -4.63 -27.60 -3.24
C ILE B 52 -4.16 -28.25 -4.51
N GLY B 53 -4.73 -27.86 -5.64
CA GLY B 53 -4.22 -28.31 -6.94
C GLY B 53 -2.80 -27.84 -7.17
N TRP B 54 -2.49 -26.65 -6.68
CA TRP B 54 -1.19 -26.09 -6.91
C TRP B 54 -0.14 -26.92 -6.24
N ALA B 55 -0.41 -27.37 -5.03
CA ALA B 55 0.61 -28.09 -4.27
C ALA B 55 1.03 -29.37 -4.99
N LYS B 56 0.11 -30.00 -5.71
CA LYS B 56 0.41 -31.26 -6.44
C LYS B 56 1.63 -31.11 -7.35
N HIS B 57 1.75 -29.95 -7.98
CA HIS B 57 2.86 -29.65 -8.87
C HIS B 57 4.20 -29.50 -8.13
N ILE B 58 4.17 -29.23 -6.83
CA ILE B 58 5.41 -29.10 -6.06
C ILE B 58 6.14 -30.44 -6.10
N PRO B 59 7.42 -30.44 -6.53
CA PRO B 59 8.14 -31.68 -6.72
C PRO B 59 8.36 -32.36 -5.40
N GLY B 60 7.94 -33.62 -5.31
CA GLY B 60 8.03 -34.40 -4.08
C GLY B 60 6.67 -34.60 -3.45
N PHE B 61 5.88 -33.52 -3.41
CA PHE B 61 4.63 -33.48 -2.62
C PHE B 61 3.61 -34.56 -2.99
N SER B 62 3.49 -34.92 -4.26
CA SER B 62 2.61 -36.05 -4.61
C SER B 62 3.11 -37.39 -4.06
N THR B 63 4.43 -37.56 -3.92
CA THR B 63 5.00 -38.86 -3.49
C THR B 63 4.80 -39.15 -1.98
N LEU B 64 4.30 -38.17 -1.22
CA LEU B 64 3.98 -38.37 0.19
C LEU B 64 2.67 -39.13 0.32
N SER B 65 2.42 -39.71 1.49
CA SER B 65 1.11 -40.28 1.77
C SER B 65 0.00 -39.22 1.65
N LEU B 66 -1.23 -39.67 1.45
CA LEU B 66 -2.36 -38.76 1.43
C LEU B 66 -2.56 -38.10 2.78
N ALA B 67 -2.22 -38.82 3.85
CA ALA B 67 -2.33 -38.28 5.20
C ALA B 67 -1.37 -37.11 5.40
N ASP B 68 -0.14 -37.27 4.91
CA ASP B 68 0.87 -36.23 5.03
C ASP B 68 0.54 -35.01 4.16
N GLN B 69 0.08 -35.23 2.93
CA GLN B 69 -0.35 -34.12 2.06
C GLN B 69 -1.41 -33.29 2.74
N MET B 70 -2.33 -33.96 3.41
CA MET B 70 -3.41 -33.30 4.12
C MET B 70 -2.91 -32.51 5.32
N SER B 71 -1.94 -33.08 6.04
CA SER B 71 -1.40 -32.45 7.24
C SER B 71 -0.70 -31.13 6.90
N LEU B 72 0.17 -31.15 5.89
CA LEU B 72 0.92 -29.96 5.50
C LEU B 72 -0.03 -28.87 5.09
N LEU B 73 -1.05 -29.23 4.31
CA LEU B 73 -2.06 -28.27 3.88
C LEU B 73 -2.83 -27.65 5.04
N GLN B 74 -3.30 -28.49 5.96
CA GLN B 74 -4.05 -28.03 7.12
C GLN B 74 -3.27 -27.06 7.98
N SER B 75 -1.94 -27.18 7.94
CA SER B 75 -1.08 -26.29 8.70
C SER B 75 -0.69 -25.01 7.93
N ALA B 76 -0.48 -25.12 6.62
CA ALA B 76 0.04 -24.00 5.83
C ALA B 76 -0.98 -23.20 5.00
N TRP B 77 -2.24 -23.62 4.99
CA TRP B 77 -3.23 -22.98 4.12
C TRP B 77 -3.33 -21.46 4.36
N MET B 78 -3.51 -21.04 5.61
CA MET B 78 -3.68 -19.61 5.87
C MET B 78 -2.39 -18.84 5.58
N GLU B 79 -1.23 -19.48 5.79
CA GLU B 79 0.08 -18.90 5.42
C GLU B 79 0.24 -18.64 3.93
N ILE B 80 -0.29 -19.54 3.10
CA ILE B 80 -0.23 -19.36 1.64
C ILE B 80 -1.19 -18.25 1.22
N LEU B 81 -2.42 -18.31 1.74
CA LEU B 81 -3.42 -17.30 1.42
C LEU B 81 -2.87 -15.91 1.68
N ILE B 82 -2.22 -15.74 2.83
CA ILE B 82 -1.70 -14.43 3.22
C ILE B 82 -0.47 -14.04 2.38
N LEU B 83 0.44 -14.97 2.16
CA LEU B 83 1.60 -14.67 1.35
C LEU B 83 1.10 -14.23 -0.04
N GLY B 84 -0.02 -14.82 -0.49
CA GLY B 84 -0.71 -14.36 -1.71
C GLY B 84 -1.07 -12.87 -1.69
N VAL B 85 -2.06 -12.51 -0.87
CA VAL B 85 -2.45 -11.10 -0.74
C VAL B 85 -1.23 -10.16 -0.48
N VAL B 86 -0.19 -10.69 0.16
CA VAL B 86 0.97 -9.87 0.45
C VAL B 86 1.76 -9.57 -0.83
N TYR B 87 2.03 -10.59 -1.63
CA TYR B 87 2.68 -10.37 -2.93
C TYR B 87 1.87 -9.48 -3.86
N ARG B 88 0.57 -9.73 -3.91
CA ARG B 88 -0.30 -8.95 -4.79
C ARG B 88 -0.29 -7.46 -4.39
N SER B 89 0.02 -7.18 -3.12
CA SER B 89 -0.03 -5.82 -2.57
C SER B 89 1.28 -5.00 -2.61
N LEU B 90 2.38 -5.63 -3.05
CA LEU B 90 3.73 -5.02 -3.00
C LEU B 90 3.82 -3.67 -3.69
N SER B 91 3.20 -3.58 -4.87
CA SER B 91 3.20 -2.35 -5.67
C SER B 91 2.27 -1.25 -5.14
N PHE B 92 1.50 -1.51 -4.08
CA PHE B 92 0.51 -0.56 -3.56
C PHE B 92 0.93 0.06 -2.23
N GLU B 93 0.33 1.20 -1.91
CA GLU B 93 0.58 1.93 -0.65
C GLU B 93 -0.61 1.81 0.30
N ASP B 94 -0.41 1.14 1.44
CA ASP B 94 -1.41 1.03 2.52
C ASP B 94 -2.72 0.36 2.08
N GLU B 95 -2.61 -0.45 1.03
CA GLU B 95 -3.77 -1.13 0.47
C GLU B 95 -3.44 -2.57 0.25
N LEU B 96 -4.44 -3.43 0.43
CA LEU B 96 -4.28 -4.87 0.29
C LEU B 96 -5.08 -5.37 -0.90
N VAL B 97 -4.41 -5.95 -1.89
CA VAL B 97 -5.12 -6.47 -3.06
C VAL B 97 -5.45 -7.93 -2.83
N TYR B 98 -6.63 -8.15 -2.26
CA TYR B 98 -7.15 -9.49 -2.07
C TYR B 98 -7.48 -10.10 -3.44
N ALA B 99 -7.92 -9.24 -4.35
CA ALA B 99 -8.07 -9.55 -5.76
C ALA B 99 -8.16 -8.21 -6.52
N ASP B 100 -8.03 -8.23 -7.86
CA ASP B 100 -8.10 -6.99 -8.67
C ASP B 100 -9.43 -6.25 -8.50
N ASP B 101 -10.50 -7.00 -8.22
CA ASP B 101 -11.82 -6.41 -8.00
C ASP B 101 -12.18 -6.30 -6.52
N TYR B 102 -11.18 -6.34 -5.65
CA TYR B 102 -11.39 -6.19 -4.21
C TYR B 102 -10.13 -5.75 -3.48
N ILE B 103 -10.06 -4.47 -3.14
CA ILE B 103 -8.86 -3.82 -2.61
C ILE B 103 -9.17 -2.99 -1.35
N MET B 104 -8.60 -3.37 -0.21
CA MET B 104 -8.94 -2.74 1.08
C MET B 104 -7.96 -1.65 1.51
N ASP B 105 -8.45 -0.44 1.71
CA ASP B 105 -7.67 0.63 2.31
C ASP B 105 -8.04 0.77 3.78
N GLU B 106 -7.33 1.65 4.49
CA GLU B 106 -7.59 1.89 5.91
C GLU B 106 -9.09 2.04 6.19
N ASP B 107 -9.77 2.90 5.43
CA ASP B 107 -11.22 3.13 5.65
C ASP B 107 -12.06 1.84 5.63
N GLN B 108 -11.83 0.97 4.64
CA GLN B 108 -12.66 -0.26 4.48
C GLN B 108 -12.28 -1.36 5.46
N SER B 109 -10.98 -1.45 5.76
CA SER B 109 -10.51 -2.32 6.83
C SER B 109 -11.25 -2.01 8.13
N LYS B 110 -11.51 -0.73 8.38
CA LYS B 110 -12.28 -0.33 9.55
C LYS B 110 -13.72 -0.84 9.47
N LEU B 111 -14.37 -0.67 8.32
CA LEU B 111 -15.74 -1.16 8.17
C LEU B 111 -15.82 -2.65 8.53
N ALA B 112 -14.87 -3.43 8.04
CA ALA B 112 -14.95 -4.89 8.15
C ALA B 112 -14.53 -5.44 9.51
N GLY B 113 -13.97 -4.61 10.37
CA GLY B 113 -13.49 -5.05 11.66
C GLY B 113 -12.20 -5.83 11.51
N LEU B 114 -11.43 -5.46 10.49
CA LEU B 114 -10.18 -6.12 10.15
C LEU B 114 -8.98 -5.23 10.36
N LEU B 115 -9.15 -4.09 11.02
CA LEU B 115 -8.07 -3.13 11.11
C LEU B 115 -6.81 -3.74 11.71
N ASP B 116 -6.93 -4.40 12.85
CA ASP B 116 -5.77 -4.99 13.51
C ASP B 116 -5.11 -6.07 12.66
N LEU B 117 -5.94 -6.95 12.08
CA LEU B 117 -5.43 -8.06 11.29
C LEU B 117 -4.87 -7.61 9.95
N ASN B 118 -5.47 -6.59 9.35
CA ASN B 118 -4.97 -6.09 8.06
C ASN B 118 -3.62 -5.40 8.21
N ASN B 119 -3.44 -4.58 9.25
CA ASN B 119 -2.14 -3.94 9.55
C ASN B 119 -0.99 -4.92 9.76
N ALA B 120 -1.30 -6.08 10.34
CA ALA B 120 -0.30 -7.12 10.54
C ALA B 120 0.18 -7.66 9.17
N ILE B 121 -0.78 -7.86 8.26
CA ILE B 121 -0.47 -8.26 6.88
C ILE B 121 0.28 -7.13 6.16
N LEU B 122 -0.10 -5.89 6.43
CA LEU B 122 0.60 -4.73 5.85
C LEU B 122 2.01 -4.61 6.42
N GLN B 123 2.21 -5.13 7.63
CA GLN B 123 3.56 -5.21 8.20
C GLN B 123 4.41 -6.19 7.38
N LEU B 124 3.80 -7.27 6.91
CA LEU B 124 4.49 -8.20 6.01
C LEU B 124 4.73 -7.59 4.63
N VAL B 125 3.79 -6.77 4.16
CA VAL B 125 3.98 -6.11 2.87
C VAL B 125 5.23 -5.22 2.97
N LYS B 126 5.29 -4.43 4.04
CA LYS B 126 6.35 -3.43 4.22
C LYS B 126 7.76 -4.01 4.09
N LYS B 127 7.95 -5.17 4.72
CA LYS B 127 9.24 -5.86 4.72
C LYS B 127 9.62 -6.31 3.30
N TYR B 128 8.72 -7.03 2.64
CA TYR B 128 8.99 -7.50 1.28
C TYR B 128 9.11 -6.37 0.25
N LYS B 129 8.38 -5.30 0.46
CA LYS B 129 8.59 -4.07 -0.32
C LYS B 129 10.04 -3.63 -0.18
N SER B 130 10.58 -3.66 1.04
CA SER B 130 11.94 -3.19 1.31
C SER B 130 13.02 -4.04 0.63
N MET B 131 12.74 -5.33 0.48
CA MET B 131 13.67 -6.24 -0.17
C MET B 131 13.29 -6.47 -1.63
N LYS B 132 12.50 -5.58 -2.21
CA LYS B 132 12.13 -5.67 -3.62
C LYS B 132 11.97 -7.15 -4.04
N LEU B 133 11.09 -7.85 -3.30
CA LEU B 133 10.78 -9.26 -3.48
C LEU B 133 10.22 -9.56 -4.86
N GLU B 134 10.63 -10.69 -5.43
CA GLU B 134 10.32 -11.04 -6.81
C GLU B 134 9.46 -12.30 -6.90
N LYS B 135 8.76 -12.44 -8.03
CA LYS B 135 7.81 -13.53 -8.18
C LYS B 135 8.51 -14.85 -7.97
N GLU B 136 9.75 -14.95 -8.42
CA GLU B 136 10.51 -16.19 -8.29
C GLU B 136 10.65 -16.55 -6.82
N GLU B 137 10.85 -15.51 -6.00
CA GLU B 137 11.02 -15.67 -4.56
C GLU B 137 9.69 -15.88 -3.87
N PHE B 138 8.62 -15.29 -4.42
CA PHE B 138 7.28 -15.50 -3.87
C PHE B 138 6.83 -16.94 -4.04
N VAL B 139 6.84 -17.43 -5.27
CA VAL B 139 6.38 -18.81 -5.55
C VAL B 139 7.16 -19.85 -4.76
N THR B 140 8.48 -19.70 -4.71
CA THR B 140 9.31 -20.68 -3.99
C THR B 140 9.03 -20.59 -2.49
N LEU B 141 8.87 -19.37 -1.98
CA LEU B 141 8.52 -19.17 -0.57
C LEU B 141 7.17 -19.79 -0.16
N LYS B 142 6.19 -19.81 -1.07
CA LYS B 142 4.92 -20.48 -0.76
C LYS B 142 5.16 -21.98 -0.61
N ALA B 143 6.03 -22.52 -1.47
CA ALA B 143 6.33 -23.95 -1.44
C ALA B 143 7.00 -24.31 -0.12
N ILE B 144 7.88 -23.42 0.35
CA ILE B 144 8.65 -23.64 1.57
C ILE B 144 7.74 -23.51 2.78
N ALA B 145 6.87 -22.51 2.74
CA ALA B 145 5.93 -22.28 3.82
C ALA B 145 5.06 -23.51 4.00
N LEU B 146 4.79 -24.23 2.91
CA LEU B 146 3.98 -25.45 2.95
C LEU B 146 4.78 -26.65 3.48
N ALA B 147 5.95 -26.87 2.88
CA ALA B 147 6.86 -27.94 3.33
C ALA B 147 7.33 -27.81 4.79
N ASN B 148 7.54 -26.58 5.24
CA ASN B 148 8.08 -26.28 6.58
C ASN B 148 7.01 -25.81 7.57
N SER B 149 5.77 -26.28 7.40
CA SER B 149 4.63 -25.78 8.19
C SER B 149 4.42 -26.53 9.52
N ASP B 150 5.37 -27.38 9.88
CA ASP B 150 5.53 -27.88 11.26
C ASP B 150 4.28 -28.53 11.88
N SER B 151 3.68 -29.48 11.16
CA SER B 151 2.49 -30.20 11.65
C SER B 151 2.91 -31.34 12.59
N MET B 152 2.08 -31.63 13.60
CA MET B 152 2.40 -32.68 14.59
C MET B 152 2.05 -34.09 14.10
N HIS B 153 1.27 -34.19 13.02
CA HIS B 153 0.66 -35.47 12.62
C HIS B 153 1.41 -36.17 11.49
N ILE B 154 2.67 -35.79 11.24
CA ILE B 154 3.41 -36.30 10.09
C ILE B 154 3.73 -37.78 10.23
N GLU B 155 3.47 -38.54 9.17
CA GLU B 155 3.83 -39.96 9.12
C GLU B 155 5.30 -40.15 8.80
N ASP B 156 5.77 -39.49 7.74
CA ASP B 156 7.13 -39.65 7.22
C ASP B 156 7.88 -38.33 7.36
N VAL B 157 8.63 -38.21 8.46
CA VAL B 157 9.40 -37.02 8.77
C VAL B 157 10.56 -36.84 7.81
N GLU B 158 11.34 -37.89 7.59
CA GLU B 158 12.41 -37.86 6.59
C GLU B 158 11.91 -37.33 5.25
N ALA B 159 10.78 -37.84 4.78
CA ALA B 159 10.25 -37.44 3.48
C ALA B 159 9.91 -35.95 3.45
N VAL B 160 9.35 -35.42 4.55
CA VAL B 160 8.99 -34.00 4.61
C VAL B 160 10.23 -33.10 4.72
N GLN B 161 11.27 -33.58 5.42
CA GLN B 161 12.54 -32.85 5.51
C GLN B 161 13.21 -32.80 4.13
N LYS B 162 13.15 -33.92 3.42
CA LYS B 162 13.73 -34.00 2.09
C LYS B 162 13.07 -32.98 1.12
N LEU B 163 11.78 -32.71 1.33
CA LEU B 163 11.06 -31.71 0.53
C LEU B 163 11.42 -30.31 0.94
N GLN B 164 11.61 -30.07 2.24
CA GLN B 164 12.13 -28.79 2.71
C GLN B 164 13.50 -28.54 2.07
N ASP B 165 14.36 -29.55 2.14
CA ASP B 165 15.74 -29.45 1.65
C ASP B 165 15.83 -29.11 0.16
N VAL B 166 15.02 -29.79 -0.66
CA VAL B 166 15.03 -29.56 -2.11
C VAL B 166 14.52 -28.16 -2.46
N LEU B 167 13.46 -27.75 -1.78
CA LEU B 167 12.88 -26.43 -1.99
C LEU B 167 13.87 -25.37 -1.51
N HIS B 168 14.52 -25.62 -0.37
CA HIS B 168 15.54 -24.72 0.13
C HIS B 168 16.67 -24.57 -0.90
N GLU B 169 17.17 -25.71 -1.40
CA GLU B 169 18.20 -25.69 -2.43
C GLU B 169 17.82 -24.81 -3.60
N ALA B 170 16.59 -24.93 -4.07
CA ALA B 170 16.12 -24.17 -5.23
C ALA B 170 16.20 -22.67 -4.95
N LEU B 171 15.91 -22.30 -3.70
CA LEU B 171 15.94 -20.90 -3.30
C LEU B 171 17.39 -20.42 -3.28
N GLN B 172 18.24 -21.13 -2.54
N GLN B 172 18.22 -21.15 -2.54
CA GLN B 172 19.65 -20.77 -2.48
CA GLN B 172 19.65 -20.88 -2.45
C GLN B 172 20.24 -20.63 -3.88
C GLN B 172 20.23 -20.65 -3.84
N ASP B 173 20.03 -21.64 -4.70
CA ASP B 173 20.51 -21.62 -6.08
C ASP B 173 20.06 -20.38 -6.87
N TYR B 174 18.79 -20.01 -6.74
CA TYR B 174 18.24 -18.82 -7.38
C TYR B 174 18.88 -17.53 -6.88
N GLU B 175 19.10 -17.45 -5.57
CA GLU B 175 19.74 -16.27 -4.98
C GLU B 175 21.21 -16.17 -5.37
N ALA B 176 21.87 -17.31 -5.51
CA ALA B 176 23.27 -17.38 -5.95
C ALA B 176 23.41 -16.84 -7.37
N GLY B 177 22.45 -17.18 -8.22
CA GLY B 177 22.48 -16.79 -9.62
C GLY B 177 22.01 -15.37 -9.86
N GLN B 178 20.93 -14.99 -9.18
CA GLN B 178 20.21 -13.74 -9.44
C GLN B 178 20.54 -12.60 -8.47
N HIS B 179 21.09 -12.92 -7.31
CA HIS B 179 21.43 -11.90 -6.32
C HIS B 179 22.79 -12.12 -5.65
N MET B 180 23.83 -11.85 -6.41
CA MET B 180 25.18 -12.14 -5.97
C MET B 180 25.69 -11.01 -5.08
N GLU B 181 25.07 -9.82 -5.23
CA GLU B 181 25.36 -8.65 -4.39
C GLU B 181 25.06 -8.92 -2.93
N ASP B 182 24.03 -9.71 -2.67
CA ASP B 182 23.59 -10.05 -1.34
C ASP B 182 23.67 -11.58 -1.13
N PRO B 183 24.79 -12.09 -0.58
CA PRO B 183 24.96 -13.50 -0.30
C PRO B 183 24.20 -13.96 0.93
N ARG B 184 23.46 -13.03 1.55
CA ARG B 184 22.57 -13.35 2.67
C ARG B 184 21.08 -13.24 2.31
N ARG B 185 20.78 -12.82 1.08
CA ARG B 185 19.38 -12.67 0.64
C ARG B 185 18.51 -13.89 0.92
N ALA B 186 19.03 -15.10 0.72
CA ALA B 186 18.20 -16.33 0.88
C ALA B 186 17.77 -16.48 2.31
N GLY B 187 18.74 -16.35 3.21
CA GLY B 187 18.49 -16.35 4.65
C GLY B 187 17.54 -15.23 5.08
N LYS B 188 17.75 -14.03 4.53
CA LYS B 188 16.86 -12.90 4.82
C LYS B 188 15.44 -13.30 4.51
N MET B 189 15.25 -13.93 3.35
CA MET B 189 13.96 -14.41 2.92
C MET B 189 13.38 -15.38 3.94
N LEU B 190 14.22 -16.33 4.33
CA LEU B 190 13.83 -17.36 5.27
C LEU B 190 13.45 -16.74 6.61
N MET B 191 14.10 -15.62 6.95
CA MET B 191 13.86 -14.87 8.22
C MET B 191 12.55 -14.07 8.27
N THR B 192 11.76 -14.11 7.21
CA THR B 192 10.43 -13.52 7.21
C THR B 192 9.31 -14.52 7.52
N LEU B 193 9.61 -15.81 7.61
CA LEU B 193 8.55 -16.77 7.84
C LEU B 193 7.98 -16.65 9.25
N PRO B 194 8.83 -16.43 10.28
CA PRO B 194 8.26 -16.32 11.63
C PRO B 194 7.11 -15.33 11.70
N LEU B 195 7.20 -14.23 10.97
CA LEU B 195 6.08 -13.28 10.90
C LEU B 195 4.88 -13.88 10.14
N LEU B 196 5.15 -14.63 9.08
CA LEU B 196 4.07 -15.24 8.31
C LEU B 196 3.27 -16.23 9.15
N ARG B 197 3.95 -16.98 10.02
CA ARG B 197 3.31 -17.93 10.90
C ARG B 197 2.48 -17.21 11.95
N GLN B 198 3.11 -16.26 12.62
CA GLN B 198 2.44 -15.43 13.62
C GLN B 198 1.17 -14.83 13.03
N THR B 199 1.32 -14.20 11.87
CA THR B 199 0.21 -13.51 11.25
C THR B 199 -0.83 -14.49 10.82
N SER B 200 -0.42 -15.58 10.18
CA SER B 200 -1.35 -16.66 9.84
C SER B 200 -2.20 -17.08 11.03
N THR B 201 -1.54 -17.30 12.16
CA THR B 201 -2.21 -17.72 13.37
C THR B 201 -3.27 -16.72 13.85
N LYS B 202 -2.97 -15.43 13.73
CA LYS B 202 -3.96 -14.39 14.02
C LYS B 202 -5.18 -14.53 13.12
N ALA B 203 -4.93 -14.61 11.82
CA ALA B 203 -5.98 -14.82 10.84
C ALA B 203 -6.85 -15.98 11.27
N VAL B 204 -6.23 -17.12 11.58
CA VAL B 204 -6.99 -18.32 11.91
C VAL B 204 -7.83 -18.07 13.15
N GLN B 205 -7.21 -17.53 14.19
CA GLN B 205 -7.92 -17.26 15.45
C GLN B 205 -9.13 -16.36 15.19
N HIS B 206 -8.87 -15.12 14.77
CA HIS B 206 -9.93 -14.18 14.42
C HIS B 206 -11.15 -14.83 13.73
N PHE B 207 -10.91 -15.85 12.93
CA PHE B 207 -12.00 -16.47 12.18
C PHE B 207 -12.88 -17.35 13.05
N TYR B 208 -12.28 -18.33 13.73
CA TYR B 208 -13.03 -19.19 14.66
C TYR B 208 -13.67 -18.29 15.71
N ASN B 209 -12.98 -17.19 16.00
CA ASN B 209 -13.44 -16.16 16.93
C ASN B 209 -14.73 -15.43 16.51
N ILE B 210 -14.94 -15.24 15.21
CA ILE B 210 -16.16 -14.57 14.73
C ILE B 210 -17.24 -15.55 14.28
N LYS B 211 -16.90 -16.84 14.19
CA LYS B 211 -17.92 -17.89 14.08
C LYS B 211 -18.73 -17.97 15.38
N LEU B 212 -18.10 -17.74 16.53
CA LEU B 212 -18.81 -17.68 17.82
C LEU B 212 -19.70 -16.46 17.91
N GLU B 213 -19.14 -15.28 17.63
CA GLU B 213 -19.90 -14.04 17.62
C GLU B 213 -21.08 -14.05 16.63
N GLY B 214 -21.07 -14.99 15.69
CA GLY B 214 -22.16 -15.17 14.73
C GLY B 214 -23.03 -13.96 14.51
N LYS B 215 -22.43 -12.86 14.05
CA LYS B 215 -23.19 -11.70 13.58
C LYS B 215 -23.44 -11.80 12.07
N VAL B 216 -22.75 -12.72 11.40
CA VAL B 216 -22.95 -12.98 9.97
C VAL B 216 -24.32 -13.65 9.70
N PRO B 217 -24.62 -14.77 10.39
CA PRO B 217 -25.97 -15.35 10.26
C PRO B 217 -27.11 -14.44 10.76
N MET B 218 -26.79 -13.52 11.67
CA MET B 218 -27.69 -12.42 11.99
C MET B 218 -27.89 -11.60 10.70
N HIS B 219 -26.86 -10.83 10.34
CA HIS B 219 -26.91 -9.94 9.18
C HIS B 219 -27.64 -10.51 7.97
N LYS B 220 -27.51 -11.82 7.74
CA LYS B 220 -28.19 -12.46 6.61
C LYS B 220 -29.71 -12.44 6.77
N LEU B 221 -30.18 -12.71 7.99
CA LEU B 221 -31.62 -12.64 8.27
C LEU B 221 -32.11 -11.20 8.27
N PHE B 222 -31.27 -10.25 8.65
CA PHE B 222 -31.63 -8.84 8.56
C PHE B 222 -31.78 -8.43 7.10
N LEU B 223 -30.84 -8.84 6.26
CA LEU B 223 -30.94 -8.61 4.82
C LEU B 223 -32.23 -9.12 4.21
N GLU B 224 -32.56 -10.38 4.51
CA GLU B 224 -33.74 -11.01 3.92
C GLU B 224 -35.00 -10.31 4.40
N MET B 225 -35.10 -10.10 5.70
CA MET B 225 -36.27 -9.48 6.33
C MET B 225 -36.52 -8.07 5.81
N LEU B 226 -35.49 -7.22 5.88
CA LEU B 226 -35.62 -5.80 5.51
C LEU B 226 -35.97 -5.57 4.03
N GLU B 227 -35.92 -6.62 3.23
CA GLU B 227 -36.36 -6.57 1.83
C GLU B 227 -37.60 -7.43 1.64
N PRO C 5 14.69 24.88 -10.13
CA PRO C 5 15.05 25.32 -11.48
C PRO C 5 15.33 24.14 -12.41
N TYR C 6 14.35 23.81 -13.27
CA TYR C 6 14.51 22.76 -14.30
C TYR C 6 13.22 22.46 -15.06
N ASN C 7 13.35 22.17 -16.35
CA ASN C 7 12.19 21.92 -17.20
C ASN C 7 11.59 20.56 -16.93
N LYS C 8 10.26 20.50 -16.82
CA LYS C 8 9.53 19.29 -16.45
C LYS C 8 9.78 18.13 -17.39
N ILE C 9 9.65 18.35 -18.69
CA ILE C 9 9.87 17.26 -19.65
C ILE C 9 11.32 16.78 -19.70
N VAL C 10 12.28 17.69 -19.58
CA VAL C 10 13.68 17.30 -19.54
C VAL C 10 13.82 16.33 -18.39
N SER C 11 13.41 16.79 -17.20
CA SER C 11 13.47 15.95 -16.00
C SER C 11 12.81 14.57 -16.21
N HIS C 12 11.58 14.57 -16.69
CA HIS C 12 10.86 13.32 -16.93
C HIS C 12 11.68 12.37 -17.80
N LEU C 13 12.30 12.92 -18.84
CA LEU C 13 13.14 12.13 -19.73
C LEU C 13 14.38 11.58 -19.00
N LEU C 14 14.97 12.38 -18.12
CA LEU C 14 16.12 11.94 -17.29
C LEU C 14 15.85 10.70 -16.46
N VAL C 15 14.67 10.63 -15.83
CA VAL C 15 14.31 9.46 -15.01
C VAL C 15 13.86 8.27 -15.89
N ALA C 16 13.24 8.57 -17.02
CA ALA C 16 12.75 7.53 -17.92
C ALA C 16 13.90 6.84 -18.64
N GLU C 17 15.12 7.34 -18.42
CA GLU C 17 16.32 6.86 -19.09
C GLU C 17 16.64 5.42 -18.68
N PRO C 18 16.62 4.47 -19.63
CA PRO C 18 16.92 3.04 -19.40
C PRO C 18 18.22 2.76 -18.65
N GLU C 19 18.23 1.71 -17.82
CA GLU C 19 19.41 1.27 -17.08
C GLU C 19 20.40 0.72 -18.10
N LYS C 20 21.69 0.71 -17.76
CA LYS C 20 22.73 0.18 -18.65
C LYS C 20 22.45 -1.27 -19.09
N ILE C 21 22.73 -1.56 -20.37
CA ILE C 21 22.73 -2.92 -20.91
C ILE C 21 24.14 -3.31 -21.36
N TYR C 22 24.47 -4.57 -21.11
CA TYR C 22 25.79 -5.12 -21.41
C TYR C 22 25.76 -5.93 -22.71
N ALA C 23 26.89 -6.00 -23.39
CA ALA C 23 26.99 -6.73 -24.66
C ALA C 23 27.11 -8.23 -24.42
N MET C 24 27.80 -8.58 -23.34
CA MET C 24 27.99 -9.96 -22.89
C MET C 24 28.52 -10.86 -24.01
N PRO C 25 29.70 -10.50 -24.55
CA PRO C 25 30.27 -11.28 -25.64
C PRO C 25 30.62 -12.67 -25.16
N ASP C 26 30.21 -13.70 -25.88
CA ASP C 26 30.51 -15.08 -25.49
C ASP C 26 32.03 -15.33 -25.57
N PRO C 27 32.68 -15.51 -24.41
CA PRO C 27 34.15 -15.57 -24.36
C PRO C 27 34.73 -16.76 -25.10
N THR C 28 34.04 -17.90 -25.03
CA THR C 28 34.47 -19.14 -25.68
C THR C 28 34.63 -18.99 -27.21
N VAL C 29 33.68 -18.30 -27.85
CA VAL C 29 33.73 -18.05 -29.30
C VAL C 29 34.92 -17.16 -29.67
N PRO C 30 35.88 -17.67 -30.49
CA PRO C 30 37.08 -16.90 -30.79
C PRO C 30 36.81 -15.64 -31.61
N ASP C 31 37.64 -14.62 -31.40
CA ASP C 31 37.40 -13.28 -31.98
C ASP C 31 37.41 -13.31 -33.49
N SER C 32 36.56 -12.51 -34.11
CA SER C 32 36.30 -12.58 -35.55
C SER C 32 35.25 -11.58 -36.00
N ASP C 33 35.18 -11.32 -37.31
CA ASP C 33 34.20 -10.37 -37.85
C ASP C 33 32.79 -10.76 -37.43
N ILE C 34 32.45 -12.04 -37.60
CA ILE C 34 31.10 -12.54 -37.35
C ILE C 34 30.70 -12.38 -35.87
N LYS C 35 31.66 -12.54 -34.96
CA LYS C 35 31.41 -12.30 -33.54
C LYS C 35 30.96 -10.85 -33.32
N ALA C 36 31.86 -9.90 -33.54
CA ALA C 36 31.52 -8.50 -33.37
C ALA C 36 30.12 -8.21 -33.88
N LEU C 37 29.82 -8.72 -35.06
CA LEU C 37 28.55 -8.49 -35.71
C LEU C 37 27.44 -9.24 -34.97
N THR C 38 27.64 -10.54 -34.79
CA THR C 38 26.69 -11.35 -34.02
C THR C 38 26.39 -10.68 -32.68
N THR C 39 27.42 -10.16 -32.03
CA THR C 39 27.29 -9.55 -30.71
C THR C 39 26.47 -8.27 -30.77
N LEU C 40 26.86 -7.37 -31.66
CA LEU C 40 26.14 -6.12 -31.79
C LEU C 40 24.70 -6.36 -32.18
N CYS C 41 24.44 -7.39 -32.99
CA CYS C 41 23.06 -7.77 -33.32
C CYS C 41 22.21 -8.01 -32.11
N ASP C 42 22.59 -9.02 -31.32
CA ASP C 42 21.90 -9.38 -30.09
C ASP C 42 21.78 -8.17 -29.18
N LEU C 43 22.81 -7.32 -29.15
CA LEU C 43 22.81 -6.13 -28.29
C LEU C 43 21.72 -5.17 -28.70
N ALA C 44 21.68 -4.88 -30.00
CA ALA C 44 20.68 -4.00 -30.57
C ALA C 44 19.30 -4.52 -30.27
N ASP C 45 19.06 -5.78 -30.62
CA ASP C 45 17.74 -6.38 -30.42
C ASP C 45 17.21 -6.18 -28.99
N ARG C 46 18.09 -6.35 -28.01
CA ARG C 46 17.73 -6.09 -26.60
C ARG C 46 17.54 -4.60 -26.31
N GLU C 47 18.40 -3.75 -26.87
CA GLU C 47 18.28 -2.30 -26.70
C GLU C 47 16.94 -1.77 -27.23
N LEU C 48 16.50 -2.30 -28.37
CA LEU C 48 15.18 -1.97 -28.91
C LEU C 48 14.06 -2.20 -27.91
N VAL C 49 14.03 -3.39 -27.30
CA VAL C 49 12.97 -3.76 -26.33
C VAL C 49 12.81 -2.73 -25.24
N VAL C 50 13.93 -2.22 -24.72
CA VAL C 50 13.88 -1.15 -23.72
C VAL C 50 13.77 0.23 -24.36
N ILE C 51 14.30 0.42 -25.57
CA ILE C 51 14.06 1.68 -26.25
C ILE C 51 12.56 1.85 -26.49
N ILE C 52 11.89 0.77 -26.88
CA ILE C 52 10.45 0.82 -27.13
C ILE C 52 9.71 1.19 -25.85
N GLY C 53 10.08 0.53 -24.76
CA GLY C 53 9.46 0.78 -23.46
C GLY C 53 9.73 2.18 -22.94
N TRP C 54 10.80 2.79 -23.44
CA TRP C 54 11.16 4.14 -23.09
C TRP C 54 10.30 5.13 -23.82
N ALA C 55 9.99 4.82 -25.08
CA ALA C 55 9.26 5.72 -25.98
C ALA C 55 7.89 6.04 -25.43
N LYS C 56 7.32 5.08 -24.69
CA LYS C 56 6.01 5.24 -24.07
C LYS C 56 6.04 6.37 -23.04
N HIS C 57 7.19 6.52 -22.35
CA HIS C 57 7.39 7.57 -21.34
C HIS C 57 7.48 8.99 -21.92
N ILE C 58 7.73 9.11 -23.22
CA ILE C 58 7.78 10.44 -23.84
C ILE C 58 6.36 11.02 -23.81
N PRO C 59 6.21 12.26 -23.30
CA PRO C 59 4.88 12.83 -23.21
C PRO C 59 4.26 12.94 -24.59
N GLY C 60 2.99 12.54 -24.71
CA GLY C 60 2.29 12.57 -25.99
C GLY C 60 2.36 11.26 -26.77
N PHE C 61 3.55 10.68 -26.89
CA PHE C 61 3.75 9.49 -27.71
C PHE C 61 2.68 8.40 -27.57
N SER C 62 2.26 8.11 -26.34
CA SER C 62 1.26 7.04 -26.10
C SER C 62 -0.18 7.40 -26.49
N THR C 63 -0.47 8.69 -26.61
CA THR C 63 -1.81 9.10 -27.04
C THR C 63 -1.95 8.93 -28.56
N LEU C 64 -0.84 8.97 -29.29
CA LEU C 64 -0.84 8.67 -30.73
C LEU C 64 -1.42 7.28 -30.99
N SER C 65 -1.93 7.04 -32.19
CA SER C 65 -2.38 5.71 -32.55
C SER C 65 -1.24 4.69 -32.46
N LEU C 66 -1.59 3.41 -32.27
CA LEU C 66 -0.60 2.33 -32.31
C LEU C 66 0.16 2.34 -33.64
N ALA C 67 -0.53 2.66 -34.73
CA ALA C 67 0.10 2.71 -36.04
C ALA C 67 1.18 3.79 -36.12
N ASP C 68 0.89 4.97 -35.58
CA ASP C 68 1.86 6.07 -35.62
C ASP C 68 3.03 5.78 -34.70
N GLN C 69 2.75 5.22 -33.52
CA GLN C 69 3.83 4.82 -32.59
C GLN C 69 4.77 3.86 -33.29
N MET C 70 4.19 2.88 -33.96
CA MET C 70 4.95 1.91 -34.75
C MET C 70 5.71 2.62 -35.84
N SER C 71 5.07 3.51 -36.58
CA SER C 71 5.74 4.21 -37.69
C SER C 71 6.95 5.03 -37.26
N LEU C 72 6.82 5.81 -36.19
CA LEU C 72 7.91 6.71 -35.76
C LEU C 72 9.11 5.92 -35.28
N LEU C 73 8.86 4.81 -34.60
CA LEU C 73 9.91 3.92 -34.13
C LEU C 73 10.60 3.26 -35.30
N GLN C 74 9.78 2.79 -36.23
CA GLN C 74 10.24 2.04 -37.40
C GLN C 74 11.17 2.88 -38.26
N SER C 75 11.06 4.21 -38.13
CA SER C 75 11.92 5.15 -38.84
C SER C 75 13.15 5.61 -38.04
N ALA C 76 13.03 5.64 -36.71
CA ALA C 76 14.06 6.27 -35.84
C ALA C 76 14.86 5.31 -34.95
N TRP C 77 14.45 4.05 -34.90
CA TRP C 77 15.17 3.06 -34.11
C TRP C 77 16.69 3.23 -34.25
N MET C 78 17.22 3.04 -35.46
CA MET C 78 18.67 3.05 -35.64
C MET C 78 19.31 4.35 -35.15
N GLU C 79 18.74 5.49 -35.53
CA GLU C 79 19.17 6.80 -35.03
C GLU C 79 19.32 6.75 -33.49
N ILE C 80 18.30 6.25 -32.80
CA ILE C 80 18.34 6.24 -31.32
C ILE C 80 19.47 5.34 -30.77
N LEU C 81 19.68 4.18 -31.40
CA LEU C 81 20.72 3.25 -30.97
C LEU C 81 22.08 3.87 -31.15
N ILE C 82 22.28 4.47 -32.32
CA ILE C 82 23.55 5.08 -32.66
C ILE C 82 23.83 6.28 -31.75
N LEU C 83 22.79 7.07 -31.47
CA LEU C 83 22.96 8.25 -30.63
C LEU C 83 23.40 7.80 -29.25
N GLY C 84 22.90 6.62 -28.84
CA GLY C 84 23.29 6.00 -27.58
C GLY C 84 24.78 5.72 -27.52
N VAL C 85 25.27 4.84 -28.39
CA VAL C 85 26.70 4.51 -28.43
C VAL C 85 27.57 5.76 -28.60
N VAL C 86 27.03 6.78 -29.28
CA VAL C 86 27.70 8.09 -29.41
C VAL C 86 27.80 8.81 -28.07
N TYR C 87 26.67 8.99 -27.38
CA TYR C 87 26.76 9.66 -26.08
C TYR C 87 27.69 8.91 -25.14
N ARG C 88 27.58 7.58 -25.12
CA ARG C 88 28.42 6.73 -24.27
C ARG C 88 29.91 6.84 -24.59
N SER C 89 30.22 7.13 -25.85
CA SER C 89 31.61 7.25 -26.29
C SER C 89 32.26 8.61 -26.03
N LEU C 90 31.50 9.58 -25.51
CA LEU C 90 31.95 11.00 -25.48
C LEU C 90 33.26 11.27 -24.73
N SER C 91 33.46 10.66 -23.57
CA SER C 91 34.70 10.91 -22.83
C SER C 91 35.82 9.92 -23.16
N PHE C 92 35.72 9.27 -24.33
CA PHE C 92 36.73 8.32 -24.80
C PHE C 92 37.38 8.85 -26.08
N GLU C 93 38.54 8.29 -26.43
CA GLU C 93 39.32 8.78 -27.59
C GLU C 93 39.45 7.74 -28.70
N ASP C 94 38.80 8.02 -29.84
CA ASP C 94 38.78 7.12 -31.00
C ASP C 94 38.42 5.68 -30.60
N GLU C 95 37.43 5.57 -29.73
CA GLU C 95 36.88 4.30 -29.27
C GLU C 95 35.38 4.45 -29.09
N LEU C 96 34.63 3.41 -29.46
CA LEU C 96 33.18 3.44 -29.33
C LEU C 96 32.73 2.57 -28.17
N VAL C 97 31.89 3.12 -27.29
CA VAL C 97 31.41 2.34 -26.15
C VAL C 97 30.03 1.81 -26.46
N TYR C 98 29.99 0.65 -27.10
CA TYR C 98 28.73 0.01 -27.45
C TYR C 98 28.04 -0.46 -26.18
N ALA C 99 28.85 -0.84 -25.20
CA ALA C 99 28.39 -1.07 -23.84
C ALA C 99 29.66 -1.25 -23.00
N ASP C 100 29.58 -1.06 -21.68
CA ASP C 100 30.79 -1.02 -20.84
C ASP C 100 31.78 -2.17 -21.07
N ASP C 101 31.24 -3.36 -21.35
CA ASP C 101 32.05 -4.55 -21.62
C ASP C 101 32.39 -4.76 -23.09
N TYR C 102 31.87 -3.91 -23.96
CA TYR C 102 32.16 -4.01 -25.39
C TYR C 102 32.56 -2.68 -26.02
N ILE C 103 33.87 -2.42 -26.05
CA ILE C 103 34.41 -1.15 -26.53
C ILE C 103 35.30 -1.39 -27.74
N MET C 104 34.99 -0.75 -28.87
CA MET C 104 35.74 -0.98 -30.13
C MET C 104 36.74 0.12 -30.49
N ASP C 105 38.01 -0.25 -30.52
CA ASP C 105 39.08 0.63 -31.01
C ASP C 105 39.24 0.46 -32.52
N GLU C 106 40.18 1.17 -33.12
CA GLU C 106 40.41 1.05 -34.56
C GLU C 106 40.60 -0.44 -34.97
N ASP C 107 41.51 -1.13 -34.28
CA ASP C 107 41.90 -2.50 -34.67
C ASP C 107 40.71 -3.47 -34.73
N GLN C 108 39.81 -3.38 -33.75
CA GLN C 108 38.62 -4.24 -33.70
C GLN C 108 37.58 -3.86 -34.75
N SER C 109 37.45 -2.56 -35.03
CA SER C 109 36.61 -2.11 -36.15
C SER C 109 37.13 -2.67 -37.47
N LYS C 110 38.45 -2.65 -37.65
CA LYS C 110 39.07 -3.28 -38.82
C LYS C 110 38.69 -4.76 -38.87
N LEU C 111 38.81 -5.46 -37.74
CA LEU C 111 38.54 -6.88 -37.71
C LEU C 111 37.09 -7.18 -38.02
N ALA C 112 36.18 -6.26 -37.67
CA ALA C 112 34.74 -6.50 -37.82
C ALA C 112 34.18 -6.08 -39.18
N GLY C 113 34.97 -5.33 -39.96
CA GLY C 113 34.52 -4.74 -41.23
C GLY C 113 33.70 -3.48 -41.05
N LEU C 114 33.68 -2.95 -39.83
CA LEU C 114 32.88 -1.78 -39.51
C LEU C 114 33.72 -0.52 -39.46
N LEU C 115 34.88 -0.52 -40.10
CA LEU C 115 35.82 0.60 -39.99
C LEU C 115 35.22 1.91 -40.46
N ASP C 116 34.56 1.90 -41.62
CA ASP C 116 34.02 3.14 -42.22
C ASP C 116 32.73 3.57 -41.54
N LEU C 117 31.96 2.60 -41.09
CA LEU C 117 30.74 2.86 -40.34
C LEU C 117 31.10 3.43 -38.97
N ASN C 118 32.02 2.77 -38.28
CA ASN C 118 32.45 3.23 -36.96
C ASN C 118 33.15 4.57 -37.03
N ASN C 119 33.93 4.81 -38.09
CA ASN C 119 34.53 6.15 -38.34
C ASN C 119 33.45 7.18 -38.56
N ALA C 120 32.42 6.84 -39.33
CA ALA C 120 31.28 7.73 -39.52
C ALA C 120 30.62 8.11 -38.18
N ILE C 121 30.44 7.12 -37.30
CA ILE C 121 29.90 7.36 -35.96
C ILE C 121 30.85 8.22 -35.13
N LEU C 122 32.16 8.02 -35.30
CA LEU C 122 33.16 8.83 -34.61
C LEU C 122 33.06 10.28 -35.02
N GLN C 123 32.65 10.52 -36.26
CA GLN C 123 32.47 11.88 -36.75
C GLN C 123 31.41 12.56 -35.87
N LEU C 124 30.38 11.80 -35.51
CA LEU C 124 29.31 12.30 -34.63
C LEU C 124 29.80 12.61 -33.24
N VAL C 125 30.71 11.76 -32.74
CA VAL C 125 31.32 12.00 -31.44
C VAL C 125 32.13 13.29 -31.52
N LYS C 126 33.05 13.39 -32.47
CA LYS C 126 33.88 14.58 -32.62
C LYS C 126 33.05 15.85 -32.45
N LYS C 127 31.96 15.94 -33.20
CA LYS C 127 31.13 17.13 -33.19
C LYS C 127 30.56 17.42 -31.79
N TYR C 128 29.85 16.47 -31.21
CA TYR C 128 29.25 16.66 -29.89
C TYR C 128 30.29 16.92 -28.77
N LYS C 129 31.47 16.29 -28.88
CA LYS C 129 32.59 16.56 -27.99
C LYS C 129 32.95 18.05 -28.03
N SER C 130 32.92 18.63 -29.22
CA SER C 130 33.22 20.05 -29.39
C SER C 130 32.23 20.93 -28.68
N MET C 131 31.00 20.45 -28.55
CA MET C 131 29.94 21.21 -27.92
C MET C 131 29.79 20.87 -26.46
N LYS C 132 30.44 19.80 -26.00
CA LYS C 132 30.34 19.32 -24.61
C LYS C 132 28.90 18.90 -24.28
N LEU C 133 28.37 17.99 -25.10
CA LEU C 133 26.98 17.54 -24.97
C LEU C 133 26.67 17.03 -23.58
N GLU C 134 25.67 17.64 -22.93
CA GLU C 134 25.24 17.25 -21.57
C GLU C 134 24.11 16.23 -21.67
N LYS C 135 23.88 15.49 -20.59
CA LYS C 135 22.92 14.39 -20.63
C LYS C 135 21.50 14.87 -20.96
N GLU C 136 21.08 15.95 -20.28
CA GLU C 136 19.77 16.58 -20.49
C GLU C 136 19.49 16.81 -21.97
N GLU C 137 20.55 17.12 -22.69
CA GLU C 137 20.55 17.36 -24.14
C GLU C 137 20.54 16.07 -24.95
N PHE C 138 21.27 15.07 -24.49
CA PHE C 138 21.25 13.77 -25.14
C PHE C 138 19.84 13.22 -25.19
N VAL C 139 19.25 13.04 -24.00
CA VAL C 139 17.94 12.42 -23.82
C VAL C 139 16.85 13.10 -24.62
N THR C 140 16.94 14.43 -24.71
CA THR C 140 15.94 15.21 -25.43
C THR C 140 16.21 15.10 -26.91
N LEU C 141 17.47 14.95 -27.30
CA LEU C 141 17.78 14.72 -28.71
C LEU C 141 17.24 13.37 -29.12
N LYS C 142 17.39 12.36 -28.27
CA LYS C 142 16.81 11.05 -28.59
C LYS C 142 15.31 11.20 -28.80
N ALA C 143 14.66 11.87 -27.84
CA ALA C 143 13.21 12.10 -27.93
C ALA C 143 12.83 12.83 -29.26
N ILE C 144 13.63 13.83 -29.64
CA ILE C 144 13.41 14.59 -30.86
C ILE C 144 13.66 13.77 -32.13
N ALA C 145 14.73 12.99 -32.16
CA ALA C 145 15.04 12.15 -33.32
C ALA C 145 13.88 11.20 -33.68
N LEU C 146 13.29 10.59 -32.64
CA LEU C 146 12.05 9.80 -32.75
C LEU C 146 10.89 10.62 -33.28
N ALA C 147 10.62 11.75 -32.66
CA ALA C 147 9.47 12.57 -33.06
C ALA C 147 9.60 13.16 -34.48
N ASN C 148 10.83 13.55 -34.83
CA ASN C 148 11.15 14.18 -36.11
C ASN C 148 11.66 13.20 -37.17
N SER C 149 11.25 11.94 -37.04
CA SER C 149 11.78 10.84 -37.88
C SER C 149 11.25 10.76 -39.32
N ASP C 150 10.31 11.64 -39.69
CA ASP C 150 9.88 11.82 -41.09
C ASP C 150 9.41 10.56 -41.83
N SER C 151 8.69 9.70 -41.11
CA SER C 151 8.02 8.58 -41.74
C SER C 151 7.03 9.12 -42.79
N MET C 152 6.81 8.34 -43.84
CA MET C 152 5.90 8.73 -44.90
C MET C 152 4.51 8.18 -44.58
N HIS C 153 4.39 7.47 -43.46
CA HIS C 153 3.26 6.60 -43.18
C HIS C 153 2.40 7.08 -42.02
N ILE C 154 2.50 8.36 -41.69
CA ILE C 154 1.82 8.93 -40.52
C ILE C 154 0.33 9.19 -40.76
N GLU C 155 -0.49 8.66 -39.86
CA GLU C 155 -1.91 8.93 -39.85
C GLU C 155 -2.17 10.37 -39.43
N ASP C 156 -1.67 10.72 -38.25
CA ASP C 156 -1.98 11.99 -37.60
C ASP C 156 -0.75 12.89 -37.63
N VAL C 157 -0.72 13.78 -38.60
CA VAL C 157 0.44 14.65 -38.82
C VAL C 157 0.46 15.79 -37.82
N GLU C 158 -0.71 16.43 -37.68
CA GLU C 158 -0.96 17.49 -36.70
C GLU C 158 -0.43 17.07 -35.31
N ALA C 159 -0.71 15.83 -34.92
CA ALA C 159 -0.34 15.34 -33.60
C ALA C 159 1.18 15.11 -33.48
N VAL C 160 1.78 14.48 -34.49
CA VAL C 160 3.21 14.23 -34.52
C VAL C 160 3.97 15.57 -34.54
N GLN C 161 3.40 16.55 -35.24
CA GLN C 161 3.97 17.88 -35.29
C GLN C 161 3.87 18.52 -33.92
N LYS C 162 2.72 18.35 -33.27
CA LYS C 162 2.55 18.91 -31.94
C LYS C 162 3.65 18.36 -31.01
N LEU C 163 3.91 17.06 -31.13
CA LEU C 163 4.90 16.32 -30.32
C LEU C 163 6.31 16.84 -30.53
N GLN C 164 6.66 17.07 -31.79
CA GLN C 164 7.91 17.75 -32.11
C GLN C 164 8.01 19.08 -31.37
N ASP C 165 6.97 19.91 -31.40
CA ASP C 165 7.02 21.23 -30.76
C ASP C 165 7.23 21.12 -29.26
N VAL C 166 6.50 20.22 -28.63
CA VAL C 166 6.59 20.03 -27.18
C VAL C 166 8.05 19.75 -26.77
N LEU C 167 8.65 18.75 -27.43
CA LEU C 167 10.06 18.38 -27.21
C LEU C 167 11.07 19.47 -27.66
N HIS C 168 10.77 20.16 -28.75
CA HIS C 168 11.60 21.25 -29.19
C HIS C 168 11.60 22.38 -28.12
N GLU C 169 10.40 22.73 -27.65
CA GLU C 169 10.25 23.73 -26.58
C GLU C 169 11.11 23.36 -25.39
N ALA C 170 11.07 22.09 -25.03
CA ALA C 170 11.85 21.59 -23.91
C ALA C 170 13.35 21.90 -24.09
N LEU C 171 13.89 21.54 -25.26
CA LEU C 171 15.28 21.87 -25.61
C LEU C 171 15.54 23.37 -25.49
N GLN C 172 14.67 24.16 -26.10
N GLN C 172 14.66 24.15 -26.10
CA GLN C 172 14.82 25.61 -26.13
CA GLN C 172 14.78 25.61 -26.14
C GLN C 172 14.69 26.23 -24.74
C GLN C 172 14.69 26.23 -24.75
N ASP C 173 13.85 25.63 -23.89
CA ASP C 173 13.68 26.12 -22.52
C ASP C 173 14.86 25.74 -21.65
N TYR C 174 15.39 24.52 -21.84
CA TYR C 174 16.62 24.10 -21.15
C TYR C 174 17.80 24.99 -21.52
N GLU C 175 18.05 25.07 -22.81
CA GLU C 175 19.19 25.84 -23.30
C GLU C 175 19.10 27.29 -22.89
N ALA C 176 17.88 27.78 -22.71
CA ALA C 176 17.64 29.14 -22.24
C ALA C 176 18.19 29.39 -20.82
N GLY C 177 17.81 28.54 -19.88
CA GLY C 177 18.18 28.70 -18.48
C GLY C 177 19.55 28.17 -18.10
N GLN C 178 20.03 27.18 -18.84
CA GLN C 178 21.32 26.55 -18.56
C GLN C 178 22.47 27.06 -19.43
N HIS C 179 22.15 27.59 -20.61
CA HIS C 179 23.20 28.04 -21.52
C HIS C 179 22.94 29.44 -22.02
N MET C 180 22.82 30.39 -21.10
CA MET C 180 22.69 31.79 -21.47
C MET C 180 23.83 32.24 -22.37
N GLU C 181 25.05 31.77 -22.08
CA GLU C 181 26.27 32.22 -22.79
C GLU C 181 26.23 32.04 -24.31
N ASP C 182 25.46 31.03 -24.77
CA ASP C 182 25.21 30.76 -26.18
C ASP C 182 23.71 30.82 -26.43
N PRO C 183 23.20 31.94 -27.01
CA PRO C 183 21.77 32.02 -27.29
C PRO C 183 21.33 31.21 -28.52
N ARG C 184 22.28 30.69 -29.29
CA ARG C 184 21.99 29.83 -30.44
C ARG C 184 22.51 28.39 -30.23
N ARG C 185 22.52 27.91 -29.00
CA ARG C 185 22.95 26.54 -28.77
C ARG C 185 21.96 25.52 -29.34
N ALA C 186 20.68 25.71 -29.05
CA ALA C 186 19.64 24.77 -29.48
C ALA C 186 19.70 24.55 -31.00
N GLY C 187 19.87 25.62 -31.76
CA GLY C 187 20.05 25.51 -33.21
C GLY C 187 21.27 24.69 -33.59
N LYS C 188 22.38 24.89 -32.87
CA LYS C 188 23.60 24.09 -33.06
C LYS C 188 23.33 22.61 -32.80
N MET C 189 22.47 22.35 -31.80
CA MET C 189 22.11 20.98 -31.44
C MET C 189 21.28 20.35 -32.54
N LEU C 190 20.18 21.02 -32.88
CA LEU C 190 19.31 20.56 -33.95
C LEU C 190 20.08 20.36 -35.27
N MET C 191 21.13 21.18 -35.48
CA MET C 191 21.94 21.10 -36.70
C MET C 191 22.80 19.84 -36.79
N THR C 192 22.92 19.10 -35.71
CA THR C 192 23.61 17.82 -35.74
C THR C 192 22.70 16.74 -36.29
N LEU C 193 21.39 16.94 -36.22
CA LEU C 193 20.41 15.93 -36.63
C LEU C 193 20.63 15.30 -38.02
N PRO C 194 20.92 16.11 -39.06
CA PRO C 194 21.06 15.50 -40.38
C PRO C 194 22.15 14.42 -40.44
N LEU C 195 23.29 14.65 -39.79
CA LEU C 195 24.35 13.65 -39.78
C LEU C 195 23.91 12.38 -39.04
N LEU C 196 23.04 12.56 -38.05
CA LEU C 196 22.47 11.40 -37.36
C LEU C 196 21.67 10.55 -38.34
N ARG C 197 20.88 11.23 -39.17
CA ARG C 197 20.08 10.60 -40.21
C ARG C 197 20.96 9.85 -41.22
N GLN C 198 21.93 10.57 -41.79
CA GLN C 198 22.87 10.01 -42.77
C GLN C 198 23.55 8.75 -42.25
N THR C 199 24.20 8.90 -41.11
CA THR C 199 24.92 7.82 -40.48
C THR C 199 23.99 6.64 -40.20
N SER C 200 22.81 6.91 -39.66
CA SER C 200 21.79 5.87 -39.45
C SER C 200 21.39 5.16 -40.75
N THR C 201 21.13 5.91 -41.82
CA THR C 201 20.83 5.29 -43.12
C THR C 201 21.93 4.30 -43.49
N LYS C 202 23.18 4.76 -43.47
CA LYS C 202 24.36 3.92 -43.74
C LYS C 202 24.39 2.65 -42.89
N ALA C 203 24.08 2.79 -41.60
CA ALA C 203 24.04 1.66 -40.67
C ALA C 203 23.01 0.64 -41.12
N VAL C 204 21.80 1.10 -41.43
CA VAL C 204 20.74 0.19 -41.86
C VAL C 204 21.16 -0.52 -43.14
N GLN C 205 21.69 0.23 -44.09
CA GLN C 205 22.13 -0.37 -45.35
C GLN C 205 23.22 -1.44 -45.15
N HIS C 206 24.29 -1.09 -44.45
CA HIS C 206 25.40 -2.03 -44.17
C HIS C 206 24.89 -3.36 -43.61
N PHE C 207 23.91 -3.29 -42.72
CA PHE C 207 23.29 -4.48 -42.14
C PHE C 207 22.60 -5.31 -43.23
N TYR C 208 21.77 -4.64 -44.03
CA TYR C 208 21.05 -5.32 -45.10
C TYR C 208 22.01 -5.79 -46.19
N ASN C 209 23.13 -5.09 -46.35
CA ASN C 209 24.17 -5.49 -47.30
C ASN C 209 24.86 -6.79 -46.93
N ILE C 210 24.96 -7.06 -45.64
CA ILE C 210 25.72 -8.24 -45.18
C ILE C 210 24.83 -9.40 -44.74
N LYS C 211 23.54 -9.14 -44.50
CA LYS C 211 22.56 -10.22 -44.38
C LYS C 211 22.47 -10.93 -45.73
N LEU C 212 22.28 -10.16 -46.80
CA LEU C 212 22.23 -10.71 -48.17
C LEU C 212 23.62 -11.12 -48.73
N GLU C 213 24.64 -11.15 -47.86
CA GLU C 213 25.97 -11.65 -48.18
C GLU C 213 26.29 -12.93 -47.37
N GLY C 214 25.33 -13.40 -46.59
CA GLY C 214 25.35 -14.73 -45.96
C GLY C 214 26.64 -15.35 -45.45
N LYS C 215 27.51 -14.54 -44.86
CA LYS C 215 28.77 -15.02 -44.27
C LYS C 215 28.63 -15.30 -42.76
N VAL C 216 27.58 -14.75 -42.14
CA VAL C 216 27.29 -15.01 -40.73
C VAL C 216 26.89 -16.48 -40.47
N PRO C 217 25.94 -17.03 -41.25
CA PRO C 217 25.62 -18.45 -41.09
C PRO C 217 26.81 -19.40 -41.28
N MET C 218 27.62 -19.17 -42.31
CA MET C 218 28.80 -20.01 -42.58
C MET C 218 29.60 -20.18 -41.29
N HIS C 219 30.08 -19.06 -40.76
CA HIS C 219 30.82 -19.04 -39.49
C HIS C 219 30.20 -19.97 -38.44
N LYS C 220 28.87 -20.07 -38.40
CA LYS C 220 28.23 -20.99 -37.46
C LYS C 220 28.55 -22.44 -37.80
N LEU C 221 28.40 -22.81 -39.07
CA LEU C 221 28.73 -24.16 -39.53
C LEU C 221 30.19 -24.48 -39.19
N PHE C 222 31.10 -23.61 -39.62
CA PHE C 222 32.54 -23.80 -39.43
C PHE C 222 32.89 -24.07 -37.96
N LEU C 223 32.55 -23.12 -37.10
CA LEU C 223 32.88 -23.17 -35.68
C LEU C 223 32.32 -24.42 -35.01
N GLU C 224 31.07 -24.77 -35.37
CA GLU C 224 30.45 -26.01 -34.86
C GLU C 224 31.33 -27.22 -35.16
N MET C 225 31.75 -27.34 -36.42
CA MET C 225 32.39 -28.56 -36.90
C MET C 225 33.89 -28.66 -36.62
N LEU C 226 34.54 -27.55 -36.29
CA LEU C 226 35.96 -27.58 -35.93
C LEU C 226 36.21 -28.11 -34.52
N GLU C 227 35.12 -28.33 -33.77
CA GLU C 227 35.22 -28.81 -32.39
C GLU C 227 33.99 -29.63 -32.01
N PRO D 5 -54.33 16.20 23.08
CA PRO D 5 -54.52 16.17 21.62
C PRO D 5 -54.47 14.73 21.07
N TYR D 6 -54.25 14.62 19.74
CA TYR D 6 -53.89 13.35 19.07
C TYR D 6 -52.57 13.57 18.34
N ASN D 7 -51.69 12.59 18.38
CA ASN D 7 -50.36 12.70 17.79
C ASN D 7 -50.21 11.68 16.67
N LYS D 8 -49.82 12.16 15.49
CA LYS D 8 -49.78 11.30 14.30
C LYS D 8 -48.83 10.11 14.47
N ILE D 9 -47.61 10.40 14.93
CA ILE D 9 -46.53 9.41 14.98
C ILE D 9 -46.71 8.35 16.08
N VAL D 10 -47.29 8.72 17.20
CA VAL D 10 -47.54 7.73 18.25
C VAL D 10 -48.67 6.79 17.86
N SER D 11 -49.71 7.33 17.23
CA SER D 11 -50.85 6.52 16.84
C SER D 11 -50.42 5.47 15.83
N HIS D 12 -49.50 5.84 14.93
CA HIS D 12 -48.96 4.87 13.99
C HIS D 12 -48.12 3.78 14.67
N LEU D 13 -47.31 4.16 15.68
CA LEU D 13 -46.51 3.19 16.43
C LEU D 13 -47.40 2.24 17.22
N LEU D 14 -48.48 2.80 17.79
CA LEU D 14 -49.48 2.00 18.50
C LEU D 14 -50.06 0.88 17.61
N VAL D 15 -50.39 1.19 16.37
CA VAL D 15 -50.91 0.17 15.43
C VAL D 15 -49.78 -0.66 14.82
N ALA D 16 -48.56 -0.12 14.81
CA ALA D 16 -47.37 -0.89 14.43
C ALA D 16 -46.98 -1.96 15.47
N GLU D 17 -47.40 -1.78 16.72
CA GLU D 17 -47.05 -2.69 17.80
C GLU D 17 -47.41 -4.13 17.44
N PRO D 18 -46.43 -5.05 17.54
CA PRO D 18 -46.66 -6.48 17.32
C PRO D 18 -47.70 -7.12 18.23
N GLU D 19 -48.09 -8.34 17.84
CA GLU D 19 -49.02 -9.17 18.61
C GLU D 19 -48.26 -10.08 19.56
N LYS D 20 -48.95 -10.55 20.60
CA LYS D 20 -48.37 -11.36 21.66
C LYS D 20 -47.67 -12.61 21.13
N ILE D 21 -46.40 -12.79 21.52
CA ILE D 21 -45.65 -14.00 21.19
C ILE D 21 -45.43 -14.83 22.44
N TYR D 22 -45.54 -16.14 22.28
CA TYR D 22 -45.57 -17.11 23.36
C TYR D 22 -44.30 -17.96 23.33
N ALA D 23 -43.75 -18.23 24.51
CA ALA D 23 -42.48 -18.96 24.64
C ALA D 23 -42.56 -20.45 24.31
N MET D 24 -43.77 -21.02 24.43
CA MET D 24 -43.99 -22.47 24.28
C MET D 24 -42.83 -23.29 24.83
N PRO D 25 -42.67 -23.30 26.16
CA PRO D 25 -41.62 -24.11 26.76
C PRO D 25 -41.97 -25.59 26.69
N ASP D 26 -41.01 -26.39 26.20
CA ASP D 26 -41.24 -27.82 25.97
C ASP D 26 -41.50 -28.56 27.28
N PRO D 27 -42.69 -29.17 27.42
CA PRO D 27 -43.02 -29.89 28.65
C PRO D 27 -42.36 -31.27 28.74
N THR D 28 -41.87 -31.79 27.61
CA THR D 28 -41.19 -33.09 27.58
C THR D 28 -39.79 -33.02 28.18
N VAL D 29 -39.15 -31.86 28.08
CA VAL D 29 -37.78 -31.66 28.56
C VAL D 29 -37.78 -31.26 30.04
N PRO D 30 -36.97 -31.96 30.87
CA PRO D 30 -36.98 -31.72 32.33
C PRO D 30 -36.37 -30.38 32.71
N ASP D 31 -37.00 -29.69 33.65
CA ASP D 31 -36.60 -28.34 34.07
C ASP D 31 -35.09 -28.23 34.33
N SER D 32 -34.44 -27.24 33.72
CA SER D 32 -32.98 -27.09 33.82
C SER D 32 -32.42 -25.76 33.32
N ASP D 33 -31.11 -25.60 33.50
CA ASP D 33 -30.34 -24.50 32.91
C ASP D 33 -30.54 -24.38 31.39
N ILE D 34 -30.12 -25.41 30.66
CA ILE D 34 -30.14 -25.39 29.19
C ILE D 34 -31.55 -25.04 28.67
N LYS D 35 -32.55 -25.70 29.24
CA LYS D 35 -33.96 -25.47 28.87
C LYS D 35 -34.30 -23.98 28.83
N ALA D 36 -34.22 -23.32 29.98
CA ALA D 36 -34.52 -21.89 30.08
C ALA D 36 -33.87 -21.09 28.95
N LEU D 37 -32.61 -21.41 28.69
CA LEU D 37 -31.82 -20.76 27.65
C LEU D 37 -32.29 -21.17 26.25
N THR D 38 -32.44 -22.47 26.00
CA THR D 38 -32.96 -22.93 24.72
C THR D 38 -34.29 -22.26 24.36
N THR D 39 -35.13 -22.01 25.37
CA THR D 39 -36.43 -21.35 25.17
C THR D 39 -36.31 -19.85 24.87
N LEU D 40 -35.51 -19.14 25.67
CA LEU D 40 -35.30 -17.70 25.49
C LEU D 40 -34.64 -17.39 24.15
N CYS D 41 -33.74 -18.27 23.71
CA CYS D 41 -33.08 -18.13 22.41
C CYS D 41 -34.10 -18.21 21.28
N ASP D 42 -34.86 -19.30 21.25
CA ASP D 42 -35.92 -19.47 20.27
C ASP D 42 -36.97 -18.34 20.39
N LEU D 43 -37.27 -17.92 21.62
CA LEU D 43 -38.20 -16.81 21.84
C LEU D 43 -37.68 -15.53 21.20
N ALA D 44 -36.47 -15.14 21.58
CA ALA D 44 -35.81 -13.95 21.01
C ALA D 44 -35.75 -14.05 19.48
N ASP D 45 -35.33 -15.22 19.00
CA ASP D 45 -35.27 -15.49 17.56
C ASP D 45 -36.59 -15.20 16.84
N ARG D 46 -37.69 -15.66 17.43
CA ARG D 46 -39.01 -15.44 16.84
C ARG D 46 -39.46 -13.98 17.02
N GLU D 47 -39.12 -13.39 18.16
CA GLU D 47 -39.43 -11.98 18.40
C GLU D 47 -38.75 -11.06 17.38
N LEU D 48 -37.47 -11.29 17.13
CA LEU D 48 -36.70 -10.49 16.17
C LEU D 48 -37.40 -10.35 14.83
N VAL D 49 -37.94 -11.45 14.31
CA VAL D 49 -38.64 -11.40 13.03
C VAL D 49 -39.70 -10.30 13.00
N VAL D 50 -40.56 -10.24 14.00
CA VAL D 50 -41.61 -9.22 14.01
C VAL D 50 -41.06 -7.85 14.43
N ILE D 51 -39.92 -7.84 15.12
CA ILE D 51 -39.22 -6.58 15.46
C ILE D 51 -38.70 -5.90 14.19
N ILE D 52 -38.20 -6.70 13.25
CA ILE D 52 -37.69 -6.17 11.98
C ILE D 52 -38.84 -5.61 11.17
N GLY D 53 -39.90 -6.41 11.03
CA GLY D 53 -41.13 -5.97 10.37
C GLY D 53 -41.70 -4.73 11.03
N TRP D 54 -41.69 -4.72 12.36
CA TRP D 54 -42.06 -3.54 13.14
C TRP D 54 -41.22 -2.31 12.77
N ALA D 55 -39.90 -2.47 12.72
CA ALA D 55 -38.97 -1.39 12.40
C ALA D 55 -39.33 -0.65 11.11
N LYS D 56 -39.79 -1.38 10.08
CA LYS D 56 -40.15 -0.78 8.79
C LYS D 56 -41.30 0.21 8.94
N HIS D 57 -42.22 -0.08 9.85
CA HIS D 57 -43.38 0.78 10.11
C HIS D 57 -43.04 2.07 10.90
N ILE D 58 -41.81 2.20 11.41
CA ILE D 58 -41.42 3.44 12.07
C ILE D 58 -41.30 4.54 11.01
N PRO D 59 -42.02 5.66 11.17
CA PRO D 59 -41.93 6.75 10.20
C PRO D 59 -40.48 7.16 9.92
N GLY D 60 -40.07 7.13 8.67
CA GLY D 60 -38.73 7.56 8.26
C GLY D 60 -37.71 6.44 8.15
N PHE D 61 -37.90 5.38 8.94
CA PHE D 61 -36.94 4.28 8.99
C PHE D 61 -36.74 3.69 7.61
N SER D 62 -37.83 3.42 6.91
CA SER D 62 -37.75 2.78 5.58
C SER D 62 -37.17 3.68 4.47
N THR D 63 -37.03 4.98 4.71
CA THR D 63 -36.35 5.84 3.74
C THR D 63 -34.83 5.89 3.97
N LEU D 64 -34.35 5.27 5.03
CA LEU D 64 -32.91 5.10 5.24
C LEU D 64 -32.36 4.05 4.27
N SER D 65 -31.04 4.09 4.06
CA SER D 65 -30.36 3.11 3.21
C SER D 65 -30.44 1.74 3.89
N LEU D 66 -30.49 0.67 3.10
CA LEU D 66 -30.47 -0.68 3.67
C LEU D 66 -29.29 -0.85 4.63
N ALA D 67 -28.12 -0.33 4.24
CA ALA D 67 -26.93 -0.32 5.11
C ALA D 67 -27.16 0.32 6.48
N ASP D 68 -27.94 1.41 6.51
CA ASP D 68 -28.24 2.09 7.79
C ASP D 68 -29.36 1.40 8.56
N GLN D 69 -30.42 0.98 7.87
CA GLN D 69 -31.49 0.23 8.51
C GLN D 69 -30.92 -0.97 9.27
N MET D 70 -29.90 -1.59 8.69
CA MET D 70 -29.20 -2.73 9.27
C MET D 70 -28.39 -2.31 10.47
N SER D 71 -27.51 -1.32 10.26
CA SER D 71 -26.66 -0.81 11.32
C SER D 71 -27.46 -0.47 12.57
N LEU D 72 -28.54 0.30 12.41
CA LEU D 72 -29.41 0.63 13.52
C LEU D 72 -29.93 -0.63 14.16
N LEU D 73 -30.42 -1.56 13.35
CA LEU D 73 -30.89 -2.83 13.90
C LEU D 73 -29.75 -3.68 14.48
N GLN D 74 -28.61 -3.76 13.81
CA GLN D 74 -27.50 -4.54 14.36
C GLN D 74 -27.07 -4.00 15.71
N SER D 75 -27.22 -2.68 15.91
CA SER D 75 -26.95 -2.05 17.21
C SER D 75 -28.06 -2.30 18.24
N ALA D 76 -29.31 -2.04 17.86
CA ALA D 76 -30.37 -1.85 18.84
C ALA D 76 -31.06 -3.12 19.33
N TRP D 77 -30.99 -4.21 18.57
CA TRP D 77 -31.91 -5.33 18.73
C TRP D 77 -32.13 -5.79 20.17
N MET D 78 -31.05 -6.00 20.91
CA MET D 78 -31.18 -6.46 22.30
C MET D 78 -31.91 -5.45 23.18
N GLU D 79 -31.64 -4.16 22.95
CA GLU D 79 -32.32 -3.08 23.66
C GLU D 79 -33.84 -3.14 23.44
N ILE D 80 -34.25 -3.49 22.23
CA ILE D 80 -35.66 -3.58 21.89
C ILE D 80 -36.30 -4.82 22.51
N LEU D 81 -35.54 -5.91 22.61
CA LEU D 81 -36.02 -7.08 23.33
C LEU D 81 -36.23 -6.78 24.81
N ILE D 82 -35.21 -6.20 25.42
CA ILE D 82 -35.17 -5.98 26.86
C ILE D 82 -36.24 -4.99 27.31
N LEU D 83 -36.44 -3.93 26.53
CA LEU D 83 -37.50 -2.98 26.80
C LEU D 83 -38.86 -3.68 26.70
N GLY D 84 -38.98 -4.51 25.66
CA GLY D 84 -40.08 -5.47 25.53
C GLY D 84 -40.43 -6.15 26.83
N VAL D 85 -39.54 -7.01 27.33
CA VAL D 85 -39.83 -7.70 28.59
C VAL D 85 -40.08 -6.70 29.73
N VAL D 86 -39.26 -5.66 29.85
CA VAL D 86 -39.45 -4.65 30.90
C VAL D 86 -40.91 -4.19 30.93
N TYR D 87 -41.45 -3.83 29.76
CA TYR D 87 -42.82 -3.35 29.70
C TYR D 87 -43.83 -4.40 30.18
N ARG D 88 -43.74 -5.60 29.63
CA ARG D 88 -44.70 -6.64 30.00
C ARG D 88 -44.64 -6.98 31.50
N SER D 89 -43.54 -6.60 32.14
CA SER D 89 -43.32 -6.89 33.56
C SER D 89 -43.78 -5.79 34.54
N LEU D 90 -44.33 -4.68 34.03
CA LEU D 90 -44.63 -3.51 34.87
C LEU D 90 -45.63 -3.77 36.00
N SER D 91 -46.69 -4.53 35.73
CA SER D 91 -47.71 -4.77 36.75
C SER D 91 -47.41 -5.98 37.65
N PHE D 92 -46.20 -6.54 37.55
CA PHE D 92 -45.78 -7.68 38.36
C PHE D 92 -44.77 -7.25 39.42
N GLU D 93 -44.63 -8.08 40.46
CA GLU D 93 -43.72 -7.86 41.58
C GLU D 93 -42.57 -8.86 41.52
N ASP D 94 -41.35 -8.38 41.33
CA ASP D 94 -40.15 -9.23 41.35
C ASP D 94 -40.25 -10.47 40.43
N GLU D 95 -40.95 -10.30 39.30
CA GLU D 95 -41.09 -11.34 38.28
C GLU D 95 -40.93 -10.69 36.92
N LEU D 96 -40.43 -11.45 35.95
CA LEU D 96 -40.23 -10.96 34.58
C LEU D 96 -41.06 -11.79 33.60
N VAL D 97 -41.80 -11.09 32.74
CA VAL D 97 -42.74 -11.73 31.82
C VAL D 97 -42.17 -11.77 30.40
N TYR D 98 -41.32 -12.75 30.13
CA TYR D 98 -40.75 -12.93 28.79
C TYR D 98 -41.84 -13.31 27.80
N ALA D 99 -42.86 -13.98 28.33
CA ALA D 99 -44.10 -14.23 27.61
C ALA D 99 -45.16 -14.57 28.66
N ASP D 100 -46.42 -14.65 28.23
CA ASP D 100 -47.50 -15.05 29.14
C ASP D 100 -47.31 -16.48 29.68
N ASP D 101 -46.72 -17.37 28.88
CA ASP D 101 -46.49 -18.77 29.26
C ASP D 101 -45.05 -19.04 29.76
N TYR D 102 -44.29 -17.98 30.00
CA TYR D 102 -42.97 -18.12 30.60
C TYR D 102 -42.63 -16.87 31.44
N ILE D 103 -42.84 -17.01 32.76
CA ILE D 103 -42.62 -15.94 33.73
C ILE D 103 -41.51 -16.34 34.70
N MET D 104 -40.50 -15.48 34.84
CA MET D 104 -39.33 -15.80 35.68
C MET D 104 -39.29 -14.99 36.98
N ASP D 105 -39.22 -15.71 38.09
CA ASP D 105 -39.02 -15.15 39.41
C ASP D 105 -37.60 -15.47 39.85
N GLU D 106 -37.23 -14.97 41.03
CA GLU D 106 -35.86 -15.11 41.52
C GLU D 106 -35.34 -16.55 41.40
N ASP D 107 -36.14 -17.52 41.83
CA ASP D 107 -35.67 -18.90 41.97
C ASP D 107 -35.51 -19.63 40.64
N GLN D 108 -36.29 -19.24 39.63
CA GLN D 108 -36.08 -19.73 38.27
C GLN D 108 -34.84 -19.09 37.66
N SER D 109 -34.70 -17.79 37.90
CA SER D 109 -33.55 -17.04 37.44
C SER D 109 -32.25 -17.51 38.12
N LYS D 110 -32.38 -18.14 39.29
CA LYS D 110 -31.24 -18.82 39.91
C LYS D 110 -30.85 -20.07 39.12
N LEU D 111 -31.83 -20.85 38.70
CA LEU D 111 -31.59 -22.11 37.98
C LEU D 111 -30.98 -21.90 36.59
N ALA D 112 -31.41 -20.83 35.92
CA ALA D 112 -30.87 -20.48 34.60
C ALA D 112 -29.54 -19.72 34.71
N GLY D 113 -29.16 -19.31 35.91
CA GLY D 113 -27.92 -18.58 36.14
C GLY D 113 -27.96 -17.17 35.57
N LEU D 114 -29.16 -16.59 35.56
CA LEU D 114 -29.41 -15.26 35.00
C LEU D 114 -29.72 -14.24 36.10
N LEU D 115 -29.43 -14.57 37.35
CA LEU D 115 -29.78 -13.71 38.49
C LEU D 115 -29.30 -12.29 38.27
N ASP D 116 -28.01 -12.14 37.96
CA ASP D 116 -27.39 -10.84 37.81
C ASP D 116 -28.04 -10.08 36.66
N LEU D 117 -28.30 -10.80 35.57
CA LEU D 117 -28.83 -10.19 34.34
C LEU D 117 -30.30 -9.79 34.46
N ASN D 118 -31.11 -10.65 35.06
CA ASN D 118 -32.53 -10.36 35.30
C ASN D 118 -32.68 -9.27 36.38
N ASN D 119 -31.85 -9.32 37.42
CA ASN D 119 -31.87 -8.28 38.45
C ASN D 119 -31.60 -6.93 37.85
N ALA D 120 -30.73 -6.89 36.86
CA ALA D 120 -30.47 -5.68 36.09
C ALA D 120 -31.76 -5.30 35.35
N ILE D 121 -32.34 -6.26 34.64
CA ILE D 121 -33.59 -6.01 33.92
C ILE D 121 -34.69 -5.49 34.86
N LEU D 122 -34.66 -5.92 36.11
CA LEU D 122 -35.64 -5.49 37.09
C LEU D 122 -35.39 -4.08 37.62
N GLN D 123 -34.14 -3.63 37.54
CA GLN D 123 -33.82 -2.27 37.90
C GLN D 123 -34.55 -1.33 36.95
N LEU D 124 -34.66 -1.74 35.68
CA LEU D 124 -35.34 -0.95 34.67
C LEU D 124 -36.85 -0.98 34.87
N VAL D 125 -37.37 -2.16 35.21
CA VAL D 125 -38.77 -2.30 35.55
C VAL D 125 -39.09 -1.40 36.74
N LYS D 126 -38.30 -1.54 37.80
CA LYS D 126 -38.46 -0.77 39.04
C LYS D 126 -38.57 0.72 38.76
N LYS D 127 -37.80 1.20 37.78
CA LYS D 127 -37.82 2.61 37.46
C LYS D 127 -39.11 2.98 36.73
N TYR D 128 -39.38 2.35 35.60
CA TYR D 128 -40.56 2.70 34.81
C TYR D 128 -41.87 2.61 35.64
N LYS D 129 -41.92 1.66 36.59
CA LYS D 129 -43.04 1.55 37.52
C LYS D 129 -43.28 2.88 38.24
N SER D 130 -42.19 3.45 38.77
CA SER D 130 -42.26 4.71 39.51
C SER D 130 -42.90 5.76 38.64
N MET D 131 -42.52 5.79 37.37
CA MET D 131 -42.95 6.82 36.44
C MET D 131 -44.35 6.60 35.89
N LYS D 132 -44.94 5.43 36.14
CA LYS D 132 -46.24 5.05 35.56
C LYS D 132 -46.14 5.06 34.03
N LEU D 133 -45.13 4.36 33.52
CA LEU D 133 -44.90 4.28 32.07
C LEU D 133 -46.15 3.75 31.37
N GLU D 134 -46.49 4.39 30.27
CA GLU D 134 -47.71 4.15 29.53
C GLU D 134 -47.33 3.62 28.16
N LYS D 135 -48.23 2.90 27.51
CA LYS D 135 -47.92 2.23 26.24
C LYS D 135 -47.49 3.24 25.17
N GLU D 136 -48.11 4.42 25.16
CA GLU D 136 -47.77 5.45 24.21
C GLU D 136 -46.31 5.84 24.33
N GLU D 137 -45.75 5.66 25.53
CA GLU D 137 -44.38 6.05 25.86
C GLU D 137 -43.41 4.89 25.65
N PHE D 138 -43.87 3.70 25.98
CA PHE D 138 -43.16 2.46 25.66
C PHE D 138 -42.80 2.45 24.18
N VAL D 139 -43.82 2.49 23.32
CA VAL D 139 -43.63 2.36 21.87
C VAL D 139 -42.75 3.45 21.32
N THR D 140 -42.92 4.68 21.79
CA THR D 140 -42.16 5.81 21.29
C THR D 140 -40.72 5.63 21.74
N LEU D 141 -40.51 5.16 22.97
CA LEU D 141 -39.16 4.90 23.48
C LEU D 141 -38.43 3.75 22.75
N LYS D 142 -39.12 2.66 22.42
CA LYS D 142 -38.51 1.61 21.60
C LYS D 142 -37.97 2.21 20.31
N ALA D 143 -38.79 3.08 19.70
CA ALA D 143 -38.43 3.66 18.43
C ALA D 143 -37.16 4.47 18.59
N ILE D 144 -37.14 5.34 19.60
CA ILE D 144 -36.01 6.20 19.90
C ILE D 144 -34.71 5.41 20.13
N ALA D 145 -34.80 4.29 20.83
CA ALA D 145 -33.61 3.52 21.11
C ALA D 145 -33.01 3.05 19.80
N LEU D 146 -33.84 2.50 18.92
CA LEU D 146 -33.41 2.09 17.60
C LEU D 146 -32.71 3.21 16.85
N ALA D 147 -33.28 4.42 16.92
CA ALA D 147 -32.75 5.55 16.16
C ALA D 147 -31.50 6.14 16.80
N ASN D 148 -31.42 6.06 18.13
CA ASN D 148 -30.30 6.61 18.89
C ASN D 148 -29.32 5.51 19.32
N SER D 149 -29.17 4.48 18.49
CA SER D 149 -28.37 3.31 18.89
C SER D 149 -26.84 3.45 18.66
N ASP D 150 -26.41 4.65 18.22
CA ASP D 150 -24.99 5.05 18.27
C ASP D 150 -24.08 4.10 17.52
N SER D 151 -24.51 3.66 16.36
CA SER D 151 -23.72 2.78 15.51
C SER D 151 -22.50 3.51 14.94
N MET D 152 -21.43 2.76 14.76
CA MET D 152 -20.16 3.33 14.30
C MET D 152 -20.08 3.62 12.80
N HIS D 153 -20.86 2.90 11.99
N HIS D 153 -20.89 2.90 12.03
CA HIS D 153 -20.73 3.04 10.56
CA HIS D 153 -20.78 2.91 10.57
C HIS D 153 -22.07 3.34 9.89
C HIS D 153 -22.10 3.30 9.90
N ILE D 154 -22.64 4.47 10.29
CA ILE D 154 -23.82 5.02 9.61
C ILE D 154 -23.33 5.65 8.31
N GLU D 155 -24.06 5.39 7.23
CA GLU D 155 -23.75 6.01 5.96
C GLU D 155 -24.24 7.45 6.01
N ASP D 156 -25.56 7.63 6.13
CA ASP D 156 -26.17 8.95 6.18
C ASP D 156 -26.47 9.31 7.63
N VAL D 157 -25.65 10.20 8.19
CA VAL D 157 -25.82 10.63 9.58
C VAL D 157 -27.00 11.60 9.72
N GLU D 158 -27.09 12.56 8.79
CA GLU D 158 -28.17 13.57 8.81
C GLU D 158 -29.56 12.93 8.82
N ALA D 159 -29.76 11.98 7.91
CA ALA D 159 -31.04 11.26 7.80
C ALA D 159 -31.38 10.54 9.10
N VAL D 160 -30.38 9.89 9.69
CA VAL D 160 -30.56 9.23 10.97
C VAL D 160 -30.80 10.24 12.10
N GLN D 161 -30.14 11.41 12.06
CA GLN D 161 -30.40 12.47 13.07
C GLN D 161 -31.84 12.99 12.98
N LYS D 162 -32.28 13.27 11.75
CA LYS D 162 -33.64 13.74 11.49
C LYS D 162 -34.69 12.73 11.96
N LEU D 163 -34.42 11.46 11.74
CA LEU D 163 -35.28 10.42 12.28
C LEU D 163 -35.35 10.57 13.79
N GLN D 164 -34.18 10.69 14.43
CA GLN D 164 -34.09 10.91 15.87
C GLN D 164 -34.97 12.05 16.35
N ASP D 165 -34.94 13.18 15.65
CA ASP D 165 -35.77 14.31 16.05
C ASP D 165 -37.24 14.01 15.92
N VAL D 166 -37.65 13.53 14.75
CA VAL D 166 -39.05 13.26 14.50
C VAL D 166 -39.65 12.48 15.68
N LEU D 167 -38.92 11.47 16.15
CA LEU D 167 -39.35 10.61 17.27
C LEU D 167 -39.29 11.34 18.59
N HIS D 168 -38.17 12.02 18.82
CA HIS D 168 -38.02 12.91 19.96
C HIS D 168 -39.16 13.95 20.03
N GLU D 169 -39.41 14.65 18.94
CA GLU D 169 -40.50 15.63 18.87
C GLU D 169 -41.85 14.98 19.19
N ALA D 170 -41.99 13.71 18.85
CA ALA D 170 -43.24 12.99 19.15
C ALA D 170 -43.38 12.81 20.64
N LEU D 171 -42.32 12.33 21.28
CA LEU D 171 -42.32 12.17 22.73
C LEU D 171 -42.62 13.50 23.39
N GLN D 172 -41.90 14.52 22.96
CA GLN D 172 -42.02 15.87 23.50
C GLN D 172 -43.48 16.39 23.43
N ASP D 173 -44.09 16.30 22.25
CA ASP D 173 -45.48 16.74 22.03
C ASP D 173 -46.48 15.92 22.82
N TYR D 174 -46.25 14.62 22.88
CA TYR D 174 -47.09 13.74 23.67
C TYR D 174 -47.07 14.19 25.12
N GLU D 175 -45.87 14.36 25.68
CA GLU D 175 -45.75 14.74 27.08
C GLU D 175 -46.29 16.14 27.36
N ALA D 176 -46.13 17.05 26.40
CA ALA D 176 -46.67 18.40 26.50
C ALA D 176 -48.19 18.39 26.65
N GLY D 177 -48.83 17.40 26.04
CA GLY D 177 -50.29 17.32 26.03
C GLY D 177 -50.86 16.48 27.15
N GLN D 178 -50.30 15.29 27.35
CA GLN D 178 -50.85 14.30 28.29
C GLN D 178 -50.31 14.47 29.71
N HIS D 179 -49.22 15.22 29.84
CA HIS D 179 -48.52 15.37 31.11
C HIS D 179 -47.93 16.76 31.27
N MET D 180 -48.81 17.76 31.25
CA MET D 180 -48.40 19.13 31.56
C MET D 180 -48.02 19.24 33.02
N GLU D 181 -48.60 18.39 33.86
CA GLU D 181 -48.35 18.47 35.29
C GLU D 181 -46.88 18.22 35.64
N ASP D 182 -46.14 17.56 34.74
CA ASP D 182 -44.69 17.44 34.87
C ASP D 182 -44.00 17.91 33.60
N PRO D 183 -43.42 19.11 33.61
CA PRO D 183 -42.84 19.68 32.40
C PRO D 183 -41.53 19.02 31.98
N ARG D 184 -41.06 18.06 32.76
CA ARG D 184 -39.80 17.37 32.53
C ARG D 184 -40.00 15.87 32.38
N ARG D 185 -41.23 15.44 32.15
CA ARG D 185 -41.49 14.02 32.04
C ARG D 185 -40.73 13.42 30.86
N ALA D 186 -40.71 14.13 29.74
CA ALA D 186 -40.05 13.59 28.52
C ALA D 186 -38.57 13.39 28.79
N GLY D 187 -37.91 14.40 29.35
CA GLY D 187 -36.50 14.29 29.68
C GLY D 187 -36.26 13.11 30.58
N LYS D 188 -37.13 12.96 31.57
CA LYS D 188 -37.02 11.85 32.49
C LYS D 188 -37.04 10.55 31.71
N MET D 189 -37.91 10.46 30.69
CA MET D 189 -38.01 9.25 29.84
C MET D 189 -36.72 8.94 29.09
N LEU D 190 -36.13 9.98 28.50
CA LEU D 190 -34.89 9.83 27.78
C LEU D 190 -33.73 9.48 28.71
N MET D 191 -33.84 9.87 29.98
CA MET D 191 -32.76 9.62 30.95
C MET D 191 -32.69 8.19 31.44
N THR D 192 -33.61 7.34 30.95
CA THR D 192 -33.65 5.90 31.32
C THR D 192 -33.00 5.00 30.27
N LEU D 193 -32.56 5.60 29.17
CA LEU D 193 -31.94 4.85 28.08
C LEU D 193 -30.52 4.37 28.43
N PRO D 194 -29.73 5.22 29.12
CA PRO D 194 -28.40 4.74 29.52
C PRO D 194 -28.41 3.42 30.31
N LEU D 195 -29.42 3.21 31.14
CA LEU D 195 -29.53 1.94 31.84
C LEU D 195 -29.89 0.84 30.85
N LEU D 196 -30.81 1.15 29.94
CA LEU D 196 -31.26 0.18 28.96
C LEU D 196 -30.10 -0.24 28.09
N ARG D 197 -29.23 0.69 27.74
CA ARG D 197 -28.03 0.39 26.97
C ARG D 197 -27.04 -0.46 27.77
N GLN D 198 -26.73 0.00 28.98
CA GLN D 198 -25.90 -0.75 29.91
C GLN D 198 -26.36 -2.19 30.00
N THR D 199 -27.65 -2.37 30.29
CA THR D 199 -28.21 -3.71 30.50
C THR D 199 -28.20 -4.51 29.19
N SER D 200 -28.49 -3.82 28.08
CA SER D 200 -28.42 -4.43 26.77
C SER D 200 -27.04 -5.05 26.53
N THR D 201 -25.98 -4.28 26.75
CA THR D 201 -24.60 -4.76 26.52
C THR D 201 -24.27 -5.98 27.36
N LYS D 202 -24.67 -5.99 28.63
CA LYS D 202 -24.44 -7.15 29.50
C LYS D 202 -25.04 -8.40 28.90
N ALA D 203 -26.31 -8.31 28.50
CA ALA D 203 -27.06 -9.45 27.92
C ALA D 203 -26.32 -10.02 26.73
N VAL D 204 -25.99 -9.16 25.79
CA VAL D 204 -25.18 -9.55 24.63
C VAL D 204 -23.91 -10.30 25.06
N GLN D 205 -23.04 -9.63 25.82
CA GLN D 205 -21.82 -10.21 26.35
C GLN D 205 -22.16 -11.52 27.04
N HIS D 206 -23.14 -11.51 27.93
CA HIS D 206 -23.53 -12.74 28.60
C HIS D 206 -23.90 -13.83 27.61
N PHE D 207 -24.64 -13.47 26.57
CA PHE D 207 -25.01 -14.43 25.54
C PHE D 207 -23.78 -15.00 24.86
N TYR D 208 -22.87 -14.14 24.40
CA TYR D 208 -21.68 -14.61 23.68
C TYR D 208 -20.73 -15.36 24.61
N ASN D 209 -20.71 -14.97 25.88
CA ASN D 209 -19.91 -15.67 26.89
C ASN D 209 -20.37 -17.11 27.08
N ILE D 210 -21.68 -17.32 27.13
CA ILE D 210 -22.18 -18.68 27.38
C ILE D 210 -22.19 -19.58 26.15
N LYS D 211 -21.84 -19.03 24.97
CA LYS D 211 -21.61 -19.87 23.78
C LYS D 211 -20.38 -20.77 23.89
N LEU D 212 -19.75 -20.80 25.06
CA LEU D 212 -18.69 -21.75 25.38
C LEU D 212 -19.23 -22.82 26.36
N GLU D 213 -20.09 -22.39 27.28
CA GLU D 213 -20.83 -23.31 28.17
C GLU D 213 -21.80 -24.26 27.42
N TYR E 6 36.88 -19.89 15.14
CA TYR E 6 35.80 -19.40 14.23
C TYR E 6 35.77 -17.86 14.13
N ASN E 7 34.89 -17.26 14.94
CA ASN E 7 34.24 -16.02 14.63
C ASN E 7 34.18 -15.14 15.88
N LYS E 8 34.32 -13.84 15.70
CA LYS E 8 34.43 -12.94 16.84
C LYS E 8 33.10 -12.81 17.60
N ILE E 9 31.99 -12.82 16.85
CA ILE E 9 30.66 -12.59 17.42
C ILE E 9 30.11 -13.84 18.12
N VAL E 10 30.35 -15.01 17.53
CA VAL E 10 29.94 -16.28 18.14
C VAL E 10 30.69 -16.53 19.45
N SER E 11 32.00 -16.31 19.44
CA SER E 11 32.80 -16.35 20.65
C SER E 11 32.26 -15.39 21.71
N HIS E 12 31.93 -14.15 21.31
CA HIS E 12 31.43 -13.18 22.26
C HIS E 12 30.11 -13.62 22.88
N LEU E 13 29.25 -14.26 22.09
CA LEU E 13 27.99 -14.81 22.58
C LEU E 13 28.17 -16.02 23.50
N LEU E 14 29.20 -16.83 23.23
CA LEU E 14 29.51 -18.03 24.03
C LEU E 14 29.83 -17.66 25.45
N VAL E 15 30.61 -16.58 25.59
CA VAL E 15 31.06 -16.09 26.90
C VAL E 15 29.98 -15.29 27.61
N ALA E 16 29.09 -14.66 26.85
CA ALA E 16 27.94 -13.95 27.44
C ALA E 16 26.90 -14.89 28.04
N GLU E 17 26.95 -16.17 27.70
CA GLU E 17 25.94 -17.13 28.12
C GLU E 17 25.83 -17.11 29.62
N PRO E 18 24.62 -16.94 30.17
CA PRO E 18 24.45 -16.93 31.62
C PRO E 18 24.80 -18.29 32.24
N GLU E 19 25.10 -18.30 33.54
CA GLU E 19 25.36 -19.56 34.26
C GLU E 19 24.01 -20.22 34.59
N LYS E 20 24.03 -21.53 34.86
CA LYS E 20 22.82 -22.29 35.19
C LYS E 20 22.02 -21.62 36.30
N ILE E 21 20.70 -21.79 36.26
CA ILE E 21 19.82 -21.31 37.31
C ILE E 21 18.90 -22.46 37.74
N TYR E 22 18.56 -22.52 39.02
CA TYR E 22 17.81 -23.66 39.58
C TYR E 22 16.37 -23.31 39.99
N ALA E 23 15.45 -24.26 39.82
CA ALA E 23 14.05 -24.04 40.13
C ALA E 23 13.78 -24.10 41.63
N MET E 24 14.66 -24.81 42.34
CA MET E 24 14.55 -25.05 43.79
C MET E 24 13.11 -25.12 44.29
N PRO E 25 12.33 -26.08 43.75
CA PRO E 25 10.96 -26.21 44.24
C PRO E 25 10.95 -26.47 45.73
N ASP E 26 9.93 -25.97 46.42
CA ASP E 26 9.81 -26.25 47.86
C ASP E 26 9.37 -27.71 48.04
N PRO E 27 10.22 -28.54 48.65
CA PRO E 27 9.83 -29.95 48.81
C PRO E 27 8.72 -30.18 49.84
N THR E 28 8.51 -29.24 50.76
CA THR E 28 7.45 -29.36 51.76
C THR E 28 6.07 -29.27 51.13
N VAL E 29 5.94 -28.44 50.09
CA VAL E 29 4.67 -28.25 49.40
C VAL E 29 4.32 -29.47 48.56
N PRO E 30 3.21 -30.17 48.89
CA PRO E 30 2.77 -31.31 48.09
C PRO E 30 2.67 -31.00 46.60
N ASP E 31 2.99 -31.99 45.77
CA ASP E 31 2.91 -31.84 44.30
C ASP E 31 1.50 -31.49 43.85
N SER E 32 1.39 -30.58 42.88
CA SER E 32 0.10 -30.18 42.31
C SER E 32 0.25 -29.31 41.05
N ASP E 33 -0.88 -28.96 40.45
CA ASP E 33 -0.91 -27.99 39.34
C ASP E 33 -0.35 -26.63 39.78
N ILE E 34 -0.76 -26.14 40.94
CA ILE E 34 -0.39 -24.81 41.41
C ILE E 34 1.14 -24.67 41.53
N LYS E 35 1.73 -25.54 42.35
CA LYS E 35 3.19 -25.58 42.59
C LYS E 35 4.01 -25.58 41.28
N ALA E 36 3.67 -26.46 40.35
CA ALA E 36 4.37 -26.53 39.07
C ALA E 36 4.36 -25.16 38.42
N LEU E 37 3.17 -24.59 38.30
CA LEU E 37 3.01 -23.27 37.69
C LEU E 37 3.72 -22.21 38.55
N THR E 38 3.61 -22.32 39.87
CA THR E 38 4.33 -21.44 40.81
C THR E 38 5.85 -21.51 40.63
N THR E 39 6.40 -22.72 40.59
CA THR E 39 7.83 -22.94 40.40
C THR E 39 8.35 -22.42 39.06
N LEU E 40 7.53 -22.58 38.01
CA LEU E 40 7.92 -22.15 36.65
C LEU E 40 7.84 -20.65 36.47
N CYS E 41 6.89 -20.01 37.16
CA CYS E 41 6.84 -18.53 37.25
C CYS E 41 8.03 -17.94 37.96
N ASP E 42 8.43 -18.58 39.06
CA ASP E 42 9.56 -18.10 39.84
C ASP E 42 10.86 -18.27 39.07
N LEU E 43 10.91 -19.30 38.22
CA LEU E 43 12.12 -19.61 37.42
C LEU E 43 12.27 -18.63 36.26
N ALA E 44 11.19 -18.46 35.49
CA ALA E 44 11.16 -17.49 34.39
C ALA E 44 11.55 -16.10 34.89
N ASP E 45 10.93 -15.66 35.98
CA ASP E 45 11.23 -14.34 36.58
C ASP E 45 12.74 -14.16 36.76
N ARG E 46 13.39 -15.15 37.37
CA ARG E 46 14.82 -15.04 37.66
C ARG E 46 15.67 -15.27 36.42
N GLU E 47 15.18 -16.06 35.48
CA GLU E 47 15.84 -16.19 34.19
C GLU E 47 15.75 -14.87 33.43
N LEU E 48 14.59 -14.23 33.48
CA LEU E 48 14.37 -12.99 32.77
C LEU E 48 15.37 -11.92 33.19
N VAL E 49 15.74 -11.88 34.47
CA VAL E 49 16.73 -10.92 34.94
C VAL E 49 18.09 -11.16 34.28
N VAL E 50 18.56 -12.42 34.22
CA VAL E 50 19.85 -12.73 33.57
C VAL E 50 19.76 -12.61 32.06
N ILE E 51 18.56 -12.88 31.53
CA ILE E 51 18.33 -12.75 30.09
C ILE E 51 18.48 -11.30 29.67
N ILE E 52 17.88 -10.40 30.44
CA ILE E 52 18.00 -8.98 30.17
C ILE E 52 19.47 -8.53 30.22
N GLY E 53 20.19 -8.93 31.26
CA GLY E 53 21.63 -8.67 31.35
C GLY E 53 22.40 -9.20 30.15
N TRP E 54 21.94 -10.35 29.64
CA TRP E 54 22.54 -11.00 28.48
C TRP E 54 22.43 -10.18 27.19
N ALA E 55 21.23 -9.66 26.90
CA ALA E 55 20.99 -8.88 25.69
C ALA E 55 21.93 -7.69 25.59
N LYS E 56 22.23 -7.04 26.71
CA LYS E 56 23.21 -5.95 26.69
C LYS E 56 24.58 -6.38 26.12
N HIS E 57 24.94 -7.64 26.30
CA HIS E 57 26.22 -8.17 25.80
C HIS E 57 26.13 -8.70 24.37
N ILE E 58 24.98 -8.59 23.73
CA ILE E 58 24.92 -8.84 22.29
C ILE E 58 25.57 -7.64 21.58
N PRO E 59 26.43 -7.90 20.58
CA PRO E 59 27.04 -6.85 19.77
C PRO E 59 26.07 -5.94 19.01
N GLY E 60 25.90 -4.71 19.48
CA GLY E 60 25.06 -3.74 18.81
C GLY E 60 23.79 -3.39 19.56
N PHE E 61 23.29 -4.34 20.35
CA PHE E 61 22.07 -4.14 21.14
C PHE E 61 22.11 -2.82 21.93
N SER E 62 23.18 -2.64 22.69
CA SER E 62 23.32 -1.46 23.57
C SER E 62 23.42 -0.12 22.84
N THR E 63 23.58 -0.11 21.52
CA THR E 63 23.66 1.15 20.80
C THR E 63 22.29 1.59 20.26
N LEU E 64 21.31 0.69 20.28
CA LEU E 64 19.94 1.07 19.93
C LEU E 64 19.33 1.92 21.06
N SER E 65 18.20 2.56 20.77
CA SER E 65 17.53 3.39 21.77
C SER E 65 16.86 2.48 22.79
N LEU E 66 16.74 2.93 24.03
CA LEU E 66 16.05 2.14 25.05
C LEU E 66 14.68 1.66 24.59
N ALA E 67 13.93 2.52 23.91
CA ALA E 67 12.60 2.16 23.40
C ALA E 67 12.71 0.91 22.54
N ASP E 68 13.71 0.88 21.66
CA ASP E 68 13.93 -0.27 20.76
C ASP E 68 14.37 -1.54 21.49
N GLN E 69 15.14 -1.38 22.56
CA GLN E 69 15.68 -2.50 23.31
C GLN E 69 14.60 -3.19 24.10
N MET E 70 13.78 -2.38 24.77
CA MET E 70 12.58 -2.86 25.46
C MET E 70 11.64 -3.54 24.48
N SER E 71 11.47 -2.92 23.32
CA SER E 71 10.54 -3.43 22.32
C SER E 71 10.93 -4.85 21.91
N LEU E 72 12.19 -5.05 21.54
CA LEU E 72 12.65 -6.34 21.05
C LEU E 72 12.56 -7.41 22.12
N LEU E 73 12.85 -7.05 23.36
CA LEU E 73 12.74 -7.98 24.47
C LEU E 73 11.29 -8.27 24.74
N GLN E 74 10.47 -7.22 24.83
CA GLN E 74 9.04 -7.41 25.03
C GLN E 74 8.51 -8.38 23.99
N SER E 75 9.02 -8.30 22.76
CA SER E 75 8.62 -9.22 21.70
C SER E 75 9.20 -10.63 21.88
N ALA E 76 10.45 -10.73 22.29
CA ALA E 76 11.18 -11.99 22.17
C ALA E 76 11.25 -12.85 23.43
N TRP E 77 10.81 -12.32 24.58
CA TRP E 77 11.21 -12.92 25.85
C TRP E 77 10.82 -14.38 25.97
N MET E 78 9.65 -14.74 25.48
CA MET E 78 9.21 -16.10 25.62
C MET E 78 9.98 -17.03 24.72
N GLU E 79 10.31 -16.57 23.51
CA GLU E 79 11.11 -17.37 22.58
C GLU E 79 12.48 -17.70 23.17
N ILE E 80 13.10 -16.74 23.82
CA ILE E 80 14.40 -16.93 24.45
C ILE E 80 14.33 -17.86 25.65
N LEU E 81 13.20 -17.85 26.36
CA LEU E 81 13.01 -18.74 27.49
C LEU E 81 12.85 -20.17 26.99
N ILE E 82 11.94 -20.37 26.05
CA ILE E 82 11.61 -21.70 25.55
C ILE E 82 12.79 -22.31 24.82
N LEU E 83 13.46 -21.49 24.01
CA LEU E 83 14.67 -21.95 23.34
C LEU E 83 15.67 -22.47 24.37
N GLY E 84 15.79 -21.78 25.49
CA GLY E 84 16.62 -22.24 26.61
C GLY E 84 16.28 -23.65 27.08
N VAL E 85 15.02 -23.89 27.45
CA VAL E 85 14.65 -25.23 27.89
C VAL E 85 14.83 -26.24 26.76
N VAL E 86 14.51 -25.85 25.53
CA VAL E 86 14.73 -26.74 24.37
C VAL E 86 16.20 -27.19 24.32
N TYR E 87 17.14 -26.26 24.45
CA TYR E 87 18.57 -26.61 24.39
C TYR E 87 19.07 -27.51 25.53
N ARG E 88 18.68 -27.20 26.76
CA ARG E 88 19.01 -28.01 27.93
C ARG E 88 18.40 -29.40 27.84
N SER E 89 17.34 -29.54 27.04
CA SER E 89 16.65 -30.81 26.89
C SER E 89 17.24 -31.74 25.82
N LEU E 90 18.22 -31.26 25.04
CA LEU E 90 18.70 -31.98 23.85
C LEU E 90 19.18 -33.41 24.05
N SER E 91 19.90 -33.70 25.14
CA SER E 91 20.43 -35.05 25.36
C SER E 91 19.51 -35.93 26.22
N PHE E 92 18.21 -35.60 26.22
CA PHE E 92 17.20 -36.30 27.00
C PHE E 92 16.08 -36.79 26.09
N GLU E 93 15.40 -37.86 26.52
CA GLU E 93 14.33 -38.51 25.75
C GLU E 93 12.96 -38.16 26.29
N ASP E 94 12.19 -37.38 25.55
CA ASP E 94 10.80 -37.09 25.90
C ASP E 94 10.69 -36.46 27.30
N GLU E 95 11.56 -35.48 27.54
CA GLU E 95 11.69 -34.83 28.85
C GLU E 95 12.24 -33.42 28.70
N LEU E 96 11.75 -32.50 29.52
CA LEU E 96 12.09 -31.09 29.40
C LEU E 96 12.84 -30.61 30.64
N VAL E 97 14.08 -30.18 30.43
CA VAL E 97 14.97 -29.77 31.50
C VAL E 97 14.81 -28.28 31.74
N TYR E 98 13.88 -27.90 32.61
CA TYR E 98 13.66 -26.48 32.87
C TYR E 98 14.84 -25.95 33.70
N ALA E 99 15.39 -26.83 34.53
CA ALA E 99 16.64 -26.58 35.23
C ALA E 99 17.13 -27.92 35.77
N ASP E 100 18.41 -28.01 36.13
CA ASP E 100 18.99 -29.30 36.57
C ASP E 100 18.17 -29.98 37.65
N ASP E 101 17.51 -29.17 38.47
CA ASP E 101 16.67 -29.64 39.56
C ASP E 101 15.18 -29.47 39.30
N TYR E 102 14.77 -29.42 38.02
CA TYR E 102 13.35 -29.47 37.68
C TYR E 102 13.16 -29.96 36.25
N ILE E 103 12.94 -31.27 36.12
CA ILE E 103 12.82 -31.92 34.84
C ILE E 103 11.41 -32.53 34.69
N MET E 104 10.66 -32.04 33.69
CA MET E 104 9.28 -32.48 33.47
C MET E 104 9.15 -33.58 32.40
N ASP E 105 8.58 -34.72 32.80
CA ASP E 105 8.23 -35.84 31.90
C ASP E 105 6.73 -35.83 31.65
N GLU E 106 6.25 -36.71 30.77
CA GLU E 106 4.83 -36.71 30.37
C GLU E 106 3.86 -36.67 31.56
N ASP E 107 4.09 -37.51 32.57
CA ASP E 107 3.20 -37.52 33.71
C ASP E 107 3.17 -36.16 34.41
N GLN E 108 4.33 -35.64 34.77
CA GLN E 108 4.39 -34.33 35.45
C GLN E 108 3.78 -33.24 34.58
N SER E 109 3.99 -33.32 33.27
CA SER E 109 3.40 -32.39 32.33
C SER E 109 1.87 -32.46 32.37
N LYS E 110 1.31 -33.67 32.53
CA LYS E 110 -0.15 -33.83 32.69
C LYS E 110 -0.69 -33.11 33.91
N LEU E 111 0.03 -33.22 35.02
CA LEU E 111 -0.43 -32.70 36.31
C LEU E 111 -0.40 -31.17 36.34
N ALA E 112 0.45 -30.57 35.52
CA ALA E 112 0.57 -29.12 35.42
C ALA E 112 -0.49 -28.50 34.52
N GLY E 113 -1.22 -29.34 33.80
CA GLY E 113 -2.16 -28.89 32.77
C GLY E 113 -1.44 -28.40 31.53
N LEU E 114 -0.20 -28.84 31.34
CA LEU E 114 0.70 -28.34 30.30
C LEU E 114 1.10 -29.38 29.24
N LEU E 115 0.32 -30.46 29.08
CA LEU E 115 0.65 -31.51 28.11
C LEU E 115 0.80 -30.96 26.67
N ASP E 116 -0.22 -30.27 26.19
CA ASP E 116 -0.19 -29.72 24.82
C ASP E 116 1.00 -28.77 24.63
N LEU E 117 1.29 -27.95 25.63
CA LEU E 117 2.34 -26.95 25.51
C LEU E 117 3.73 -27.60 25.53
N ASN E 118 4.01 -28.39 26.58
CA ASN E 118 5.26 -29.16 26.66
C ASN E 118 5.48 -30.07 25.44
N ASN E 119 4.38 -30.65 24.93
CA ASN E 119 4.46 -31.45 23.70
C ASN E 119 5.04 -30.65 22.58
N ALA E 120 4.51 -29.44 22.39
CA ALA E 120 4.97 -28.54 21.36
C ALA E 120 6.43 -28.17 21.59
N ILE E 121 6.81 -27.99 22.84
CA ILE E 121 8.19 -27.69 23.16
C ILE E 121 9.06 -28.89 22.77
N LEU E 122 8.55 -30.11 22.99
CA LEU E 122 9.29 -31.30 22.60
C LEU E 122 9.45 -31.38 21.09
N GLN E 123 8.47 -30.86 20.36
CA GLN E 123 8.52 -30.89 18.90
C GLN E 123 9.74 -30.07 18.44
N LEU E 124 10.00 -28.94 19.08
CA LEU E 124 11.24 -28.19 18.86
C LEU E 124 12.48 -29.03 19.21
N VAL E 125 12.48 -29.63 20.39
CA VAL E 125 13.61 -30.46 20.82
C VAL E 125 13.88 -31.55 19.78
N LYS E 126 12.82 -32.22 19.35
CA LYS E 126 12.92 -33.27 18.34
C LYS E 126 13.61 -32.77 17.08
N LYS E 127 13.29 -31.56 16.64
CA LYS E 127 13.90 -31.05 15.41
C LYS E 127 15.40 -30.84 15.59
N TYR E 128 15.77 -30.13 16.66
CA TYR E 128 17.15 -29.76 16.92
C TYR E 128 18.05 -30.97 17.23
N LYS E 129 17.45 -32.01 17.81
CA LYS E 129 18.14 -33.27 18.04
C LYS E 129 18.67 -33.84 16.73
N SER E 130 17.78 -33.87 15.73
CA SER E 130 18.09 -34.37 14.39
C SER E 130 19.21 -33.64 13.68
N MET E 131 19.34 -32.34 13.93
CA MET E 131 20.41 -31.55 13.31
C MET E 131 21.70 -31.60 14.10
N LYS E 132 21.65 -32.07 15.35
CA LYS E 132 22.80 -32.08 16.24
C LYS E 132 23.23 -30.65 16.50
N LEU E 133 22.28 -29.88 17.02
CA LEU E 133 22.48 -28.47 17.34
C LEU E 133 23.62 -28.33 18.34
N GLU E 134 24.46 -27.34 18.09
CA GLU E 134 25.68 -27.13 18.83
C GLU E 134 25.53 -25.82 19.57
N LYS E 135 26.24 -25.70 20.70
CA LYS E 135 26.08 -24.55 21.57
C LYS E 135 26.24 -23.22 20.82
N GLU E 136 27.22 -23.17 19.91
CA GLU E 136 27.48 -21.97 19.10
C GLU E 136 26.29 -21.59 18.22
N GLU E 137 25.52 -22.58 17.82
CA GLU E 137 24.38 -22.37 16.96
C GLU E 137 23.19 -21.92 17.82
N PHE E 138 23.02 -22.59 18.95
CA PHE E 138 21.99 -22.25 19.94
C PHE E 138 22.06 -20.78 20.37
N VAL E 139 23.26 -20.31 20.69
CA VAL E 139 23.42 -18.97 21.23
C VAL E 139 23.31 -17.90 20.16
N THR E 140 23.80 -18.20 18.96
CA THR E 140 23.64 -17.29 17.81
C THR E 140 22.15 -17.20 17.45
N LEU E 141 21.48 -18.35 17.40
CA LEU E 141 20.03 -18.42 17.14
C LEU E 141 19.25 -17.63 18.19
N LYS E 142 19.56 -17.84 19.48
CA LYS E 142 18.94 -17.02 20.54
C LYS E 142 19.09 -15.55 20.24
N ALA E 143 20.28 -15.17 19.82
CA ALA E 143 20.61 -13.78 19.53
C ALA E 143 19.66 -13.29 18.46
N ILE E 144 19.65 -14.03 17.36
CA ILE E 144 18.80 -13.75 16.18
C ILE E 144 17.31 -13.65 16.53
N ALA E 145 16.82 -14.55 17.39
CA ALA E 145 15.42 -14.49 17.83
C ALA E 145 15.11 -13.17 18.53
N LEU E 146 16.05 -12.66 19.30
CA LEU E 146 15.85 -11.36 19.90
C LEU E 146 15.72 -10.34 18.79
N ALA E 147 16.63 -10.41 17.82
CA ALA E 147 16.75 -9.38 16.78
C ALA E 147 15.75 -9.48 15.60
N ASN E 148 15.19 -10.66 15.35
CA ASN E 148 14.20 -10.84 14.28
C ASN E 148 12.78 -10.89 14.89
N SER E 149 12.56 -10.16 15.98
CA SER E 149 11.36 -10.35 16.79
C SER E 149 10.10 -9.65 16.26
N ASP E 150 10.26 -8.83 15.23
CA ASP E 150 9.12 -8.29 14.49
C ASP E 150 8.14 -7.56 15.41
N SER E 151 8.64 -6.60 16.16
CA SER E 151 7.78 -5.69 16.89
C SER E 151 7.19 -4.66 15.92
N MET E 152 5.99 -4.18 16.21
CA MET E 152 5.34 -3.18 15.36
C MET E 152 5.92 -1.79 15.60
N HIS E 153 6.31 -1.50 16.84
CA HIS E 153 6.77 -0.17 17.25
C HIS E 153 8.28 -0.08 17.41
N ILE E 154 8.96 -0.28 16.30
CA ILE E 154 10.40 -0.08 16.20
C ILE E 154 10.66 1.39 15.87
N GLU E 155 11.63 2.00 16.55
CA GLU E 155 12.02 3.38 16.26
C GLU E 155 13.07 3.46 15.15
N ASP E 156 14.11 2.62 15.23
CA ASP E 156 15.20 2.64 14.26
C ASP E 156 15.24 1.33 13.49
N VAL E 157 14.43 1.25 12.43
CA VAL E 157 14.29 0.04 11.63
C VAL E 157 15.61 -0.34 10.94
N GLU E 158 16.41 0.67 10.61
CA GLU E 158 17.67 0.44 9.89
C GLU E 158 18.74 -0.14 10.83
N ALA E 159 18.79 0.38 12.05
CA ALA E 159 19.73 -0.07 13.06
C ALA E 159 19.43 -1.48 13.53
N VAL E 160 18.14 -1.80 13.63
CA VAL E 160 17.67 -3.11 14.07
C VAL E 160 17.86 -4.12 12.94
N GLN E 161 17.63 -3.65 11.71
CA GLN E 161 17.94 -4.41 10.50
C GLN E 161 19.43 -4.75 10.45
N LYS E 162 20.26 -3.80 10.84
CA LYS E 162 21.71 -3.98 10.82
C LYS E 162 22.10 -5.03 11.85
N LEU E 163 21.50 -4.96 13.05
CA LEU E 163 21.74 -5.96 14.08
C LEU E 163 21.35 -7.36 13.60
N GLN E 164 20.30 -7.45 12.77
CA GLN E 164 19.92 -8.74 12.19
C GLN E 164 21.01 -9.19 11.24
N ASP E 165 21.50 -8.26 10.45
CA ASP E 165 22.40 -8.65 9.38
C ASP E 165 23.73 -9.12 9.93
N VAL E 166 24.21 -8.45 10.97
CA VAL E 166 25.47 -8.77 11.60
C VAL E 166 25.43 -10.14 12.25
N LEU E 167 24.34 -10.42 12.96
CA LEU E 167 24.16 -11.72 13.63
C LEU E 167 23.92 -12.87 12.67
N HIS E 168 23.25 -12.58 11.56
CA HIS E 168 23.05 -13.56 10.47
C HIS E 168 24.41 -13.93 9.91
N GLU E 169 25.18 -12.91 9.54
CA GLU E 169 26.49 -13.11 8.93
C GLU E 169 27.36 -14.01 9.80
N ALA E 170 27.25 -13.85 11.12
CA ALA E 170 27.92 -14.73 12.08
C ALA E 170 27.46 -16.19 11.99
N LEU E 171 26.15 -16.41 11.85
CA LEU E 171 25.62 -17.75 11.66
C LEU E 171 26.13 -18.32 10.34
N GLN E 172 26.02 -17.49 9.31
CA GLN E 172 26.52 -17.81 7.98
C GLN E 172 27.97 -18.31 8.06
N ASP E 173 28.85 -17.46 8.57
CA ASP E 173 30.27 -17.77 8.61
C ASP E 173 30.59 -18.96 9.48
N TYR E 174 29.78 -19.18 10.51
CA TYR E 174 30.05 -20.29 11.38
C TYR E 174 29.76 -21.55 10.60
N GLU E 175 28.61 -21.58 9.94
CA GLU E 175 28.22 -22.78 9.18
C GLU E 175 29.07 -22.98 7.91
N ALA E 176 29.67 -21.90 7.41
CA ALA E 176 30.55 -21.94 6.23
C ALA E 176 31.88 -22.58 6.53
N GLY E 177 32.37 -22.43 7.76
CA GLY E 177 33.71 -22.88 8.11
C GLY E 177 33.69 -24.20 8.85
N GLN E 178 32.72 -24.33 9.75
CA GLN E 178 32.60 -25.48 10.62
C GLN E 178 31.69 -26.58 10.06
N HIS E 179 30.94 -26.26 9.00
CA HIS E 179 29.91 -27.17 8.47
C HIS E 179 29.79 -26.97 6.97
N MET E 180 30.91 -27.08 6.28
CA MET E 180 30.95 -26.92 4.84
C MET E 180 30.26 -28.11 4.18
N GLU E 181 30.28 -29.29 4.83
CA GLU E 181 29.61 -30.49 4.27
C GLU E 181 28.10 -30.34 4.10
N ASP E 182 27.50 -29.35 4.75
CA ASP E 182 26.12 -29.00 4.52
C ASP E 182 25.97 -27.52 4.15
N PRO E 183 26.00 -27.23 2.83
CA PRO E 183 25.95 -25.83 2.36
C PRO E 183 24.68 -25.07 2.74
N ARG E 184 23.67 -25.77 3.26
CA ARG E 184 22.40 -25.18 3.65
C ARG E 184 22.09 -25.28 5.13
N ARG E 185 23.07 -25.64 5.95
CA ARG E 185 22.81 -25.80 7.39
C ARG E 185 22.32 -24.51 8.04
N ALA E 186 22.91 -23.39 7.66
CA ALA E 186 22.49 -22.09 8.23
C ALA E 186 21.03 -21.85 7.93
N GLY E 187 20.64 -22.04 6.68
CA GLY E 187 19.23 -21.88 6.32
C GLY E 187 18.34 -22.86 7.07
N LYS E 188 18.78 -24.11 7.22
CA LYS E 188 18.05 -25.07 8.03
C LYS E 188 17.75 -24.52 9.43
N MET E 189 18.73 -23.83 10.00
CA MET E 189 18.64 -23.35 11.37
C MET E 189 17.61 -22.26 11.48
N LEU E 190 17.67 -21.30 10.56
CA LEU E 190 16.72 -20.21 10.47
C LEU E 190 15.28 -20.68 10.25
N MET E 191 15.10 -21.92 9.78
CA MET E 191 13.77 -22.46 9.44
C MET E 191 13.09 -23.08 10.65
N THR E 192 13.85 -23.23 11.74
CA THR E 192 13.28 -23.71 12.99
C THR E 192 12.62 -22.58 13.77
N LEU E 193 12.86 -21.34 13.36
CA LEU E 193 12.39 -20.18 14.13
C LEU E 193 10.87 -20.01 14.11
N PRO E 194 10.21 -20.26 12.97
CA PRO E 194 8.75 -20.18 12.95
C PRO E 194 8.06 -21.03 14.01
N LEU E 195 8.50 -22.26 14.17
CA LEU E 195 7.97 -23.14 15.22
C LEU E 195 8.22 -22.57 16.61
N LEU E 196 9.35 -21.88 16.78
CA LEU E 196 9.65 -21.20 18.05
C LEU E 196 8.63 -20.12 18.34
N ARG E 197 8.40 -19.26 17.35
CA ARG E 197 7.51 -18.11 17.48
C ARG E 197 6.07 -18.57 17.63
N GLN E 198 5.70 -19.59 16.86
CA GLN E 198 4.42 -20.31 17.02
C GLN E 198 4.21 -20.82 18.45
N THR E 199 5.22 -21.50 18.98
CA THR E 199 5.15 -22.14 20.30
C THR E 199 5.27 -21.11 21.41
N SER E 200 6.06 -20.07 21.15
CA SER E 200 6.24 -18.99 22.09
C SER E 200 4.94 -18.26 22.29
N THR E 201 4.22 -18.00 21.19
CA THR E 201 2.87 -17.45 21.28
C THR E 201 1.90 -18.36 22.06
N LYS E 202 1.93 -19.66 21.81
CA LYS E 202 1.10 -20.58 22.60
C LYS E 202 1.28 -20.36 24.10
N ALA E 203 2.53 -20.36 24.52
CA ALA E 203 2.87 -20.26 25.94
C ALA E 203 2.39 -18.92 26.54
N VAL E 204 2.64 -17.82 25.83
CA VAL E 204 2.24 -16.50 26.33
C VAL E 204 0.73 -16.44 26.46
N GLN E 205 0.03 -16.87 25.43
CA GLN E 205 -1.43 -16.99 25.47
C GLN E 205 -1.90 -17.97 26.57
N HIS E 206 -1.18 -19.08 26.75
CA HIS E 206 -1.54 -20.03 27.79
C HIS E 206 -1.36 -19.45 29.17
N PHE E 207 -0.33 -18.62 29.33
CA PHE E 207 -0.05 -18.00 30.63
C PHE E 207 -1.14 -16.99 31.01
N TYR E 208 -1.46 -16.07 30.10
CA TYR E 208 -2.55 -15.11 30.36
C TYR E 208 -3.91 -15.83 30.46
N ASN E 209 -4.07 -16.97 29.80
CA ASN E 209 -5.27 -17.79 29.97
C ASN E 209 -5.46 -18.28 31.40
N ILE E 210 -4.45 -18.94 31.97
CA ILE E 210 -4.56 -19.41 33.36
C ILE E 210 -4.25 -18.34 34.41
N LYS E 211 -4.11 -17.08 34.00
CA LYS E 211 -4.16 -15.96 34.95
C LYS E 211 -5.63 -15.78 35.38
N LEU E 212 -6.51 -15.52 34.40
CA LEU E 212 -7.96 -15.49 34.62
C LEU E 212 -8.38 -16.69 35.50
N GLU E 213 -8.18 -17.90 34.96
CA GLU E 213 -8.35 -19.16 35.72
C GLU E 213 -7.33 -19.25 36.86
N PRO F 5 14.18 45.51 -39.46
CA PRO F 5 13.37 45.67 -40.67
C PRO F 5 13.83 44.74 -41.80
N TYR F 6 15.14 44.56 -41.89
CA TYR F 6 15.74 43.20 -41.81
C TYR F 6 17.23 43.09 -42.13
N ASN F 7 17.75 41.92 -41.78
CA ASN F 7 19.18 41.65 -41.68
C ASN F 7 19.97 41.80 -43.00
N LYS F 8 21.29 41.93 -42.87
CA LYS F 8 22.20 42.17 -44.00
C LYS F 8 22.50 40.91 -44.83
N ILE F 9 22.72 39.78 -44.16
CA ILE F 9 23.01 38.52 -44.86
C ILE F 9 21.81 37.95 -45.65
N VAL F 10 20.61 38.17 -45.16
CA VAL F 10 19.40 37.76 -45.90
C VAL F 10 19.22 38.59 -47.18
N SER F 11 19.37 39.92 -47.06
CA SER F 11 19.28 40.81 -48.21
C SER F 11 20.21 40.35 -49.30
N HIS F 12 21.46 40.06 -48.93
CA HIS F 12 22.49 39.67 -49.89
C HIS F 12 22.11 38.40 -50.68
N LEU F 13 21.57 37.42 -49.97
CA LEU F 13 21.17 36.15 -50.59
C LEU F 13 20.02 36.31 -51.59
N LEU F 14 19.05 37.18 -51.28
CA LEU F 14 17.92 37.46 -52.17
C LEU F 14 18.40 37.98 -53.52
N VAL F 15 19.30 38.97 -53.47
CA VAL F 15 19.84 39.60 -54.66
C VAL F 15 20.82 38.65 -55.36
N ALA F 16 21.37 37.70 -54.60
CA ALA F 16 22.28 36.69 -55.15
C ALA F 16 21.58 35.45 -55.73
N GLU F 17 20.25 35.43 -55.64
CA GLU F 17 19.47 34.29 -56.10
C GLU F 17 19.54 34.21 -57.63
N PRO F 18 19.92 33.05 -58.20
CA PRO F 18 20.06 32.98 -59.67
C PRO F 18 18.73 33.21 -60.36
N GLU F 19 18.77 33.56 -61.64
CA GLU F 19 17.55 33.72 -62.42
C GLU F 19 16.94 32.35 -62.80
N LYS F 20 15.73 32.38 -63.37
CA LYS F 20 15.04 31.17 -63.79
C LYS F 20 15.82 30.45 -64.88
N ILE F 21 15.90 29.13 -64.74
CA ILE F 21 16.52 28.25 -65.73
C ILE F 21 15.46 27.29 -66.26
N TYR F 22 15.48 27.03 -67.57
CA TYR F 22 14.42 26.25 -68.22
C TYR F 22 14.92 24.89 -68.69
N ALA F 23 14.07 23.88 -68.58
CA ALA F 23 14.43 22.51 -68.95
C ALA F 23 14.65 22.33 -70.46
N MET F 24 13.87 23.05 -71.26
CA MET F 24 13.85 22.94 -72.73
C MET F 24 14.02 21.49 -73.23
N PRO F 25 13.01 20.64 -72.94
CA PRO F 25 12.95 19.30 -73.50
C PRO F 25 12.67 19.30 -75.00
N ASP F 26 13.27 18.35 -75.73
CA ASP F 26 13.15 18.27 -77.19
C ASP F 26 11.76 17.77 -77.57
N PRO F 27 10.94 18.63 -78.17
CA PRO F 27 9.56 18.20 -78.42
C PRO F 27 9.45 16.98 -79.36
N THR F 28 10.37 16.86 -80.33
CA THR F 28 10.37 15.73 -81.27
C THR F 28 10.63 14.38 -80.60
N VAL F 29 11.65 14.30 -79.75
CA VAL F 29 12.02 13.04 -79.09
C VAL F 29 10.80 12.48 -78.35
N PRO F 30 10.31 11.30 -78.77
CA PRO F 30 9.17 10.74 -78.07
C PRO F 30 9.42 10.65 -76.56
N ASP F 31 8.43 11.11 -75.79
CA ASP F 31 8.50 11.14 -74.33
C ASP F 31 8.65 9.73 -73.75
N SER F 32 9.68 9.55 -72.94
CA SER F 32 10.04 8.24 -72.40
C SER F 32 10.89 8.43 -71.17
N ASP F 33 11.22 7.32 -70.51
CA ASP F 33 12.09 7.39 -69.32
C ASP F 33 13.45 8.02 -69.65
N ILE F 34 14.00 7.66 -70.81
CA ILE F 34 15.34 8.15 -71.20
C ILE F 34 15.35 9.66 -71.39
N LYS F 35 14.31 10.18 -72.05
CA LYS F 35 14.15 11.63 -72.27
C LYS F 35 14.00 12.40 -70.94
N ALA F 36 13.18 11.87 -70.02
CA ALA F 36 12.94 12.51 -68.74
C ALA F 36 14.23 12.70 -67.95
N LEU F 37 15.05 11.65 -67.89
CA LEU F 37 16.31 11.69 -67.16
C LEU F 37 17.32 12.59 -67.86
N THR F 38 17.49 12.39 -69.16
CA THR F 38 18.29 13.26 -70.00
C THR F 38 17.98 14.74 -69.79
N THR F 39 16.70 15.09 -69.71
CA THR F 39 16.33 16.48 -69.53
C THR F 39 16.88 16.91 -68.18
N LEU F 40 16.49 16.18 -67.15
CA LEU F 40 16.88 16.52 -65.78
C LEU F 40 18.39 16.62 -65.66
N CYS F 41 19.11 15.61 -66.13
CA CYS F 41 20.57 15.66 -66.16
C CYS F 41 21.08 16.97 -66.74
N ASP F 42 20.60 17.31 -67.93
CA ASP F 42 20.99 18.54 -68.61
C ASP F 42 20.59 19.76 -67.78
N LEU F 43 19.36 19.74 -67.25
CA LEU F 43 18.86 20.81 -66.39
C LEU F 43 19.79 20.97 -65.21
N ALA F 44 20.06 19.86 -64.52
CA ALA F 44 20.86 19.85 -63.31
C ALA F 44 22.30 20.33 -63.48
N ASP F 45 22.94 19.99 -64.61
CA ASP F 45 24.28 20.46 -64.95
C ASP F 45 24.34 21.99 -65.10
N ARG F 46 23.37 22.53 -65.82
CA ARG F 46 23.26 23.96 -66.02
C ARG F 46 22.93 24.66 -64.70
N GLU F 47 22.07 24.06 -63.88
CA GLU F 47 21.75 24.63 -62.55
C GLU F 47 23.00 24.72 -61.67
N LEU F 48 23.83 23.67 -61.72
CA LEU F 48 25.08 23.58 -60.95
C LEU F 48 26.06 24.69 -61.28
N VAL F 49 26.14 25.04 -62.55
CA VAL F 49 27.00 26.13 -62.99
C VAL F 49 26.64 27.45 -62.30
N VAL F 50 25.34 27.75 -62.19
CA VAL F 50 24.88 28.94 -61.47
C VAL F 50 24.94 28.78 -59.94
N ILE F 51 24.84 27.54 -59.45
CA ILE F 51 24.96 27.28 -58.00
C ILE F 51 26.39 27.53 -57.49
N ILE F 52 27.40 27.20 -58.29
CA ILE F 52 28.79 27.49 -57.88
C ILE F 52 29.00 29.01 -57.90
N GLY F 53 28.54 29.68 -58.96
CA GLY F 53 28.54 31.15 -59.01
C GLY F 53 27.82 31.76 -57.81
N TRP F 54 26.75 31.10 -57.38
CA TRP F 54 25.98 31.51 -56.21
C TRP F 54 26.78 31.33 -54.92
N ALA F 55 27.34 30.14 -54.72
CA ALA F 55 28.18 29.86 -53.54
C ALA F 55 29.16 30.99 -53.24
N LYS F 56 29.79 31.52 -54.28
CA LYS F 56 30.79 32.58 -54.12
C LYS F 56 30.25 33.86 -53.47
N HIS F 57 28.96 34.13 -53.67
CA HIS F 57 28.34 35.30 -53.06
C HIS F 57 28.01 35.10 -51.58
N ILE F 58 27.92 33.84 -51.13
CA ILE F 58 27.68 33.57 -49.71
C ILE F 58 28.83 34.14 -48.87
N PRO F 59 28.54 35.17 -48.05
CA PRO F 59 29.60 35.87 -47.32
C PRO F 59 30.46 34.95 -46.47
N GLY F 60 31.78 35.05 -46.63
CA GLY F 60 32.72 34.21 -45.88
C GLY F 60 33.16 32.98 -46.65
N PHE F 61 32.28 32.50 -47.54
CA PHE F 61 32.52 31.30 -48.32
C PHE F 61 33.78 31.37 -49.13
N SER F 62 34.02 32.52 -49.73
CA SER F 62 35.16 32.69 -50.62
C SER F 62 36.50 32.80 -49.88
N THR F 63 36.46 33.16 -48.60
CA THR F 63 37.69 33.28 -47.80
C THR F 63 38.17 31.91 -47.30
N LEU F 64 37.30 30.90 -47.38
CA LEU F 64 37.71 29.52 -47.11
C LEU F 64 38.65 29.02 -48.20
N SER F 65 39.47 28.01 -47.87
CA SER F 65 40.36 27.39 -48.85
C SER F 65 39.57 26.73 -49.98
N LEU F 66 40.18 26.61 -51.15
CA LEU F 66 39.54 25.90 -52.25
C LEU F 66 39.13 24.50 -51.82
N ALA F 67 40.07 23.74 -51.28
CA ALA F 67 39.82 22.37 -50.83
C ALA F 67 38.54 22.25 -50.00
N ASP F 68 38.28 23.24 -49.13
CA ASP F 68 37.08 23.29 -48.31
C ASP F 68 35.83 23.76 -49.06
N GLN F 69 35.99 24.76 -49.93
CA GLN F 69 34.88 25.25 -50.75
C GLN F 69 34.37 24.10 -51.59
N MET F 70 35.30 23.35 -52.16
CA MET F 70 34.96 22.18 -52.93
C MET F 70 34.35 21.08 -52.07
N SER F 71 34.88 20.85 -50.88
CA SER F 71 34.31 19.83 -50.00
C SER F 71 32.83 20.07 -49.68
N LEU F 72 32.50 21.29 -49.29
CA LEU F 72 31.11 21.64 -48.97
C LEU F 72 30.21 21.41 -50.19
N LEU F 73 30.60 21.98 -51.33
CA LEU F 73 29.88 21.76 -52.58
C LEU F 73 29.82 20.28 -52.99
N GLN F 74 30.96 19.59 -52.89
N GLN F 74 30.97 19.58 -52.90
CA GLN F 74 31.02 18.15 -53.18
CA GLN F 74 31.02 18.16 -53.20
C GLN F 74 29.98 17.40 -52.37
C GLN F 74 30.04 17.36 -52.35
N SER F 75 29.77 17.83 -51.13
CA SER F 75 28.79 17.20 -50.25
C SER F 75 27.34 17.68 -50.46
N ALA F 76 27.16 18.98 -50.67
CA ALA F 76 25.85 19.59 -50.57
C ALA F 76 25.14 19.78 -51.92
N TRP F 77 25.83 19.56 -53.02
CA TRP F 77 25.28 19.95 -54.33
C TRP F 77 23.85 19.43 -54.55
N MET F 78 23.60 18.16 -54.26
CA MET F 78 22.28 17.60 -54.57
C MET F 78 21.17 18.20 -53.69
N GLU F 79 21.45 18.40 -52.40
CA GLU F 79 20.52 19.05 -51.45
C GLU F 79 20.11 20.46 -51.89
N ILE F 80 21.01 21.15 -52.56
CA ILE F 80 20.76 22.52 -53.05
C ILE F 80 19.92 22.50 -54.34
N LEU F 81 20.13 21.48 -55.17
CA LEU F 81 19.28 21.27 -56.33
C LEU F 81 17.86 20.96 -55.89
N ILE F 82 17.76 20.04 -54.93
CA ILE F 82 16.47 19.50 -54.48
C ILE F 82 15.63 20.53 -53.75
N LEU F 83 16.26 21.25 -52.83
CA LEU F 83 15.61 22.36 -52.16
C LEU F 83 15.13 23.39 -53.19
N GLY F 84 15.91 23.55 -54.25
CA GLY F 84 15.52 24.39 -55.37
C GLY F 84 14.18 24.00 -55.94
N VAL F 85 14.05 22.74 -56.33
CA VAL F 85 12.81 22.26 -56.93
C VAL F 85 11.67 22.25 -55.92
N VAL F 86 11.97 21.93 -54.66
CA VAL F 86 10.94 22.01 -53.60
C VAL F 86 10.37 23.44 -53.48
N TYR F 87 11.23 24.45 -53.30
CA TYR F 87 10.73 25.82 -53.20
C TYR F 87 9.82 26.19 -54.38
N ARG F 88 10.22 25.80 -55.58
CA ARG F 88 9.44 26.11 -56.78
C ARG F 88 8.10 25.40 -56.83
N SER F 89 7.93 24.35 -56.04
CA SER F 89 6.71 23.53 -56.07
C SER F 89 5.69 23.81 -54.95
N LEU F 90 6.03 24.71 -54.02
CA LEU F 90 5.16 25.06 -52.89
C LEU F 90 3.71 25.47 -53.22
N SER F 91 3.53 26.34 -54.21
CA SER F 91 2.17 26.75 -54.60
C SER F 91 1.52 25.77 -55.60
N PHE F 92 1.96 24.51 -55.59
CA PHE F 92 1.43 23.48 -56.48
C PHE F 92 1.00 22.26 -55.68
N GLU F 93 0.38 21.31 -56.37
CA GLU F 93 -0.31 20.20 -55.73
C GLU F 93 0.10 18.88 -56.40
N ASP F 94 0.88 18.09 -55.67
CA ASP F 94 1.33 16.76 -56.13
C ASP F 94 2.05 16.84 -57.47
N GLU F 95 2.73 17.96 -57.67
CA GLU F 95 3.49 18.25 -58.88
C GLU F 95 4.79 18.90 -58.44
N LEU F 96 5.88 18.51 -59.10
CA LEU F 96 7.19 19.05 -58.81
C LEU F 96 7.66 19.91 -59.97
N VAL F 97 7.98 21.17 -59.70
CA VAL F 97 8.36 22.10 -60.73
C VAL F 97 9.88 22.12 -60.90
N TYR F 98 10.40 21.24 -61.72
CA TYR F 98 11.82 21.27 -62.04
C TYR F 98 12.20 22.54 -62.81
N ALA F 99 11.26 23.05 -63.60
CA ALA F 99 11.37 24.36 -64.26
C ALA F 99 9.99 24.76 -64.78
N ASP F 100 9.79 26.05 -65.08
CA ASP F 100 8.48 26.49 -65.56
C ASP F 100 7.97 25.61 -66.71
N ASP F 101 8.88 25.19 -67.58
CA ASP F 101 8.56 24.35 -68.72
C ASP F 101 8.79 22.86 -68.47
N TYR F 102 8.86 22.46 -67.20
CA TYR F 102 9.04 21.06 -66.86
C TYR F 102 8.54 20.73 -65.46
N ILE F 103 7.27 20.39 -65.39
CA ILE F 103 6.58 20.06 -64.15
C ILE F 103 6.17 18.57 -64.16
N MET F 104 6.48 17.82 -63.11
CA MET F 104 6.18 16.37 -63.07
C MET F 104 5.00 15.98 -62.17
N ASP F 105 3.93 15.46 -62.77
CA ASP F 105 2.80 14.89 -62.03
C ASP F 105 3.01 13.39 -61.84
N GLU F 106 2.19 12.76 -60.99
CA GLU F 106 2.45 11.37 -60.60
C GLU F 106 2.70 10.47 -61.81
N ASP F 107 1.91 10.65 -62.86
CA ASP F 107 2.08 9.81 -64.06
C ASP F 107 3.42 10.04 -64.72
N GLN F 108 3.80 11.31 -64.91
CA GLN F 108 5.13 11.63 -65.46
C GLN F 108 6.23 10.97 -64.65
N SER F 109 6.12 11.02 -63.32
CA SER F 109 7.11 10.40 -62.45
C SER F 109 7.16 8.87 -62.63
N LYS F 110 6.00 8.23 -62.72
CA LYS F 110 5.94 6.77 -62.92
C LYS F 110 6.70 6.34 -64.17
N LEU F 111 6.41 6.99 -65.30
CA LEU F 111 7.08 6.70 -66.58
C LEU F 111 8.60 6.84 -66.52
N ALA F 112 9.08 7.80 -65.71
CA ALA F 112 10.52 8.04 -65.54
C ALA F 112 11.19 7.09 -64.54
N GLY F 113 10.40 6.17 -63.96
CA GLY F 113 10.90 5.31 -62.88
C GLY F 113 11.36 6.12 -61.68
N LEU F 114 10.69 7.25 -61.44
CA LEU F 114 11.04 8.20 -60.37
C LEU F 114 9.90 8.38 -59.35
N LEU F 115 8.95 7.44 -59.32
CA LEU F 115 7.79 7.57 -58.42
C LEU F 115 8.18 7.67 -56.97
N ASP F 116 9.10 6.82 -56.52
CA ASP F 116 9.50 6.81 -55.12
C ASP F 116 10.30 8.07 -54.76
N LEU F 117 11.22 8.45 -55.65
CA LEU F 117 12.11 9.59 -55.39
C LEU F 117 11.38 10.94 -55.34
N ASN F 118 10.48 11.16 -56.30
CA ASN F 118 9.70 12.39 -56.35
C ASN F 118 8.69 12.43 -55.20
N ASN F 119 8.16 11.27 -54.82
CA ASN F 119 7.31 11.20 -53.63
C ASN F 119 8.03 11.69 -52.39
N ALA F 120 9.31 11.35 -52.31
CA ALA F 120 10.15 11.75 -51.19
C ALA F 120 10.43 13.25 -51.23
N ILE F 121 10.42 13.81 -52.42
CA ILE F 121 10.62 15.22 -52.57
C ILE F 121 9.32 15.94 -52.22
N LEU F 122 8.19 15.33 -52.57
CA LEU F 122 6.88 15.91 -52.25
C LEU F 122 6.62 15.93 -50.73
N GLN F 123 7.35 15.09 -50.01
CA GLN F 123 7.25 15.03 -48.56
C GLN F 123 7.84 16.32 -47.98
N LEU F 124 8.95 16.77 -48.57
CA LEU F 124 9.53 18.06 -48.22
C LEU F 124 8.62 19.22 -48.65
N VAL F 125 8.03 19.11 -49.84
CA VAL F 125 7.10 20.17 -50.29
C VAL F 125 5.96 20.30 -49.30
N LYS F 126 5.39 19.17 -48.91
CA LYS F 126 4.24 19.15 -48.02
C LYS F 126 4.56 19.80 -46.69
N LYS F 127 5.73 19.47 -46.15
CA LYS F 127 6.16 20.06 -44.89
C LYS F 127 6.25 21.58 -45.02
N TYR F 128 7.16 22.06 -45.87
CA TYR F 128 7.38 23.50 -45.99
C TYR F 128 6.10 24.29 -46.28
N LYS F 129 5.12 23.63 -46.92
CA LYS F 129 3.82 24.26 -47.21
C LYS F 129 3.03 24.61 -45.94
N SER F 130 3.01 23.70 -44.97
CA SER F 130 2.37 23.96 -43.67
C SER F 130 3.04 25.11 -42.92
N MET F 131 4.31 25.37 -43.21
CA MET F 131 5.06 26.43 -42.52
C MET F 131 5.01 27.73 -43.28
N LYS F 132 4.30 27.77 -44.40
CA LYS F 132 4.27 28.95 -45.27
C LYS F 132 5.69 29.52 -45.44
N LEU F 133 6.57 28.67 -45.95
CA LEU F 133 7.97 29.03 -46.18
C LEU F 133 8.05 30.26 -47.08
N GLU F 134 8.98 31.14 -46.74
CA GLU F 134 9.16 32.38 -47.43
C GLU F 134 10.53 32.37 -48.12
N LYS F 135 10.69 33.21 -49.14
CA LYS F 135 11.88 33.20 -49.98
C LYS F 135 13.13 33.45 -49.14
N GLU F 136 13.01 34.41 -48.23
CA GLU F 136 14.04 34.74 -47.25
C GLU F 136 14.52 33.52 -46.42
N GLU F 137 13.63 32.56 -46.20
CA GLU F 137 13.95 31.39 -45.42
C GLU F 137 14.54 30.31 -46.32
N PHE F 138 13.92 30.14 -47.49
CA PHE F 138 14.43 29.27 -48.54
C PHE F 138 15.92 29.52 -48.79
N VAL F 139 16.29 30.79 -49.01
CA VAL F 139 17.64 31.11 -49.42
C VAL F 139 18.63 31.06 -48.28
N THR F 140 18.19 31.37 -47.06
CA THR F 140 19.09 31.27 -45.92
C THR F 140 19.33 29.80 -45.67
N LEU F 141 18.31 28.98 -45.91
CA LEU F 141 18.42 27.53 -45.72
C LEU F 141 19.32 26.84 -46.75
N LYS F 142 19.27 27.28 -48.01
CA LYS F 142 20.25 26.80 -49.00
C LYS F 142 21.67 27.11 -48.54
N ALA F 143 21.83 28.27 -47.90
CA ALA F 143 23.13 28.71 -47.43
C ALA F 143 23.61 27.77 -46.37
N ILE F 144 22.75 27.58 -45.36
CA ILE F 144 23.03 26.74 -44.19
C ILE F 144 23.24 25.28 -44.54
N ALA F 145 22.51 24.81 -45.55
CA ALA F 145 22.66 23.44 -46.07
C ALA F 145 24.07 23.20 -46.65
N LEU F 146 24.60 24.20 -47.34
CA LEU F 146 25.97 24.16 -47.84
C LEU F 146 26.93 24.09 -46.66
N ALA F 147 26.79 25.04 -45.74
CA ALA F 147 27.68 25.18 -44.57
C ALA F 147 27.70 23.94 -43.68
N ASN F 148 26.55 23.30 -43.52
CA ASN F 148 26.40 22.22 -42.57
C ASN F 148 26.41 20.85 -43.25
N SER F 149 27.06 20.76 -44.43
CA SER F 149 26.99 19.55 -45.26
C SER F 149 27.91 18.41 -44.81
N ASP F 150 28.62 18.61 -43.69
CA ASP F 150 29.19 17.50 -42.94
C ASP F 150 30.21 16.65 -43.71
N SER F 151 31.03 17.32 -44.52
CA SER F 151 32.11 16.62 -45.24
C SER F 151 33.12 16.00 -44.30
N MET F 152 33.62 14.84 -44.69
CA MET F 152 34.61 14.13 -43.88
C MET F 152 35.96 14.88 -43.83
N HIS F 153 36.31 15.58 -44.91
CA HIS F 153 37.68 16.09 -45.07
C HIS F 153 37.80 17.61 -45.10
N ILE F 154 37.34 18.28 -44.05
CA ILE F 154 37.49 19.73 -43.93
C ILE F 154 38.90 20.11 -43.44
N GLU F 155 39.57 20.97 -44.20
CA GLU F 155 40.90 21.47 -43.82
C GLU F 155 40.81 22.41 -42.61
N ASP F 156 39.86 23.36 -42.65
CA ASP F 156 39.75 24.39 -41.62
C ASP F 156 38.39 24.34 -40.93
N VAL F 157 38.28 23.42 -39.97
CA VAL F 157 37.02 23.14 -39.27
C VAL F 157 36.43 24.38 -38.59
N GLU F 158 37.30 25.12 -37.90
CA GLU F 158 36.86 26.32 -37.18
C GLU F 158 36.12 27.23 -38.15
N ALA F 159 36.81 27.64 -39.21
CA ALA F 159 36.25 28.55 -40.23
C ALA F 159 34.84 28.14 -40.69
N VAL F 160 34.67 26.87 -41.03
CA VAL F 160 33.40 26.35 -41.52
C VAL F 160 32.30 26.40 -40.46
N GLN F 161 32.71 26.33 -39.19
CA GLN F 161 31.77 26.35 -38.06
C GLN F 161 31.30 27.76 -37.78
N LYS F 162 32.22 28.70 -37.95
CA LYS F 162 31.91 30.11 -37.89
C LYS F 162 30.97 30.50 -39.04
N LEU F 163 31.15 29.86 -40.20
CA LEU F 163 30.26 30.10 -41.32
C LEU F 163 28.89 29.52 -41.01
N GLN F 164 28.85 28.30 -40.52
CA GLN F 164 27.59 27.74 -40.03
C GLN F 164 26.94 28.73 -39.06
N ASP F 165 27.73 29.20 -38.11
CA ASP F 165 27.24 30.05 -37.06
C ASP F 165 26.67 31.36 -37.58
N VAL F 166 27.36 32.01 -38.52
CA VAL F 166 26.90 33.29 -39.07
C VAL F 166 25.51 33.16 -39.73
N LEU F 167 25.39 32.20 -40.64
CA LEU F 167 24.15 31.96 -41.39
C LEU F 167 23.00 31.51 -40.51
N HIS F 168 23.30 30.70 -39.50
CA HIS F 168 22.31 30.35 -38.48
C HIS F 168 21.77 31.64 -37.85
N GLU F 169 22.66 32.45 -37.30
CA GLU F 169 22.32 33.77 -36.71
C GLU F 169 21.45 34.64 -37.65
N ALA F 170 21.67 34.55 -38.96
CA ALA F 170 20.87 35.27 -39.93
C ALA F 170 19.43 34.76 -39.96
N LEU F 171 19.27 33.45 -40.00
CA LEU F 171 17.96 32.85 -39.90
C LEU F 171 17.34 33.29 -38.57
N GLN F 172 18.07 33.03 -37.50
CA GLN F 172 17.62 33.31 -36.14
C GLN F 172 17.13 34.75 -36.01
N ASP F 173 17.88 35.68 -36.56
CA ASP F 173 17.49 37.09 -36.48
C ASP F 173 16.36 37.42 -37.45
N TYR F 174 16.30 36.74 -38.60
CA TYR F 174 15.19 36.93 -39.51
C TYR F 174 13.92 36.60 -38.80
N GLU F 175 13.92 35.45 -38.13
CA GLU F 175 12.73 34.94 -37.46
C GLU F 175 12.41 35.73 -36.20
N ALA F 176 13.44 36.15 -35.47
CA ALA F 176 13.23 36.92 -34.26
C ALA F 176 12.39 38.15 -34.58
N GLY F 177 12.68 38.78 -35.72
CA GLY F 177 12.07 40.04 -36.10
C GLY F 177 10.82 39.92 -36.95
N GLN F 178 10.79 38.95 -37.87
CA GLN F 178 9.70 38.83 -38.84
C GLN F 178 8.60 37.87 -38.36
N HIS F 179 8.95 37.00 -37.41
CA HIS F 179 8.06 35.95 -36.92
C HIS F 179 8.23 35.76 -35.41
N MET F 180 7.92 36.83 -34.68
CA MET F 180 7.99 36.81 -33.21
C MET F 180 6.83 36.01 -32.63
N GLU F 181 5.76 35.84 -33.40
CA GLU F 181 4.60 35.05 -32.98
C GLU F 181 4.93 33.56 -32.78
N ASP F 182 6.03 33.09 -33.39
CA ASP F 182 6.56 31.72 -33.13
C ASP F 182 8.05 31.74 -32.75
N PRO F 183 8.36 31.70 -31.44
CA PRO F 183 9.76 31.76 -30.99
C PRO F 183 10.62 30.56 -31.42
N ARG F 184 9.96 29.52 -31.93
CA ARG F 184 10.60 28.31 -32.38
C ARG F 184 10.62 28.13 -33.90
N ARG F 185 10.23 29.15 -34.65
CA ARG F 185 10.19 28.98 -36.10
C ARG F 185 11.57 28.60 -36.66
N ALA F 186 12.62 29.29 -36.21
CA ALA F 186 14.00 29.00 -36.61
C ALA F 186 14.33 27.53 -36.41
N GLY F 187 14.03 27.02 -35.22
CA GLY F 187 14.26 25.62 -34.95
C GLY F 187 13.47 24.73 -35.89
N LYS F 188 12.20 25.07 -36.09
CA LYS F 188 11.37 24.31 -37.02
C LYS F 188 11.97 24.28 -38.42
N MET F 189 12.65 25.37 -38.80
CA MET F 189 13.29 25.42 -40.09
C MET F 189 14.46 24.47 -40.13
N LEU F 190 15.37 24.60 -39.17
CA LEU F 190 16.54 23.71 -39.08
C LEU F 190 16.17 22.22 -39.01
N MET F 191 14.98 21.93 -38.49
CA MET F 191 14.55 20.53 -38.30
C MET F 191 14.06 19.88 -39.58
N THR F 192 13.90 20.68 -40.63
CA THR F 192 13.56 20.14 -41.94
C THR F 192 14.78 19.62 -42.68
N LEU F 193 15.96 19.80 -42.10
CA LEU F 193 17.20 19.50 -42.79
C LEU F 193 17.51 17.99 -42.80
N PRO F 194 17.28 17.29 -41.68
CA PRO F 194 17.45 15.84 -41.77
C PRO F 194 16.78 15.18 -42.99
N LEU F 195 15.56 15.57 -43.30
CA LEU F 195 14.85 15.03 -44.48
C LEU F 195 15.47 15.49 -45.80
N LEU F 196 16.01 16.70 -45.83
CA LEU F 196 16.68 17.20 -47.02
C LEU F 196 17.90 16.32 -47.35
N ARG F 197 18.62 15.91 -46.32
CA ARG F 197 19.81 15.07 -46.47
C ARG F 197 19.40 13.63 -46.85
N GLN F 198 18.45 13.08 -46.10
CA GLN F 198 17.86 11.78 -46.40
C GLN F 198 17.52 11.69 -47.89
N THR F 199 16.74 12.66 -48.35
CA THR F 199 16.23 12.67 -49.72
C THR F 199 17.35 12.86 -50.73
N SER F 200 18.23 13.83 -50.42
CA SER F 200 19.39 14.12 -51.26
C SER F 200 20.29 12.92 -51.48
N THR F 201 20.51 12.15 -50.42
CA THR F 201 21.27 10.92 -50.55
C THR F 201 20.57 9.95 -51.47
N LYS F 202 19.25 9.82 -51.31
CA LYS F 202 18.45 8.87 -52.11
C LYS F 202 18.59 9.12 -53.61
N ALA F 203 18.55 10.40 -53.99
CA ALA F 203 18.71 10.81 -55.38
C ALA F 203 20.12 10.44 -55.86
N VAL F 204 21.12 10.89 -55.13
CA VAL F 204 22.51 10.66 -55.48
C VAL F 204 22.76 9.18 -55.77
N GLN F 205 22.41 8.33 -54.79
CA GLN F 205 22.44 6.88 -54.95
C GLN F 205 21.67 6.44 -56.21
N HIS F 206 20.41 6.86 -56.32
CA HIS F 206 19.54 6.51 -57.46
C HIS F 206 20.13 6.94 -58.81
N PHE F 207 20.93 7.99 -58.82
CA PHE F 207 21.58 8.42 -60.06
C PHE F 207 22.69 7.44 -60.47
N TYR F 208 23.57 7.13 -59.53
CA TYR F 208 24.65 6.16 -59.78
C TYR F 208 24.04 4.80 -60.07
N ASN F 209 22.98 4.44 -59.33
CA ASN F 209 22.29 3.15 -59.53
C ASN F 209 21.75 2.96 -60.95
N ILE F 210 21.34 4.05 -61.60
CA ILE F 210 20.78 3.94 -62.94
C ILE F 210 21.78 4.30 -64.05
N LYS F 211 23.02 4.63 -63.68
CA LYS F 211 24.12 4.72 -64.66
C LYS F 211 24.65 3.30 -65.00
N LEU F 212 23.73 2.36 -65.26
CA LEU F 212 24.12 0.96 -65.50
C LEU F 212 23.20 0.29 -66.53
N GLY G 4 -6.50 2.38 43.97
CA GLY G 4 -7.57 1.66 44.72
C GLY G 4 -8.97 1.86 44.14
N LEU G 5 -9.38 3.13 44.03
CA LEU G 5 -10.75 3.55 43.63
C LEU G 5 -11.68 3.60 44.83
N GLU G 6 -11.92 2.43 45.42
CA GLU G 6 -12.64 2.34 46.67
C GLU G 6 -11.90 3.17 47.71
N ALA G 7 -10.58 2.92 47.82
CA ALA G 7 -9.70 3.64 48.76
C ALA G 7 -9.65 5.16 48.51
N ILE G 8 -9.62 5.56 47.24
CA ILE G 8 -9.48 6.97 46.87
C ILE G 8 -10.78 7.71 47.19
N ILE G 9 -11.89 7.16 46.71
CA ILE G 9 -13.21 7.73 46.96
C ILE G 9 -13.42 7.87 48.46
N ARG G 10 -13.17 6.78 49.17
CA ARG G 10 -13.34 6.76 50.61
C ARG G 10 -12.44 7.81 51.26
N LYS G 11 -11.13 7.70 51.07
CA LYS G 11 -10.19 8.67 51.65
C LYS G 11 -10.61 10.10 51.33
N ALA G 12 -10.98 10.33 50.08
CA ALA G 12 -11.26 11.70 49.63
C ALA G 12 -12.58 12.26 50.19
N LEU G 13 -13.58 11.41 50.42
CA LEU G 13 -14.81 11.86 51.09
C LEU G 13 -14.57 12.10 52.57
N MET G 14 -13.91 11.14 53.22
CA MET G 14 -13.61 11.19 54.66
C MET G 14 -13.18 12.59 55.14
N GLY G 15 -12.02 13.03 54.66
CA GLY G 15 -11.36 14.26 55.15
C GLY G 15 -10.95 15.15 53.99
N GLY H 4 -16.20 -27.24 6.58
CA GLY H 4 -15.20 -28.24 7.05
C GLY H 4 -13.89 -28.05 6.31
N LEU H 5 -12.89 -27.51 7.00
CA LEU H 5 -11.57 -27.29 6.38
C LEU H 5 -10.99 -28.60 5.89
N GLU H 6 -10.90 -29.59 6.78
N GLU H 6 -10.95 -29.58 6.78
CA GLU H 6 -10.39 -30.91 6.42
CA GLU H 6 -10.42 -30.90 6.47
C GLU H 6 -11.20 -31.44 5.24
C GLU H 6 -11.19 -31.49 5.30
N ALA H 7 -12.52 -31.43 5.39
CA ALA H 7 -13.43 -31.87 4.34
C ALA H 7 -12.98 -31.38 2.97
N ILE H 8 -12.87 -30.06 2.84
CA ILE H 8 -12.58 -29.41 1.57
C ILE H 8 -11.32 -29.99 0.95
N ILE H 9 -10.27 -29.99 1.74
CA ILE H 9 -8.96 -30.46 1.31
C ILE H 9 -9.04 -31.89 0.77
N ARG H 10 -9.74 -32.75 1.52
CA ARG H 10 -9.94 -34.14 1.13
C ARG H 10 -10.68 -34.18 -0.20
N LYS H 11 -11.81 -33.49 -0.24
CA LYS H 11 -12.65 -33.42 -1.43
C LYS H 11 -11.79 -33.11 -2.67
N ALA H 12 -10.86 -32.16 -2.52
CA ALA H 12 -10.00 -31.73 -3.63
C ALA H 12 -9.04 -32.83 -4.08
N LEU H 13 -8.16 -33.28 -3.18
CA LEU H 13 -7.20 -34.34 -3.50
C LEU H 13 -7.87 -35.62 -4.02
N MET H 14 -9.18 -35.73 -3.87
CA MET H 14 -9.95 -36.78 -4.55
C MET H 14 -10.19 -36.42 -6.03
N GLY H 15 -10.65 -35.18 -6.28
CA GLY H 15 -10.94 -34.71 -7.64
C GLY H 15 -9.81 -33.85 -8.21
N GLY I 4 12.18 -10.02 -37.19
CA GLY I 4 13.18 -8.93 -37.21
C GLY I 4 12.64 -7.66 -36.58
N LEU I 5 13.04 -6.51 -37.12
CA LEU I 5 12.62 -5.18 -36.60
C LEU I 5 11.11 -5.08 -36.44
N GLU I 6 10.41 -5.31 -37.55
CA GLU I 6 8.96 -5.26 -37.60
C GLU I 6 8.34 -5.99 -36.41
N ALA I 7 8.81 -7.22 -36.18
CA ALA I 7 8.26 -8.08 -35.13
C ALA I 7 8.56 -7.55 -33.73
N ILE I 8 9.82 -7.19 -33.47
CA ILE I 8 10.21 -6.73 -32.13
C ILE I 8 9.35 -5.56 -31.70
N ILE I 9 9.08 -4.67 -32.63
CA ILE I 9 8.26 -3.50 -32.34
C ILE I 9 6.81 -3.90 -32.04
N ARG I 10 6.18 -4.62 -32.98
CA ARG I 10 4.83 -5.12 -32.77
C ARG I 10 4.72 -5.72 -31.39
N LYS I 11 5.64 -6.61 -31.08
CA LYS I 11 5.61 -7.40 -29.86
C LYS I 11 5.56 -6.53 -28.61
N ALA I 12 6.43 -5.50 -28.57
CA ALA I 12 6.63 -4.71 -27.36
C ALA I 12 5.49 -3.73 -27.07
N LEU I 13 4.89 -3.18 -28.12
CA LEU I 13 3.81 -2.18 -27.97
C LEU I 13 2.52 -2.77 -27.37
N MET I 14 2.35 -4.09 -27.48
CA MET I 14 1.27 -4.77 -26.75
C MET I 14 1.58 -4.87 -25.26
N GLY I 15 2.86 -5.09 -24.91
CA GLY I 15 3.30 -5.16 -23.51
C GLY I 15 3.80 -3.83 -22.98
C10 OHT J . -9.15 5.99 27.97
C9 OHT J . -8.23 6.82 28.84
C8 OHT J . -8.08 6.20 30.18
C11 OHT J . -7.88 4.74 30.14
C16 OHT J . -6.72 4.18 29.64
C15 OHT J . -6.59 2.80 29.63
C14 OHT J . -7.60 1.98 30.09
C13 OHT J . -8.76 2.54 30.56
C12 OHT J . -8.89 3.91 30.58
C7 OHT J . -8.09 6.85 31.36
C1 OHT J . -8.31 8.28 31.53
C2 OHT J . -7.40 9.00 32.27
C3 OHT J . -7.58 10.34 32.47
C4 OHT J . -8.67 10.97 31.90
O4 OHT J . -8.85 12.32 32.09
C5 OHT J . -9.58 10.26 31.15
C6 OHT J . -9.40 8.91 30.97
C17 OHT J . -7.93 6.08 32.56
C18 OHT J . -8.94 6.05 33.49
C19 OHT J . -8.80 5.31 34.64
C20 OHT J . -7.61 4.63 34.84
O20 OHT J . -7.36 3.85 35.96
C23 OHT J . -7.84 4.44 37.15
C24 OHT J . -7.41 3.47 38.22
N24 OHT J . -7.16 4.24 39.43
C25 OHT J . -6.63 3.35 40.49
C26 OHT J . -8.40 4.94 39.84
C21 OHT J . -6.61 4.67 33.92
C22 OHT J . -6.75 5.40 32.77
C10 OHT K . -7.26 -11.80 6.50
C9 OHT K . -8.36 -11.98 5.49
C8 OHT K . -9.06 -13.29 5.67
C11 OHT K . -9.70 -13.43 6.97
C16 OHT K . -10.75 -12.62 7.35
C15 OHT K . -11.30 -12.80 8.61
C14 OHT K . -10.81 -13.76 9.48
C13 OHT K . -9.75 -14.54 9.08
C12 OHT K . -9.21 -14.37 7.84
C7 OHT K . -9.15 -14.29 4.76
C1 OHT K . -8.46 -14.23 3.49
C2 OHT K . -9.12 -14.50 2.31
C3 OHT K . -8.44 -14.46 1.11
C4 OHT K . -7.09 -14.16 1.12
O4 OHT K . -6.39 -14.12 -0.06
C5 OHT K . -6.42 -13.91 2.28
C6 OHT K . -7.11 -13.95 3.47
C17 OHT K . -9.86 -15.52 5.08
C18 OHT K . -9.16 -16.70 4.95
C19 OHT K . -9.76 -17.89 5.23
C20 OHT K . -11.08 -17.92 5.63
O20 OHT K . -11.63 -19.17 5.90
C23 OHT K . -12.63 -19.50 4.94
C24 OHT K . -13.58 -20.46 5.65
N24 OHT K . -13.59 -21.81 5.03
C25 OHT K . -14.40 -22.73 5.88
C26 OHT K . -12.23 -22.33 4.83
C21 OHT K . -11.79 -16.75 5.76
C22 OHT K . -11.17 -15.55 5.47
C10 OHT L . 26.97 0.46 -36.12
C9 OHT L . 26.81 -0.58 -35.03
C8 OHT L . 25.65 -1.47 -35.27
C11 OHT L . 25.74 -2.12 -36.58
C16 OHT L . 26.61 -3.17 -36.79
C15 OHT L . 26.67 -3.77 -38.02
C14 OHT L . 25.88 -3.34 -39.06
C13 OHT L . 25.02 -2.29 -38.85
C12 OHT L . 24.95 -1.68 -37.62
C7 OHT L . 24.61 -1.73 -34.45
C1 OHT L . 24.42 -1.11 -33.14
C2 OHT L . 24.15 -1.91 -32.05
C3 OHT L . 23.95 -1.34 -30.81
C4 OHT L . 24.02 0.03 -30.68
O4 OHT L . 23.82 0.63 -29.45
C5 OHT L . 24.28 0.83 -31.77
C6 OHT L . 24.48 0.26 -33.00
C17 OHT L . 23.56 -2.65 -34.87
C18 OHT L . 22.27 -2.20 -35.01
C19 OHT L . 21.28 -3.07 -35.41
C20 OHT L . 21.60 -4.39 -35.64
O20 OHT L . 20.71 -5.36 -36.04
C23 OHT L . 19.36 -5.15 -35.64
C24 OHT L . 18.58 -6.23 -36.35
N24 OHT L . 17.35 -6.55 -35.62
C25 OHT L . 16.63 -7.65 -36.32
C26 OHT L . 16.51 -5.33 -35.50
C21 OHT L . 22.90 -4.84 -35.50
C22 OHT L . 23.88 -3.97 -35.10
C10 OHT M . -31.86 -12.13 29.47
C9 OHT M . -32.90 -12.79 28.60
C8 OHT M . -32.29 -13.15 27.29
C11 OHT M . -30.95 -13.72 27.45
C16 OHT M . -30.77 -14.94 28.06
C15 OHT M . -29.50 -15.46 28.21
C14 OHT M . -28.41 -14.76 27.75
C13 OHT M . -28.60 -13.54 27.14
C12 OHT M . -29.86 -13.02 26.99
C7 OHT M . -32.84 -13.01 26.07
C1 OHT M . -34.16 -12.42 25.89
C2 OHT M . -35.12 -13.13 25.19
C3 OHT M . -36.36 -12.61 24.96
C4 OHT M . -36.64 -11.35 25.45
O4 OHT M . -37.90 -10.81 25.22
C5 OHT M . -35.71 -10.62 26.13
C6 OHT M . -34.47 -11.16 26.35
C17 OHT M . -32.10 -13.42 24.87
C18 OHT M . -31.88 -12.50 23.87
C19 OHT M . -31.19 -12.87 22.73
C20 OHT M . -30.73 -14.15 22.59
O20 OHT M . -30.01 -14.58 21.48
C23 OHT M . -30.69 -14.34 20.25
C24 OHT M . -29.63 -14.39 19.16
N24 OHT M . -29.86 -15.53 18.25
C25 OHT M . -29.93 -16.83 18.96
C26 OHT M . -28.78 -15.59 17.23
C21 OHT M . -30.95 -15.07 23.58
C22 OHT M . -31.64 -14.70 24.72
C10 OHT N . 6.74 -23.67 29.21
C9 OHT N . 6.90 -23.55 30.70
C8 OHT N . 6.57 -22.17 31.17
C11 OHT N . 5.15 -21.87 31.26
C16 OHT N . 4.28 -22.65 32.01
C15 OHT N . 2.94 -22.32 32.07
C14 OHT N . 2.47 -21.22 31.38
C13 OHT N . 3.34 -20.46 30.63
C12 OHT N . 4.67 -20.79 30.57
C7 OHT N . 7.46 -21.21 31.51
C1 OHT N . 8.90 -21.38 31.39
C2 OHT N . 9.73 -21.31 32.50
C3 OHT N . 11.09 -21.44 32.35
C4 OHT N . 11.61 -21.63 31.09
O4 OHT N . 12.99 -21.77 30.92
C5 OHT N . 10.80 -21.70 29.99
C6 OHT N . 9.44 -21.56 30.14
C17 OHT N . 6.98 -19.89 31.96
C18 OHT N . 7.52 -18.77 31.37
C19 OHT N . 7.11 -17.53 31.75
C20 OHT N . 6.15 -17.40 32.74
O20 OHT N . 5.72 -16.17 33.15
C23 OHT N . 6.81 -15.50 33.75
C24 OHT N . 6.47 -14.03 33.70
N24 OHT N . 6.03 -13.55 35.03
C25 OHT N . 5.05 -14.47 35.67
C26 OHT N . 5.46 -12.19 34.88
C21 OHT N . 5.62 -18.51 33.34
C22 OHT N . 6.03 -19.76 32.95
C10 OHT O . 15.28 13.92 -58.59
C9 OHT O . 15.48 14.69 -59.86
C8 OHT O . 16.88 14.58 -60.30
C11 OHT O . 17.30 13.20 -60.45
C16 OHT O . 16.80 12.41 -61.46
C15 OHT O . 17.22 11.11 -61.56
C14 OHT O . 18.12 10.59 -60.66
C13 OHT O . 18.61 11.38 -59.64
C12 OHT O . 18.20 12.69 -59.54
C7 OHT O . 17.74 15.58 -60.56
C1 OHT O . 17.39 16.98 -60.40
C2 OHT O . 17.46 17.84 -61.47
C3 OHT O . 17.15 19.16 -61.30
C4 OHT O . 16.75 19.62 -60.06
O4 OHT O . 16.43 20.95 -59.86
C5 OHT O . 16.69 18.77 -58.99
C6 OHT O . 17.01 17.44 -59.16
C17 OHT O . 19.10 15.28 -61.00
C18 OHT O . 20.16 15.77 -60.26
C19 OHT O . 21.45 15.51 -60.65
C20 OHT O . 21.68 14.79 -61.79
O20 OHT O . 22.96 14.50 -62.23
C23 OHT O . 23.61 15.74 -62.51
C24 OHT O . 25.06 15.59 -62.07
N24 OHT O . 25.93 15.55 -63.27
C25 OHT O . 25.45 14.53 -64.25
C26 OHT O . 27.33 15.27 -62.88
C21 OHT O . 20.63 14.30 -62.54
C22 OHT O . 19.34 14.56 -62.15
#